data_6QYP
# 
_entry.id   6QYP 
# 
_audit_conform.dict_name       mmcif_pdbx.dic 
_audit_conform.dict_version    5.383 
_audit_conform.dict_location   http://mmcif.pdb.org/dictionaries/ascii/mmcif_pdbx.dic 
# 
loop_
_database_2.database_id 
_database_2.database_code 
_database_2.pdbx_database_accession 
_database_2.pdbx_DOI 
PDB   6QYP         pdb_00006qyp 10.2210/pdb6qyp/pdb 
WWPDB D_1292101132 ?            ?                   
# 
loop_
_pdbx_audit_revision_history.ordinal 
_pdbx_audit_revision_history.data_content_type 
_pdbx_audit_revision_history.major_revision 
_pdbx_audit_revision_history.minor_revision 
_pdbx_audit_revision_history.revision_date 
1 'Structure model' 1 0 2019-08-07 
2 'Structure model' 1 1 2019-08-21 
3 'Structure model' 1 2 2019-09-18 
4 'Structure model' 1 3 2024-01-24 
# 
_pdbx_audit_revision_details.ordinal             1 
_pdbx_audit_revision_details.revision_ordinal    1 
_pdbx_audit_revision_details.data_content_type   'Structure model' 
_pdbx_audit_revision_details.provider            repository 
_pdbx_audit_revision_details.type                'Initial release' 
_pdbx_audit_revision_details.description         ? 
_pdbx_audit_revision_details.details             ? 
# 
loop_
_pdbx_audit_revision_group.ordinal 
_pdbx_audit_revision_group.revision_ordinal 
_pdbx_audit_revision_group.data_content_type 
_pdbx_audit_revision_group.group 
1 2 'Structure model' 'Data collection'        
2 2 'Structure model' 'Database references'    
3 3 'Structure model' 'Data collection'        
4 3 'Structure model' 'Refinement description' 
5 4 'Structure model' 'Data collection'        
6 4 'Structure model' 'Database references'    
7 4 'Structure model' 'Refinement description' 
# 
loop_
_pdbx_audit_revision_category.ordinal 
_pdbx_audit_revision_category.revision_ordinal 
_pdbx_audit_revision_category.data_content_type 
_pdbx_audit_revision_category.category 
1 2 'Structure model' citation                      
2 2 'Structure model' citation_author               
3 3 'Structure model' software                      
4 4 'Structure model' chem_comp_atom                
5 4 'Structure model' chem_comp_bond                
6 4 'Structure model' database_2                    
7 4 'Structure model' pdbx_initial_refinement_model 
# 
loop_
_pdbx_audit_revision_item.ordinal 
_pdbx_audit_revision_item.revision_ordinal 
_pdbx_audit_revision_item.data_content_type 
_pdbx_audit_revision_item.item 
1 2 'Structure model' '_citation.journal_volume'            
2 2 'Structure model' '_citation.page_first'                
3 2 'Structure model' '_citation.page_last'                 
4 2 'Structure model' '_citation_author.identifier_ORCID'   
5 3 'Structure model' '_software.version'                   
6 4 'Structure model' '_database_2.pdbx_DOI'                
7 4 'Structure model' '_database_2.pdbx_database_accession' 
# 
_pdbx_database_status.status_code                     REL 
_pdbx_database_status.status_code_sf                  REL 
_pdbx_database_status.status_code_mr                  ? 
_pdbx_database_status.entry_id                        6QYP 
_pdbx_database_status.recvd_initial_deposition_date   2019-03-09 
_pdbx_database_status.SG_entry                        N 
_pdbx_database_status.deposit_site                    PDBE 
_pdbx_database_status.process_site                    PDBE 
_pdbx_database_status.status_code_cs                  ? 
_pdbx_database_status.methods_development_category    ? 
_pdbx_database_status.pdb_format_compatible           Y 
_pdbx_database_status.status_code_nmr_data            ? 
# 
loop_
_pdbx_database_related.db_name 
_pdbx_database_related.details 
_pdbx_database_related.db_id 
_pdbx_database_related.content_type 
PDB . 6QXJ unspecified 
PDB . 6qyk unspecified 
PDB . 6qyl unspecified 
PDB . 6qyn unspecified 
PDB . 6qyo unspecified 
# 
loop_
_audit_author.name 
_audit_author.pdbx_ordinal 
_audit_author.identifier_ORCID 
'Dokurno, P.'            1  0000-0002-7332-8889 
'Szlavik, Z.'            2  0000-0002-9385-806X 
'Ondi, L.'               3  ?                   
'Csekei, M.'             4  0000-0002-5781-1096 
'Paczal, A.'             5  ?                   
'Szabo, Z.B.'            6  0000-0001-7557-0305 
'Radics, G.'             7  0000-0003-4954-3025 
'Murray, J.'             8  0000-0003-1007-8218 
'Davidson, J.'           9  0000-0002-8301-1607 
'Chen, I.'               10 ?                   
'Davis, B.'              11 0000-0001-6759-7575 
'Hubbard, R.E.'          12 0000-0002-8233-7461 
'Pedder, C.'             13 ?                   
'Surgenor, A.E.'         14 ?                   
'Smith, J.'              15 ?                   
'Robertson, A.'          16 ?                   
'LeToumelin-Braizat, G.' 17 ?                   
'Cauquil, N.'            18 ?                   
'Zarka, M.'              19 ?                   
'Demarles, D.'           20 ?                   
'Perron-Sierra, F.'      21 ?                   
'Geneste, O.'            22 ?                   
'Kotschy, A.'            23 0000-0002-7675-3864 
# 
_citation.abstract                  ? 
_citation.abstract_id_CAS           ? 
_citation.book_id_ISBN              ? 
_citation.book_publisher            ? 
_citation.book_publisher_city       ? 
_citation.book_title                ? 
_citation.coordinate_linkage        ? 
_citation.country                   US 
_citation.database_id_Medline       ? 
_citation.details                   ? 
_citation.id                        primary 
_citation.journal_abbrev            J.Med.Chem. 
_citation.journal_id_ASTM           JMCMAR 
_citation.journal_id_CSD            0151 
_citation.journal_id_ISSN           0022-2623 
_citation.journal_full              ? 
_citation.journal_issue             ? 
_citation.journal_volume            62 
_citation.language                  ? 
_citation.page_first                6913 
_citation.page_last                 6924 
_citation.title                     'Structure-Guided Discovery of a Selective Mcl-1 Inhibitor with Cellular Activity.' 
_citation.year                      2019 
_citation.database_id_CSD           ? 
_citation.pdbx_database_id_DOI      10.1021/acs.jmedchem.9b00134 
_citation.pdbx_database_id_PubMed   31339316 
_citation.unpublished_flag          ? 
# 
loop_
_citation_author.citation_id 
_citation_author.name 
_citation_author.ordinal 
_citation_author.identifier_ORCID 
primary 'Szlavik, Z.'            1  ? 
primary 'Ondi, L.'               2  ? 
primary 'Csekei, M.'             3  ? 
primary 'Paczal, A.'             4  ? 
primary 'Szabo, Z.B.'            5  ? 
primary 'Radics, G.'             6  ? 
primary 'Murray, J.'             7  ? 
primary 'Davidson, J.'           8  ? 
primary 'Chen, I.'               9  ? 
primary 'Davis, B.'              10 ? 
primary 'Hubbard, R.E.'          11 ? 
primary 'Pedder, C.'             12 ? 
primary 'Dokurno, P.'            13 ? 
primary 'Surgenor, A.'           14 ? 
primary 'Smith, J.'              15 ? 
primary 'Robertson, A.'          16 ? 
primary 'LeToumelin-Braizat, G.' 17 ? 
primary 'Cauquil, N.'            18 ? 
primary 'Zarka, M.'              19 ? 
primary 'Demarles, D.'           20 ? 
primary 'Perron-Sierra, F.'      21 ? 
primary 'Claperon, A.'           22 ? 
primary 'Colland, F.'            23 ? 
primary 'Geneste, O.'            24 ? 
primary 'Kotschy, A.'            25 ? 
# 
loop_
_entity.id 
_entity.type 
_entity.src_method 
_entity.pdbx_description 
_entity.formula_weight 
_entity.pdbx_number_of_molecules 
_entity.pdbx_ec 
_entity.pdbx_mutation 
_entity.pdbx_fragment 
_entity.details 
1 polymer     man 'Induced myeloid leukemia cell differentiation protein Mcl-1' 19493.154 1  ? ? ? ? 
2 non-polymer syn 
;(2~{R})-2-[5-[3-chloranyl-2-methyl-5-(4-methylpiperazin-1-yl)-4-oxidanyl-phenyl]-6-ethyl-thieno[2,3-d]pyrimidin-4-yl]oxy-3-phenyl-propanoic acid
;
567.099   1  ? ? ? ? 
3 water       nat water 18.015    28 ? ? ? ? 
# 
_entity_name_com.entity_id   1 
_entity_name_com.name        'Bcl-2-like protein 3,Bcl2-L-3,Bcl-2-related protein EAT/mcl1,mcl1/EAT' 
# 
_entity_poly.entity_id                      1 
_entity_poly.type                           'polypeptide(L)' 
_entity_poly.nstd_linkage                   no 
_entity_poly.nstd_monomer                   no 
_entity_poly.pdbx_seq_one_letter_code       
;MHHHHHHLVPRGSEDELYRQSLEIISRYLREQATGAKDTKPMGRSGATSRKALETLRRVGDGVQRNHETAFQGMLRKLDI
KNEDDVKSLSRVMIHVFSDGVTNWGRIVTLISFGAFVAKHLKTINQESCIEPLAESITDVLVRTKRDWLVKQRGWDGFVE
FFHVEDLEGG
;
_entity_poly.pdbx_seq_one_letter_code_can   
;MHHHHHHLVPRGSEDELYRQSLEIISRYLREQATGAKDTKPMGRSGATSRKALETLRRVGDGVQRNHETAFQGMLRKLDI
KNEDDVKSLSRVMIHVFSDGVTNWGRIVTLISFGAFVAKHLKTINQESCIEPLAESITDVLVRTKRDWLVKQRGWDGFVE
FFHVEDLEGG
;
_entity_poly.pdbx_strand_id                 A 
_entity_poly.pdbx_target_identifier         ? 
# 
loop_
_pdbx_entity_nonpoly.entity_id 
_pdbx_entity_nonpoly.name 
_pdbx_entity_nonpoly.comp_id 
2 
;(2~{R})-2-[5-[3-chloranyl-2-methyl-5-(4-methylpiperazin-1-yl)-4-oxidanyl-phenyl]-6-ethyl-thieno[2,3-d]pyrimidin-4-yl]oxy-3-phenyl-propanoic acid
;
JL5 
3 water HOH 
# 
loop_
_entity_poly_seq.entity_id 
_entity_poly_seq.num 
_entity_poly_seq.mon_id 
_entity_poly_seq.hetero 
1 1   MET n 
1 2   HIS n 
1 3   HIS n 
1 4   HIS n 
1 5   HIS n 
1 6   HIS n 
1 7   HIS n 
1 8   LEU n 
1 9   VAL n 
1 10  PRO n 
1 11  ARG n 
1 12  GLY n 
1 13  SER n 
1 14  GLU n 
1 15  ASP n 
1 16  GLU n 
1 17  LEU n 
1 18  TYR n 
1 19  ARG n 
1 20  GLN n 
1 21  SER n 
1 22  LEU n 
1 23  GLU n 
1 24  ILE n 
1 25  ILE n 
1 26  SER n 
1 27  ARG n 
1 28  TYR n 
1 29  LEU n 
1 30  ARG n 
1 31  GLU n 
1 32  GLN n 
1 33  ALA n 
1 34  THR n 
1 35  GLY n 
1 36  ALA n 
1 37  LYS n 
1 38  ASP n 
1 39  THR n 
1 40  LYS n 
1 41  PRO n 
1 42  MET n 
1 43  GLY n 
1 44  ARG n 
1 45  SER n 
1 46  GLY n 
1 47  ALA n 
1 48  THR n 
1 49  SER n 
1 50  ARG n 
1 51  LYS n 
1 52  ALA n 
1 53  LEU n 
1 54  GLU n 
1 55  THR n 
1 56  LEU n 
1 57  ARG n 
1 58  ARG n 
1 59  VAL n 
1 60  GLY n 
1 61  ASP n 
1 62  GLY n 
1 63  VAL n 
1 64  GLN n 
1 65  ARG n 
1 66  ASN n 
1 67  HIS n 
1 68  GLU n 
1 69  THR n 
1 70  ALA n 
1 71  PHE n 
1 72  GLN n 
1 73  GLY n 
1 74  MET n 
1 75  LEU n 
1 76  ARG n 
1 77  LYS n 
1 78  LEU n 
1 79  ASP n 
1 80  ILE n 
1 81  LYS n 
1 82  ASN n 
1 83  GLU n 
1 84  ASP n 
1 85  ASP n 
1 86  VAL n 
1 87  LYS n 
1 88  SER n 
1 89  LEU n 
1 90  SER n 
1 91  ARG n 
1 92  VAL n 
1 93  MET n 
1 94  ILE n 
1 95  HIS n 
1 96  VAL n 
1 97  PHE n 
1 98  SER n 
1 99  ASP n 
1 100 GLY n 
1 101 VAL n 
1 102 THR n 
1 103 ASN n 
1 104 TRP n 
1 105 GLY n 
1 106 ARG n 
1 107 ILE n 
1 108 VAL n 
1 109 THR n 
1 110 LEU n 
1 111 ILE n 
1 112 SER n 
1 113 PHE n 
1 114 GLY n 
1 115 ALA n 
1 116 PHE n 
1 117 VAL n 
1 118 ALA n 
1 119 LYS n 
1 120 HIS n 
1 121 LEU n 
1 122 LYS n 
1 123 THR n 
1 124 ILE n 
1 125 ASN n 
1 126 GLN n 
1 127 GLU n 
1 128 SER n 
1 129 CYS n 
1 130 ILE n 
1 131 GLU n 
1 132 PRO n 
1 133 LEU n 
1 134 ALA n 
1 135 GLU n 
1 136 SER n 
1 137 ILE n 
1 138 THR n 
1 139 ASP n 
1 140 VAL n 
1 141 LEU n 
1 142 VAL n 
1 143 ARG n 
1 144 THR n 
1 145 LYS n 
1 146 ARG n 
1 147 ASP n 
1 148 TRP n 
1 149 LEU n 
1 150 VAL n 
1 151 LYS n 
1 152 GLN n 
1 153 ARG n 
1 154 GLY n 
1 155 TRP n 
1 156 ASP n 
1 157 GLY n 
1 158 PHE n 
1 159 VAL n 
1 160 GLU n 
1 161 PHE n 
1 162 PHE n 
1 163 HIS n 
1 164 VAL n 
1 165 GLU n 
1 166 ASP n 
1 167 LEU n 
1 168 GLU n 
1 169 GLY n 
1 170 GLY n 
# 
_entity_src_gen.entity_id                          1 
_entity_src_gen.pdbx_src_id                        1 
_entity_src_gen.pdbx_alt_source_flag               sample 
_entity_src_gen.pdbx_seq_type                      'Biological sequence' 
_entity_src_gen.pdbx_beg_seq_num                   1 
_entity_src_gen.pdbx_end_seq_num                   170 
_entity_src_gen.gene_src_common_name               Human 
_entity_src_gen.gene_src_genus                     ? 
_entity_src_gen.pdbx_gene_src_gene                 'MCL1, BCL2L3' 
_entity_src_gen.gene_src_species                   ? 
_entity_src_gen.gene_src_strain                    ? 
_entity_src_gen.gene_src_tissue                    ? 
_entity_src_gen.gene_src_tissue_fraction           ? 
_entity_src_gen.gene_src_details                   ? 
_entity_src_gen.pdbx_gene_src_fragment             ? 
_entity_src_gen.pdbx_gene_src_scientific_name      'Homo sapiens' 
_entity_src_gen.pdbx_gene_src_ncbi_taxonomy_id     9606 
_entity_src_gen.pdbx_gene_src_variant              ? 
_entity_src_gen.pdbx_gene_src_cell_line            ? 
_entity_src_gen.pdbx_gene_src_atcc                 ? 
_entity_src_gen.pdbx_gene_src_organ                ? 
_entity_src_gen.pdbx_gene_src_organelle            ? 
_entity_src_gen.pdbx_gene_src_cell                 ? 
_entity_src_gen.pdbx_gene_src_cellular_location    ? 
_entity_src_gen.host_org_common_name               ? 
_entity_src_gen.pdbx_host_org_scientific_name      'Escherichia coli BL21(DE3)' 
_entity_src_gen.pdbx_host_org_ncbi_taxonomy_id     469008 
_entity_src_gen.host_org_genus                     ? 
_entity_src_gen.pdbx_host_org_gene                 ? 
_entity_src_gen.pdbx_host_org_organ                ? 
_entity_src_gen.host_org_species                   ? 
_entity_src_gen.pdbx_host_org_tissue               ? 
_entity_src_gen.pdbx_host_org_tissue_fraction      ? 
_entity_src_gen.pdbx_host_org_strain               ? 
_entity_src_gen.pdbx_host_org_variant              pLysS 
_entity_src_gen.pdbx_host_org_cell_line            ? 
_entity_src_gen.pdbx_host_org_atcc                 ? 
_entity_src_gen.pdbx_host_org_culture_collection   ? 
_entity_src_gen.pdbx_host_org_cell                 ? 
_entity_src_gen.pdbx_host_org_organelle            ? 
_entity_src_gen.pdbx_host_org_cellular_location    ? 
_entity_src_gen.pdbx_host_org_vector_type          ? 
_entity_src_gen.pdbx_host_org_vector               ? 
_entity_src_gen.host_org_details                   ? 
_entity_src_gen.expression_system_id               ? 
_entity_src_gen.plasmid_name                       ? 
_entity_src_gen.plasmid_details                    ? 
_entity_src_gen.pdbx_description                   ? 
# 
loop_
_chem_comp.id 
_chem_comp.type 
_chem_comp.mon_nstd_flag 
_chem_comp.name 
_chem_comp.pdbx_synonyms 
_chem_comp.formula 
_chem_comp.formula_weight 
ALA 'L-peptide linking' y ALANINE ? 'C3 H7 N O2'         89.093  
ARG 'L-peptide linking' y ARGININE ? 'C6 H15 N4 O2 1'     175.209 
ASN 'L-peptide linking' y ASPARAGINE ? 'C4 H8 N2 O3'        132.118 
ASP 'L-peptide linking' y 'ASPARTIC ACID' ? 'C4 H7 N O4'         133.103 
CYS 'L-peptide linking' y CYSTEINE ? 'C3 H7 N O2 S'       121.158 
GLN 'L-peptide linking' y GLUTAMINE ? 'C5 H10 N2 O3'       146.144 
GLU 'L-peptide linking' y 'GLUTAMIC ACID' ? 'C5 H9 N O4'         147.129 
GLY 'peptide linking'   y GLYCINE ? 'C2 H5 N O2'         75.067  
HIS 'L-peptide linking' y HISTIDINE ? 'C6 H10 N3 O2 1'     156.162 
HOH non-polymer         . WATER ? 'H2 O'               18.015  
ILE 'L-peptide linking' y ISOLEUCINE ? 'C6 H13 N O2'        131.173 
JL5 non-polymer         . 
;(2~{R})-2-[5-[3-chloranyl-2-methyl-5-(4-methylpiperazin-1-yl)-4-oxidanyl-phenyl]-6-ethyl-thieno[2,3-d]pyrimidin-4-yl]oxy-3-phenyl-propanoic acid
;
? 'C29 H31 Cl N4 O4 S' 567.099 
LEU 'L-peptide linking' y LEUCINE ? 'C6 H13 N O2'        131.173 
LYS 'L-peptide linking' y LYSINE ? 'C6 H15 N2 O2 1'     147.195 
MET 'L-peptide linking' y METHIONINE ? 'C5 H11 N O2 S'      149.211 
PHE 'L-peptide linking' y PHENYLALANINE ? 'C9 H11 N O2'        165.189 
PRO 'L-peptide linking' y PROLINE ? 'C5 H9 N O2'         115.130 
SER 'L-peptide linking' y SERINE ? 'C3 H7 N O3'         105.093 
THR 'L-peptide linking' y THREONINE ? 'C4 H9 N O3'         119.119 
TRP 'L-peptide linking' y TRYPTOPHAN ? 'C11 H12 N2 O2'      204.225 
TYR 'L-peptide linking' y TYROSINE ? 'C9 H11 N O3'        181.189 
VAL 'L-peptide linking' y VALINE ? 'C5 H11 N O2'        117.146 
# 
loop_
_pdbx_poly_seq_scheme.asym_id 
_pdbx_poly_seq_scheme.entity_id 
_pdbx_poly_seq_scheme.seq_id 
_pdbx_poly_seq_scheme.mon_id 
_pdbx_poly_seq_scheme.ndb_seq_num 
_pdbx_poly_seq_scheme.pdb_seq_num 
_pdbx_poly_seq_scheme.auth_seq_num 
_pdbx_poly_seq_scheme.pdb_mon_id 
_pdbx_poly_seq_scheme.auth_mon_id 
_pdbx_poly_seq_scheme.pdb_strand_id 
_pdbx_poly_seq_scheme.pdb_ins_code 
_pdbx_poly_seq_scheme.hetero 
A 1 1   MET 1   158 ?   ?   ?   A . n 
A 1 2   HIS 2   159 ?   ?   ?   A . n 
A 1 3   HIS 3   160 ?   ?   ?   A . n 
A 1 4   HIS 4   161 ?   ?   ?   A . n 
A 1 5   HIS 5   162 ?   ?   ?   A . n 
A 1 6   HIS 6   163 ?   ?   ?   A . n 
A 1 7   HIS 7   164 ?   ?   ?   A . n 
A 1 8   LEU 8   165 ?   ?   ?   A . n 
A 1 9   VAL 9   166 ?   ?   ?   A . n 
A 1 10  PRO 10  167 ?   ?   ?   A . n 
A 1 11  ARG 11  168 ?   ?   ?   A . n 
A 1 12  GLY 12  169 ?   ?   ?   A . n 
A 1 13  SER 13  170 170 SER SER A . n 
A 1 14  GLU 14  171 171 GLU GLU A . n 
A 1 15  ASP 15  172 172 ASP ASP A . n 
A 1 16  GLU 16  173 173 GLU GLU A . n 
A 1 17  LEU 17  174 174 LEU LEU A . n 
A 1 18  TYR 18  175 175 TYR TYR A . n 
A 1 19  ARG 19  176 176 ARG ARG A . n 
A 1 20  GLN 20  177 177 GLN GLN A . n 
A 1 21  SER 21  178 178 SER SER A . n 
A 1 22  LEU 22  179 179 LEU LEU A . n 
A 1 23  GLU 23  180 180 GLU GLU A . n 
A 1 24  ILE 24  181 181 ILE ILE A . n 
A 1 25  ILE 25  182 182 ILE ILE A . n 
A 1 26  SER 26  183 183 SER SER A . n 
A 1 27  ARG 27  184 184 ARG ARG A . n 
A 1 28  TYR 28  185 185 TYR TYR A . n 
A 1 29  LEU 29  186 186 LEU LEU A . n 
A 1 30  ARG 30  187 187 ARG ARG A . n 
A 1 31  GLU 31  188 188 GLU GLU A . n 
A 1 32  GLN 32  189 189 GLN GLN A . n 
A 1 33  ALA 33  190 190 ALA ALA A . n 
A 1 34  THR 34  191 191 THR THR A . n 
A 1 35  GLY 35  192 192 GLY GLY A . n 
A 1 36  ALA 36  193 193 ALA ALA A . n 
A 1 37  LYS 37  194 194 LYS LYS A . n 
A 1 38  ASP 38  195 195 ASP ASP A . n 
A 1 39  THR 39  196 196 THR THR A . n 
A 1 40  LYS 40  197 197 LYS LYS A . n 
A 1 41  PRO 41  198 198 PRO PRO A . n 
A 1 42  MET 42  199 199 MET MET A . n 
A 1 43  GLY 43  200 200 GLY GLY A . n 
A 1 44  ARG 44  201 201 ARG ARG A . n 
A 1 45  SER 45  202 202 SER SER A . n 
A 1 46  GLY 46  203 203 GLY GLY A . n 
A 1 47  ALA 47  204 204 ALA ALA A . n 
A 1 48  THR 48  205 205 THR THR A . n 
A 1 49  SER 49  206 206 SER SER A . n 
A 1 50  ARG 50  207 207 ARG ARG A . n 
A 1 51  LYS 51  208 208 LYS LYS A . n 
A 1 52  ALA 52  209 209 ALA ALA A . n 
A 1 53  LEU 53  210 210 LEU LEU A . n 
A 1 54  GLU 54  211 211 GLU GLU A . n 
A 1 55  THR 55  212 212 THR THR A . n 
A 1 56  LEU 56  213 213 LEU LEU A . n 
A 1 57  ARG 57  214 214 ARG ARG A . n 
A 1 58  ARG 58  215 215 ARG ARG A . n 
A 1 59  VAL 59  216 216 VAL VAL A . n 
A 1 60  GLY 60  217 217 GLY GLY A . n 
A 1 61  ASP 61  218 218 ASP ASP A . n 
A 1 62  GLY 62  219 219 GLY GLY A . n 
A 1 63  VAL 63  220 220 VAL VAL A . n 
A 1 64  GLN 64  221 221 GLN GLN A . n 
A 1 65  ARG 65  222 222 ARG ARG A . n 
A 1 66  ASN 66  223 223 ASN ASN A . n 
A 1 67  HIS 67  224 224 HIS HIS A . n 
A 1 68  GLU 68  225 225 GLU GLU A . n 
A 1 69  THR 69  226 226 THR THR A . n 
A 1 70  ALA 70  227 227 ALA ALA A . n 
A 1 71  PHE 71  228 228 PHE PHE A . n 
A 1 72  GLN 72  229 229 GLN GLN A . n 
A 1 73  GLY 73  230 230 GLY GLY A . n 
A 1 74  MET 74  231 231 MET MET A . n 
A 1 75  LEU 75  232 232 LEU LEU A . n 
A 1 76  ARG 76  233 233 ARG ARG A . n 
A 1 77  LYS 77  234 234 LYS LYS A . n 
A 1 78  LEU 78  235 235 LEU LEU A . n 
A 1 79  ASP 79  236 236 ASP ASP A . n 
A 1 80  ILE 80  237 237 ILE ILE A . n 
A 1 81  LYS 81  238 238 LYS LYS A . n 
A 1 82  ASN 82  239 239 ASN ASN A . n 
A 1 83  GLU 83  240 240 GLU GLU A . n 
A 1 84  ASP 84  241 241 ASP ASP A . n 
A 1 85  ASP 85  242 242 ASP ASP A . n 
A 1 86  VAL 86  243 243 VAL VAL A . n 
A 1 87  LYS 87  244 244 LYS LYS A . n 
A 1 88  SER 88  245 245 SER SER A . n 
A 1 89  LEU 89  246 246 LEU LEU A . n 
A 1 90  SER 90  247 247 SER SER A . n 
A 1 91  ARG 91  248 248 ARG ARG A . n 
A 1 92  VAL 92  249 249 VAL VAL A . n 
A 1 93  MET 93  250 250 MET MET A . n 
A 1 94  ILE 94  251 251 ILE ILE A . n 
A 1 95  HIS 95  252 252 HIS HIS A . n 
A 1 96  VAL 96  253 253 VAL VAL A . n 
A 1 97  PHE 97  254 254 PHE PHE A . n 
A 1 98  SER 98  255 255 SER SER A . n 
A 1 99  ASP 99  256 256 ASP ASP A . n 
A 1 100 GLY 100 257 257 GLY GLY A . n 
A 1 101 VAL 101 258 258 VAL VAL A . n 
A 1 102 THR 102 259 259 THR THR A . n 
A 1 103 ASN 103 260 260 ASN ASN A . n 
A 1 104 TRP 104 261 261 TRP TRP A . n 
A 1 105 GLY 105 262 262 GLY GLY A . n 
A 1 106 ARG 106 263 263 ARG ARG A . n 
A 1 107 ILE 107 264 264 ILE ILE A . n 
A 1 108 VAL 108 265 265 VAL VAL A . n 
A 1 109 THR 109 266 266 THR THR A . n 
A 1 110 LEU 110 267 267 LEU LEU A . n 
A 1 111 ILE 111 268 268 ILE ILE A . n 
A 1 112 SER 112 269 269 SER SER A . n 
A 1 113 PHE 113 270 270 PHE PHE A . n 
A 1 114 GLY 114 271 271 GLY GLY A . n 
A 1 115 ALA 115 272 272 ALA ALA A . n 
A 1 116 PHE 116 273 273 PHE PHE A . n 
A 1 117 VAL 117 274 274 VAL VAL A . n 
A 1 118 ALA 118 275 275 ALA ALA A . n 
A 1 119 LYS 119 276 276 LYS LYS A . n 
A 1 120 HIS 120 277 277 HIS HIS A . n 
A 1 121 LEU 121 278 278 LEU LEU A . n 
A 1 122 LYS 122 279 279 LYS LYS A . n 
A 1 123 THR 123 280 280 THR THR A . n 
A 1 124 ILE 124 281 281 ILE ILE A . n 
A 1 125 ASN 125 282 282 ASN ASN A . n 
A 1 126 GLN 126 283 283 GLN GLN A . n 
A 1 127 GLU 127 284 284 GLU GLU A . n 
A 1 128 SER 128 285 285 SER SER A . n 
A 1 129 CYS 129 286 286 CYS CYS A . n 
A 1 130 ILE 130 287 287 ILE ILE A . n 
A 1 131 GLU 131 288 288 GLU GLU A . n 
A 1 132 PRO 132 289 289 PRO PRO A . n 
A 1 133 LEU 133 290 290 LEU LEU A . n 
A 1 134 ALA 134 291 291 ALA ALA A . n 
A 1 135 GLU 135 292 292 GLU GLU A . n 
A 1 136 SER 136 293 293 SER SER A . n 
A 1 137 ILE 137 294 294 ILE ILE A . n 
A 1 138 THR 138 295 295 THR THR A . n 
A 1 139 ASP 139 296 296 ASP ASP A . n 
A 1 140 VAL 140 297 297 VAL VAL A . n 
A 1 141 LEU 141 298 298 LEU LEU A . n 
A 1 142 VAL 142 299 299 VAL VAL A . n 
A 1 143 ARG 143 300 300 ARG ARG A . n 
A 1 144 THR 144 301 301 THR THR A . n 
A 1 145 LYS 145 302 302 LYS LYS A . n 
A 1 146 ARG 146 303 303 ARG ARG A . n 
A 1 147 ASP 147 304 304 ASP ASP A . n 
A 1 148 TRP 148 305 305 TRP TRP A . n 
A 1 149 LEU 149 306 306 LEU LEU A . n 
A 1 150 VAL 150 307 307 VAL VAL A . n 
A 1 151 LYS 151 308 308 LYS LYS A . n 
A 1 152 GLN 152 309 309 GLN GLN A . n 
A 1 153 ARG 153 310 310 ARG ARG A . n 
A 1 154 GLY 154 311 311 GLY GLY A . n 
A 1 155 TRP 155 312 312 TRP TRP A . n 
A 1 156 ASP 156 313 313 ASP ASP A . n 
A 1 157 GLY 157 314 314 GLY GLY A . n 
A 1 158 PHE 158 315 315 PHE PHE A . n 
A 1 159 VAL 159 316 316 VAL VAL A . n 
A 1 160 GLU 160 317 317 GLU GLU A . n 
A 1 161 PHE 161 318 318 PHE PHE A . n 
A 1 162 PHE 162 319 319 PHE PHE A . n 
A 1 163 HIS 163 320 320 HIS HIS A . n 
A 1 164 VAL 164 321 ?   ?   ?   A . n 
A 1 165 GLU 165 322 ?   ?   ?   A . n 
A 1 166 ASP 166 323 ?   ?   ?   A . n 
A 1 167 LEU 167 324 ?   ?   ?   A . n 
A 1 168 GLU 168 325 ?   ?   ?   A . n 
A 1 169 GLY 169 326 ?   ?   ?   A . n 
A 1 170 GLY 170 327 ?   ?   ?   A . n 
# 
loop_
_pdbx_nonpoly_scheme.asym_id 
_pdbx_nonpoly_scheme.entity_id 
_pdbx_nonpoly_scheme.mon_id 
_pdbx_nonpoly_scheme.ndb_seq_num 
_pdbx_nonpoly_scheme.pdb_seq_num 
_pdbx_nonpoly_scheme.auth_seq_num 
_pdbx_nonpoly_scheme.pdb_mon_id 
_pdbx_nonpoly_scheme.auth_mon_id 
_pdbx_nonpoly_scheme.pdb_strand_id 
_pdbx_nonpoly_scheme.pdb_ins_code 
B 2 JL5 1  401 401 JL5 8DP A . 
C 3 HOH 1  501 3   HOH HOH A . 
C 3 HOH 2  502 31  HOH HOH A . 
C 3 HOH 3  503 7   HOH HOH A . 
C 3 HOH 4  504 13  HOH HOH A . 
C 3 HOH 5  505 4   HOH HOH A . 
C 3 HOH 6  506 30  HOH HOH A . 
C 3 HOH 7  507 36  HOH HOH A . 
C 3 HOH 8  508 22  HOH HOH A . 
C 3 HOH 9  509 14  HOH HOH A . 
C 3 HOH 10 510 34  HOH HOH A . 
C 3 HOH 11 511 2   HOH HOH A . 
C 3 HOH 12 512 6   HOH HOH A . 
C 3 HOH 13 513 1   HOH HOH A . 
C 3 HOH 14 514 9   HOH HOH A . 
C 3 HOH 15 515 25  HOH HOH A . 
C 3 HOH 16 516 11  HOH HOH A . 
C 3 HOH 17 517 10  HOH HOH A . 
C 3 HOH 18 518 12  HOH HOH A . 
C 3 HOH 19 519 33  HOH HOH A . 
C 3 HOH 20 520 19  HOH HOH A . 
C 3 HOH 21 521 8   HOH HOH A . 
C 3 HOH 22 522 27  HOH HOH A . 
C 3 HOH 23 523 35  HOH HOH A . 
C 3 HOH 24 524 21  HOH HOH A . 
C 3 HOH 25 525 32  HOH HOH A . 
C 3 HOH 26 526 29  HOH HOH A . 
C 3 HOH 27 527 5   HOH HOH A . 
C 3 HOH 28 528 28  HOH HOH A . 
# 
loop_
_pdbx_unobs_or_zero_occ_atoms.id 
_pdbx_unobs_or_zero_occ_atoms.PDB_model_num 
_pdbx_unobs_or_zero_occ_atoms.polymer_flag 
_pdbx_unobs_or_zero_occ_atoms.occupancy_flag 
_pdbx_unobs_or_zero_occ_atoms.auth_asym_id 
_pdbx_unobs_or_zero_occ_atoms.auth_comp_id 
_pdbx_unobs_or_zero_occ_atoms.auth_seq_id 
_pdbx_unobs_or_zero_occ_atoms.PDB_ins_code 
_pdbx_unobs_or_zero_occ_atoms.auth_atom_id 
_pdbx_unobs_or_zero_occ_atoms.label_alt_id 
_pdbx_unobs_or_zero_occ_atoms.label_asym_id 
_pdbx_unobs_or_zero_occ_atoms.label_comp_id 
_pdbx_unobs_or_zero_occ_atoms.label_seq_id 
_pdbx_unobs_or_zero_occ_atoms.label_atom_id 
1  1 Y 1 A LYS 197 ? CG  ? A LYS 40 CG  
2  1 Y 1 A LYS 197 ? CD  ? A LYS 40 CD  
3  1 Y 1 A LYS 197 ? CE  ? A LYS 40 CE  
4  1 Y 1 A LYS 197 ? NZ  ? A LYS 40 NZ  
5  1 Y 1 A ARG 201 ? CG  ? A ARG 44 CG  
6  1 Y 1 A ARG 201 ? CD  ? A ARG 44 CD  
7  1 Y 1 A ARG 201 ? NE  ? A ARG 44 NE  
8  1 Y 1 A ARG 201 ? CZ  ? A ARG 44 CZ  
9  1 Y 1 A ARG 201 ? NH1 ? A ARG 44 NH1 
10 1 Y 1 A ARG 201 ? NH2 ? A ARG 44 NH2 
11 1 Y 1 A LYS 244 ? CG  ? A LYS 87 CG  
12 1 Y 1 A LYS 244 ? CD  ? A LYS 87 CD  
13 1 Y 1 A LYS 244 ? CE  ? A LYS 87 CE  
14 1 Y 1 A LYS 244 ? NZ  ? A LYS 87 NZ  
15 1 Y 1 A ARG 248 ? CG  ? A ARG 91 CG  
16 1 Y 1 A ARG 248 ? CD  ? A ARG 91 CD  
17 1 Y 1 A ARG 248 ? NE  ? A ARG 91 NE  
18 1 Y 1 A ARG 248 ? CZ  ? A ARG 91 CZ  
19 1 Y 1 A ARG 248 ? NH1 ? A ARG 91 NH1 
20 1 Y 1 A ARG 248 ? NH2 ? A ARG 91 NH2 
# 
loop_
_software.citation_id 
_software.classification 
_software.compiler_name 
_software.compiler_version 
_software.contact_author 
_software.contact_author_email 
_software.date 
_software.description 
_software.dependencies 
_software.hardware 
_software.language 
_software.location 
_software.mods 
_software.name 
_software.os 
_software.os_version 
_software.type 
_software.version 
_software.pdbx_ordinal 
? 'data reduction'  ? ? ? ? ? ? ? ? ? ? ? XDS         ? ? ? .        1 
? refinement        ? ? ? ? ? ? ? ? ? ? ? REFMAC      ? ? ? 5.8.0238 2 
? 'data extraction' ? ? ? ? ? ? ? ? ? ? ? PDB_EXTRACT ? ? ? 3.24     3 
? 'data scaling'    ? ? ? ? ? ? ? ? ? ? ? XSCALE      ? ? ? .        4 
? phasing           ? ? ? ? ? ? ? ? ? ? ? MOLREP      ? ? ? .        5 
# 
_cell.angle_alpha                  90.000 
_cell.angle_alpha_esd              ? 
_cell.angle_beta                   90.000 
_cell.angle_beta_esd               ? 
_cell.angle_gamma                  120.000 
_cell.angle_gamma_esd              ? 
_cell.entry_id                     6QYP 
_cell.details                      ? 
_cell.formula_units_Z              ? 
_cell.length_a                     40.165 
_cell.length_a_esd                 ? 
_cell.length_b                     40.165 
_cell.length_b_esd                 ? 
_cell.length_c                     327.800 
_cell.length_c_esd                 ? 
_cell.volume                       ? 
_cell.volume_esd                   ? 
_cell.Z_PDB                        12 
_cell.reciprocal_angle_alpha       ? 
_cell.reciprocal_angle_beta        ? 
_cell.reciprocal_angle_gamma       ? 
_cell.reciprocal_angle_alpha_esd   ? 
_cell.reciprocal_angle_beta_esd    ? 
_cell.reciprocal_angle_gamma_esd   ? 
_cell.reciprocal_length_a          ? 
_cell.reciprocal_length_b          ? 
_cell.reciprocal_length_c          ? 
_cell.reciprocal_length_a_esd      ? 
_cell.reciprocal_length_b_esd      ? 
_cell.reciprocal_length_c_esd      ? 
_cell.pdbx_unique_axis             ? 
# 
_symmetry.entry_id                         6QYP 
_symmetry.cell_setting                     ? 
_symmetry.Int_Tables_number                179 
_symmetry.space_group_name_Hall            ? 
_symmetry.space_group_name_H-M             'P 65 2 2' 
_symmetry.pdbx_full_space_group_name_H-M   ? 
# 
_exptl.absorpt_coefficient_mu     ? 
_exptl.absorpt_correction_T_max   ? 
_exptl.absorpt_correction_T_min   ? 
_exptl.absorpt_correction_type    ? 
_exptl.absorpt_process_details    ? 
_exptl.entry_id                   6QYP 
_exptl.crystals_number            1 
_exptl.details                    ? 
_exptl.method                     'X-RAY DIFFRACTION' 
_exptl.method_details             ? 
# 
_exptl_crystal.colour                      ? 
_exptl_crystal.density_diffrn              ? 
_exptl_crystal.density_Matthews            1.96 
_exptl_crystal.density_method              ? 
_exptl_crystal.density_percent_sol         37.17 
_exptl_crystal.description                 ? 
_exptl_crystal.F_000                       ? 
_exptl_crystal.id                          1 
_exptl_crystal.preparation                 ? 
_exptl_crystal.size_max                    ? 
_exptl_crystal.size_mid                    ? 
_exptl_crystal.size_min                    ? 
_exptl_crystal.size_rad                    ? 
_exptl_crystal.colour_lustre               ? 
_exptl_crystal.colour_modifier             ? 
_exptl_crystal.colour_primary              ? 
_exptl_crystal.density_meas                ? 
_exptl_crystal.density_meas_esd            ? 
_exptl_crystal.density_meas_gt             ? 
_exptl_crystal.density_meas_lt             ? 
_exptl_crystal.density_meas_temp           ? 
_exptl_crystal.density_meas_temp_esd       ? 
_exptl_crystal.density_meas_temp_gt        ? 
_exptl_crystal.density_meas_temp_lt        ? 
_exptl_crystal.pdbx_crystal_image_url      ? 
_exptl_crystal.pdbx_crystal_image_format   ? 
_exptl_crystal.pdbx_mosaicity              ? 
_exptl_crystal.pdbx_mosaicity_esd          ? 
# 
_exptl_crystal_grow.apparatus       ? 
_exptl_crystal_grow.atmosphere      ? 
_exptl_crystal_grow.crystal_id      1 
_exptl_crystal_grow.details         ? 
_exptl_crystal_grow.method          'VAPOR DIFFUSION, SITTING DROP' 
_exptl_crystal_grow.method_ref      ? 
_exptl_crystal_grow.pH              6.5 
_exptl_crystal_grow.pressure        ? 
_exptl_crystal_grow.pressure_esd    ? 
_exptl_crystal_grow.seeding         ? 
_exptl_crystal_grow.seeding_ref     ? 
_exptl_crystal_grow.temp            293 
_exptl_crystal_grow.temp_details    ? 
_exptl_crystal_grow.temp_esd        ? 
_exptl_crystal_grow.time            ? 
_exptl_crystal_grow.pdbx_details    '0.05M BIS-TRIS pH 6.5; 30% Pentaerythritol ethoxylate (15/4 EO/OH), 0.05M Ammonium Sulphate' 
_exptl_crystal_grow.pdbx_pH_range   ? 
# 
_diffrn.ambient_environment              ? 
_diffrn.ambient_temp                     100 
_diffrn.ambient_temp_details             ? 
_diffrn.ambient_temp_esd                 ? 
_diffrn.crystal_id                       1 
_diffrn.crystal_support                  ? 
_diffrn.crystal_treatment                ? 
_diffrn.details                          ? 
_diffrn.id                               1 
_diffrn.ambient_pressure                 ? 
_diffrn.ambient_pressure_esd             ? 
_diffrn.ambient_pressure_gt              ? 
_diffrn.ambient_pressure_lt              ? 
_diffrn.ambient_temp_gt                  ? 
_diffrn.ambient_temp_lt                  ? 
_diffrn.pdbx_serial_crystal_experiment   N 
# 
_diffrn_detector.details                      ? 
_diffrn_detector.detector                     PIXEL 
_diffrn_detector.diffrn_id                    1 
_diffrn_detector.type                         'DECTRIS PILATUS3 S 6M' 
_diffrn_detector.area_resol_mean              ? 
_diffrn_detector.dtime                        ? 
_diffrn_detector.pdbx_frames_total            ? 
_diffrn_detector.pdbx_collection_time_total   ? 
_diffrn_detector.pdbx_collection_date         2012-01-30 
_diffrn_detector.pdbx_frequency               ? 
# 
_diffrn_radiation.collimation                      ? 
_diffrn_radiation.diffrn_id                        1 
_diffrn_radiation.filter_edge                      ? 
_diffrn_radiation.inhomogeneity                    ? 
_diffrn_radiation.monochromator                    Mirrors 
_diffrn_radiation.polarisn_norm                    ? 
_diffrn_radiation.polarisn_ratio                   ? 
_diffrn_radiation.probe                            ? 
_diffrn_radiation.type                             ? 
_diffrn_radiation.xray_symbol                      ? 
_diffrn_radiation.wavelength_id                    1 
_diffrn_radiation.pdbx_monochromatic_or_laue_m_l   M 
_diffrn_radiation.pdbx_wavelength_list             ? 
_diffrn_radiation.pdbx_wavelength                  ? 
_diffrn_radiation.pdbx_diffrn_protocol             'SINGLE WAVELENGTH' 
_diffrn_radiation.pdbx_analyzer                    ? 
_diffrn_radiation.pdbx_scattering_type             x-ray 
# 
_diffrn_radiation_wavelength.id           1 
_diffrn_radiation_wavelength.wavelength   0.9763 
_diffrn_radiation_wavelength.wt           1.0 
# 
_diffrn_source.current                     ? 
_diffrn_source.details                     ? 
_diffrn_source.diffrn_id                   1 
_diffrn_source.power                       ? 
_diffrn_source.size                        ? 
_diffrn_source.source                      SYNCHROTRON 
_diffrn_source.target                      ? 
_diffrn_source.type                        'DIAMOND BEAMLINE I03' 
_diffrn_source.voltage                     ? 
_diffrn_source.take-off_angle              ? 
_diffrn_source.pdbx_wavelength_list        0.9763 
_diffrn_source.pdbx_wavelength             ? 
_diffrn_source.pdbx_synchrotron_beamline   I03 
_diffrn_source.pdbx_synchrotron_site       Diamond 
# 
_reflns.B_iso_Wilson_estimate            ? 
_reflns.entry_id                         6QYP 
_reflns.data_reduction_details           ? 
_reflns.data_reduction_method            ? 
_reflns.d_resolution_high                2.10 
_reflns.d_resolution_low                 29.3 
_reflns.details                          ? 
_reflns.limit_h_max                      ? 
_reflns.limit_h_min                      ? 
_reflns.limit_k_max                      ? 
_reflns.limit_k_min                      ? 
_reflns.limit_l_max                      ? 
_reflns.limit_l_min                      ? 
_reflns.number_all                       ? 
_reflns.number_obs                       10131 
_reflns.observed_criterion               ? 
_reflns.observed_criterion_F_max         ? 
_reflns.observed_criterion_F_min         ? 
_reflns.observed_criterion_I_max         ? 
_reflns.observed_criterion_I_min         ? 
_reflns.observed_criterion_sigma_F       ? 
_reflns.observed_criterion_sigma_I       ? 
_reflns.percent_possible_obs             98.9 
_reflns.R_free_details                   ? 
_reflns.Rmerge_F_all                     ? 
_reflns.Rmerge_F_obs                     ? 
_reflns.Friedel_coverage                 ? 
_reflns.number_gt                        ? 
_reflns.threshold_expression             ? 
_reflns.pdbx_redundancy                  9.2 
_reflns.pdbx_Rmerge_I_obs                0.083 
_reflns.pdbx_Rmerge_I_all                ? 
_reflns.pdbx_Rsym_value                  ? 
_reflns.pdbx_netI_over_av_sigmaI         ? 
_reflns.pdbx_netI_over_sigmaI            12.8 
_reflns.pdbx_res_netI_over_av_sigmaI_2   ? 
_reflns.pdbx_res_netI_over_sigmaI_2      ? 
_reflns.pdbx_chi_squared                 ? 
_reflns.pdbx_scaling_rejects             ? 
_reflns.pdbx_d_res_high_opt              ? 
_reflns.pdbx_d_res_low_opt               ? 
_reflns.pdbx_d_res_opt_method            ? 
_reflns.phase_calculation_details        ? 
_reflns.pdbx_Rrim_I_all                  ? 
_reflns.pdbx_Rpim_I_all                  ? 
_reflns.pdbx_d_opt                       ? 
_reflns.pdbx_number_measured_all         ? 
_reflns.pdbx_diffrn_id                   1 
_reflns.pdbx_ordinal                     1 
_reflns.pdbx_CC_half                     ? 
_reflns.pdbx_R_split                     ? 
# 
_reflns_shell.d_res_high                  2.10 
_reflns_shell.d_res_low                   2.15 
_reflns_shell.meanI_over_sigI_all         ? 
_reflns_shell.meanI_over_sigI_obs         0.9 
_reflns_shell.number_measured_all         ? 
_reflns_shell.number_measured_obs         ? 
_reflns_shell.number_possible             ? 
_reflns_shell.number_unique_all           ? 
_reflns_shell.number_unique_obs           ? 
_reflns_shell.percent_possible_all        85.9 
_reflns_shell.percent_possible_obs        ? 
_reflns_shell.Rmerge_F_all                ? 
_reflns_shell.Rmerge_F_obs                ? 
_reflns_shell.Rmerge_I_all                ? 
_reflns_shell.Rmerge_I_obs                1.43 
_reflns_shell.meanI_over_sigI_gt          ? 
_reflns_shell.meanI_over_uI_all           ? 
_reflns_shell.meanI_over_uI_gt            ? 
_reflns_shell.number_measured_gt          ? 
_reflns_shell.number_unique_gt            ? 
_reflns_shell.percent_possible_gt         ? 
_reflns_shell.Rmerge_F_gt                 ? 
_reflns_shell.Rmerge_I_gt                 ? 
_reflns_shell.pdbx_redundancy             6.1 
_reflns_shell.pdbx_Rsym_value             ? 
_reflns_shell.pdbx_chi_squared            ? 
_reflns_shell.pdbx_netI_over_sigmaI_all   ? 
_reflns_shell.pdbx_netI_over_sigmaI_obs   ? 
_reflns_shell.pdbx_Rrim_I_all             ? 
_reflns_shell.pdbx_Rpim_I_all             ? 
_reflns_shell.pdbx_rejects                ? 
_reflns_shell.pdbx_ordinal                1 
_reflns_shell.pdbx_diffrn_id              1 
_reflns_shell.pdbx_CC_half                ? 
_reflns_shell.pdbx_R_split                ? 
# 
_refine.aniso_B[1][1]                            1.6400 
_refine.aniso_B[1][2]                            0.8200 
_refine.aniso_B[1][3]                            0.0000 
_refine.aniso_B[2][2]                            1.6400 
_refine.aniso_B[2][3]                            0.0000 
_refine.aniso_B[3][3]                            -5.3200 
_refine.B_iso_max                                131.690 
_refine.B_iso_mean                               59.8470 
_refine.B_iso_min                                40.150 
_refine.correlation_coeff_Fo_to_Fc               0.9670 
_refine.correlation_coeff_Fo_to_Fc_free          0.9490 
_refine.details                                  
'HYDROGENS HAVE BEEN ADDED IN THE RIDING POSITIONS U VALUES      : REFINED INDIVIDUALLY' 
_refine.diff_density_max                         ? 
_refine.diff_density_max_esd                     ? 
_refine.diff_density_min                         ? 
_refine.diff_density_min_esd                     ? 
_refine.diff_density_rms                         ? 
_refine.diff_density_rms_esd                     ? 
_refine.entry_id                                 6QYP 
_refine.pdbx_refine_id                           'X-RAY DIFFRACTION' 
_refine.ls_abs_structure_details                 ? 
_refine.ls_abs_structure_Flack                   ? 
_refine.ls_abs_structure_Flack_esd               ? 
_refine.ls_abs_structure_Rogers                  ? 
_refine.ls_abs_structure_Rogers_esd              ? 
_refine.ls_d_res_high                            2.2000 
_refine.ls_d_res_low                             20.0000 
_refine.ls_extinction_coef                       ? 
_refine.ls_extinction_coef_esd                   ? 
_refine.ls_extinction_expression                 ? 
_refine.ls_extinction_method                     ? 
_refine.ls_goodness_of_fit_all                   ? 
_refine.ls_goodness_of_fit_all_esd               ? 
_refine.ls_goodness_of_fit_obs                   ? 
_refine.ls_goodness_of_fit_obs_esd               ? 
_refine.ls_hydrogen_treatment                    ? 
_refine.ls_matrix_type                           ? 
_refine.ls_number_constraints                    ? 
_refine.ls_number_parameters                     ? 
_refine.ls_number_reflns_all                     ? 
_refine.ls_number_reflns_obs                     8454 
_refine.ls_number_reflns_R_free                  482 
_refine.ls_number_reflns_R_work                  ? 
_refine.ls_number_restraints                     ? 
_refine.ls_percent_reflns_obs                    99.8000 
_refine.ls_percent_reflns_R_free                 5.4000 
_refine.ls_R_factor_all                          ? 
_refine.ls_R_factor_obs                          0.2006 
_refine.ls_R_factor_R_free                       0.2533 
_refine.ls_R_factor_R_free_error                 ? 
_refine.ls_R_factor_R_free_error_details         ? 
_refine.ls_R_factor_R_work                       0.1976 
_refine.ls_R_Fsqd_factor_obs                     ? 
_refine.ls_R_I_factor_obs                        ? 
_refine.ls_redundancy_reflns_all                 ? 
_refine.ls_redundancy_reflns_obs                 ? 
_refine.ls_restrained_S_all                      ? 
_refine.ls_restrained_S_obs                      ? 
_refine.ls_shift_over_esd_max                    ? 
_refine.ls_shift_over_esd_mean                   ? 
_refine.ls_structure_factor_coef                 ? 
_refine.ls_weighting_details                     ? 
_refine.ls_weighting_scheme                      ? 
_refine.ls_wR_factor_all                         ? 
_refine.ls_wR_factor_obs                         ? 
_refine.ls_wR_factor_R_free                      ? 
_refine.ls_wR_factor_R_work                      ? 
_refine.occupancy_max                            ? 
_refine.occupancy_min                            ? 
_refine.solvent_model_details                    ? 
_refine.solvent_model_param_bsol                 ? 
_refine.solvent_model_param_ksol                 ? 
_refine.ls_R_factor_gt                           ? 
_refine.ls_goodness_of_fit_gt                    ? 
_refine.ls_goodness_of_fit_ref                   ? 
_refine.ls_shift_over_su_max                     ? 
_refine.ls_shift_over_su_max_lt                  ? 
_refine.ls_shift_over_su_mean                    ? 
_refine.ls_shift_over_su_mean_lt                 ? 
_refine.pdbx_ls_sigma_I                          ? 
_refine.pdbx_ls_sigma_F                          0.000 
_refine.pdbx_ls_sigma_Fsqd                       ? 
_refine.pdbx_data_cutoff_high_absF               ? 
_refine.pdbx_data_cutoff_high_rms_absF           ? 
_refine.pdbx_data_cutoff_low_absF                ? 
_refine.pdbx_isotropic_thermal_model             ? 
_refine.pdbx_ls_cross_valid_method               THROUGHOUT 
_refine.pdbx_method_to_determine_struct          'MOLECULAR REPLACEMENT' 
_refine.pdbx_starting_model                      6qfq 
_refine.pdbx_stereochemistry_target_values       ? 
_refine.pdbx_R_Free_selection_details            RANDOM 
_refine.pdbx_stereochem_target_val_spec_case     ? 
_refine.pdbx_overall_ESU_R                       0.2700 
_refine.pdbx_overall_ESU_R_Free                  0.2200 
_refine.pdbx_solvent_vdw_probe_radii             1.2000 
_refine.pdbx_solvent_ion_probe_radii             0.8000 
_refine.pdbx_solvent_shrinkage_radii             0.8000 
_refine.pdbx_real_space_R                        ? 
_refine.pdbx_density_correlation                 ? 
_refine.pdbx_pd_number_of_powder_patterns        ? 
_refine.pdbx_pd_number_of_points                 ? 
_refine.pdbx_pd_meas_number_of_points            ? 
_refine.pdbx_pd_proc_ls_prof_R_factor            ? 
_refine.pdbx_pd_proc_ls_prof_wR_factor           ? 
_refine.pdbx_pd_Marquardt_correlation_coeff      ? 
_refine.pdbx_pd_Fsqrd_R_factor                   ? 
_refine.pdbx_pd_ls_matrix_band_width             ? 
_refine.pdbx_overall_phase_error                 ? 
_refine.pdbx_overall_SU_R_free_Cruickshank_DPI   ? 
_refine.pdbx_overall_SU_R_free_Blow_DPI          ? 
_refine.pdbx_overall_SU_R_Blow_DPI               ? 
_refine.pdbx_TLS_residual_ADP_flag               ? 
_refine.pdbx_diffrn_id                           1 
_refine.overall_SU_B                             7.6470 
_refine.overall_SU_ML                            0.1810 
_refine.overall_SU_R_Cruickshank_DPI             0.2734 
_refine.overall_SU_R_free                        ? 
_refine.overall_FOM_free_R_set                   ? 
_refine.overall_FOM_work_R_set                   ? 
_refine.pdbx_average_fsc_overall                 ? 
_refine.pdbx_average_fsc_work                    ? 
_refine.pdbx_average_fsc_free                    ? 
# 
_refine_hist.cycle_id                         final 
_refine_hist.pdbx_refine_id                   'X-RAY DIFFRACTION' 
_refine_hist.d_res_high                       2.2000 
_refine_hist.d_res_low                        20.0000 
_refine_hist.pdbx_number_atoms_ligand         39 
_refine_hist.number_atoms_solvent             28 
_refine_hist.number_atoms_total               1264 
_refine_hist.pdbx_number_residues_total       151 
_refine_hist.pdbx_B_iso_mean_ligand           56.18 
_refine_hist.pdbx_B_iso_mean_solvent          64.83 
_refine_hist.pdbx_number_atoms_protein        1197 
_refine_hist.pdbx_number_atoms_nucleic_acid   0 
# 
loop_
_refine_ls_restr.pdbx_refine_id 
_refine_ls_restr.criterion 
_refine_ls_restr.dev_ideal 
_refine_ls_restr.dev_ideal_target 
_refine_ls_restr.number 
_refine_ls_restr.rejects 
_refine_ls_restr.type 
_refine_ls_restr.weight 
_refine_ls_restr.pdbx_restraint_function 
'X-RAY DIFFRACTION' ? 0.008  0.013  1260 ? r_bond_refined_d       ? ? 
'X-RAY DIFFRACTION' ? 0.001  0.018  1166 ? r_bond_other_d         ? ? 
'X-RAY DIFFRACTION' ? 1.500  1.681  1703 ? r_angle_refined_deg    ? ? 
'X-RAY DIFFRACTION' ? 1.356  1.603  2648 ? r_angle_other_deg      ? ? 
'X-RAY DIFFRACTION' ? 5.019  5.000  150  ? r_dihedral_angle_1_deg ? ? 
'X-RAY DIFFRACTION' ? 36.029 20.986 71   ? r_dihedral_angle_2_deg ? ? 
'X-RAY DIFFRACTION' ? 18.069 15.000 219  ? r_dihedral_angle_3_deg ? ? 
'X-RAY DIFFRACTION' ? 22.212 15.000 12   ? r_dihedral_angle_4_deg ? ? 
'X-RAY DIFFRACTION' ? 0.074  0.200  159  ? r_chiral_restr         ? ? 
'X-RAY DIFFRACTION' ? 0.007  0.020  1413 ? r_gen_planes_refined   ? ? 
'X-RAY DIFFRACTION' ? 0.001  0.020  277  ? r_gen_planes_other     ? ? 
# 
_refine_ls_shell.pdbx_refine_id                   'X-RAY DIFFRACTION' 
_refine_ls_shell.d_res_high                       2.2000 
_refine_ls_shell.d_res_low                        2.3170 
_refine_ls_shell.number_reflns_all                1229 
_refine_ls_shell.number_reflns_obs                ? 
_refine_ls_shell.number_reflns_R_free             58 
_refine_ls_shell.number_reflns_R_work             1171 
_refine_ls_shell.percent_reflns_obs               100.0000 
_refine_ls_shell.percent_reflns_R_free            ? 
_refine_ls_shell.R_factor_all                     ? 
_refine_ls_shell.R_factor_obs                     ? 
_refine_ls_shell.R_factor_R_free                  0.3030 
_refine_ls_shell.R_factor_R_free_error            0.0000 
_refine_ls_shell.R_factor_R_work                  0.3120 
_refine_ls_shell.redundancy_reflns_all            ? 
_refine_ls_shell.redundancy_reflns_obs            ? 
_refine_ls_shell.wR_factor_all                    ? 
_refine_ls_shell.wR_factor_obs                    ? 
_refine_ls_shell.wR_factor_R_free                 ? 
_refine_ls_shell.wR_factor_R_work                 ? 
_refine_ls_shell.pdbx_total_number_of_bins_used   10 
_refine_ls_shell.pdbx_phase_error                 ? 
_refine_ls_shell.pdbx_fsc_work                    ? 
_refine_ls_shell.pdbx_fsc_free                    ? 
# 
_struct.entry_id                     6QYP 
_struct.title                        'Structure of Mcl-1 in complex with compound 13' 
_struct.pdbx_model_details           ? 
_struct.pdbx_formula_weight          ? 
_struct.pdbx_formula_weight_method   ? 
_struct.pdbx_model_type_details      ? 
_struct.pdbx_CASP_flag               N 
# 
_struct_keywords.entry_id        6QYP 
_struct_keywords.text            'Apoptosis-inhibitor complex, Mcl1, Small molecule inhibitor, APOPTOSIS' 
_struct_keywords.pdbx_keywords   APOPTOSIS 
# 
loop_
_struct_asym.id 
_struct_asym.pdbx_blank_PDB_chainid_flag 
_struct_asym.pdbx_modified 
_struct_asym.entity_id 
_struct_asym.details 
A N N 1 ? 
B N N 2 ? 
C N N 3 ? 
# 
_struct_ref.id                         1 
_struct_ref.db_name                    UNP 
_struct_ref.db_code                    MCL1_HUMAN 
_struct_ref.pdbx_db_accession          Q07820 
_struct_ref.pdbx_db_isoform            ? 
_struct_ref.entity_id                  1 
_struct_ref.pdbx_seq_one_letter_code   
;EDELYRQSLEIISRYLREQATGAKDTKPMGRSGATSRKALETLRRVGDGVQRNHETAFQGMLRKLDIKNEDDVKSLSRVM
IHVFSDGVTNWGRIVTLISFGAFVAKHLKTINQESCIEPLAESITDVLVRTKRDWLVKQRGWDGFVEFFHVEDLEGG
;
_struct_ref.pdbx_align_begin           171 
# 
_struct_ref_seq.align_id                      1 
_struct_ref_seq.ref_id                        1 
_struct_ref_seq.pdbx_PDB_id_code              6QYP 
_struct_ref_seq.pdbx_strand_id                A 
_struct_ref_seq.seq_align_beg                 14 
_struct_ref_seq.pdbx_seq_align_beg_ins_code   ? 
_struct_ref_seq.seq_align_end                 170 
_struct_ref_seq.pdbx_seq_align_end_ins_code   ? 
_struct_ref_seq.pdbx_db_accession             Q07820 
_struct_ref_seq.db_align_beg                  171 
_struct_ref_seq.pdbx_db_align_beg_ins_code    ? 
_struct_ref_seq.db_align_end                  327 
_struct_ref_seq.pdbx_db_align_end_ins_code    ? 
_struct_ref_seq.pdbx_auth_seq_align_beg       171 
_struct_ref_seq.pdbx_auth_seq_align_end       327 
# 
loop_
_struct_ref_seq_dif.align_id 
_struct_ref_seq_dif.pdbx_pdb_id_code 
_struct_ref_seq_dif.mon_id 
_struct_ref_seq_dif.pdbx_pdb_strand_id 
_struct_ref_seq_dif.seq_num 
_struct_ref_seq_dif.pdbx_pdb_ins_code 
_struct_ref_seq_dif.pdbx_seq_db_name 
_struct_ref_seq_dif.pdbx_seq_db_accession_code 
_struct_ref_seq_dif.db_mon_id 
_struct_ref_seq_dif.pdbx_seq_db_seq_num 
_struct_ref_seq_dif.details 
_struct_ref_seq_dif.pdbx_auth_seq_num 
_struct_ref_seq_dif.pdbx_ordinal 
1 6QYP MET A 1  ? UNP Q07820 ? ? 'initiating methionine' 158 1  
1 6QYP HIS A 2  ? UNP Q07820 ? ? 'expression tag'        159 2  
1 6QYP HIS A 3  ? UNP Q07820 ? ? 'expression tag'        160 3  
1 6QYP HIS A 4  ? UNP Q07820 ? ? 'expression tag'        161 4  
1 6QYP HIS A 5  ? UNP Q07820 ? ? 'expression tag'        162 5  
1 6QYP HIS A 6  ? UNP Q07820 ? ? 'expression tag'        163 6  
1 6QYP HIS A 7  ? UNP Q07820 ? ? 'expression tag'        164 7  
1 6QYP LEU A 8  ? UNP Q07820 ? ? 'expression tag'        165 8  
1 6QYP VAL A 9  ? UNP Q07820 ? ? 'expression tag'        166 9  
1 6QYP PRO A 10 ? UNP Q07820 ? ? 'expression tag'        167 10 
1 6QYP ARG A 11 ? UNP Q07820 ? ? 'expression tag'        168 11 
1 6QYP GLY A 12 ? UNP Q07820 ? ? 'expression tag'        169 12 
1 6QYP SER A 13 ? UNP Q07820 ? ? 'expression tag'        170 13 
# 
_pdbx_struct_assembly.id                   1 
_pdbx_struct_assembly.details              author_and_software_defined_assembly 
_pdbx_struct_assembly.method_details       PISA 
_pdbx_struct_assembly.oligomeric_details   monomeric 
_pdbx_struct_assembly.oligomeric_count     1 
# 
loop_
_pdbx_struct_assembly_prop.biol_id 
_pdbx_struct_assembly_prop.type 
_pdbx_struct_assembly_prop.value 
_pdbx_struct_assembly_prop.details 
1 'ABSA (A^2)' 0    ? 
1 MORE         0    ? 
1 'SSA (A^2)'  7970 ? 
# 
_pdbx_struct_assembly_gen.assembly_id       1 
_pdbx_struct_assembly_gen.oper_expression   1 
_pdbx_struct_assembly_gen.asym_id_list      A,B,C 
# 
_pdbx_struct_assembly_auth_evidence.id                     1 
_pdbx_struct_assembly_auth_evidence.assembly_id            1 
_pdbx_struct_assembly_auth_evidence.experimental_support   'gel filtration' 
_pdbx_struct_assembly_auth_evidence.details                ? 
# 
_pdbx_struct_oper_list.id                   1 
_pdbx_struct_oper_list.type                 'identity operation' 
_pdbx_struct_oper_list.name                 1_555 
_pdbx_struct_oper_list.symmetry_operation   x,y,z 
_pdbx_struct_oper_list.matrix[1][1]         1.0000000000 
_pdbx_struct_oper_list.matrix[1][2]         0.0000000000 
_pdbx_struct_oper_list.matrix[1][3]         0.0000000000 
_pdbx_struct_oper_list.vector[1]            0.0000000000 
_pdbx_struct_oper_list.matrix[2][1]         0.0000000000 
_pdbx_struct_oper_list.matrix[2][2]         1.0000000000 
_pdbx_struct_oper_list.matrix[2][3]         0.0000000000 
_pdbx_struct_oper_list.vector[2]            0.0000000000 
_pdbx_struct_oper_list.matrix[3][1]         0.0000000000 
_pdbx_struct_oper_list.matrix[3][2]         0.0000000000 
_pdbx_struct_oper_list.matrix[3][3]         1.0000000000 
_pdbx_struct_oper_list.vector[3]            0.0000000000 
# 
loop_
_struct_conf.conf_type_id 
_struct_conf.id 
_struct_conf.pdbx_PDB_helix_id 
_struct_conf.beg_label_comp_id 
_struct_conf.beg_label_asym_id 
_struct_conf.beg_label_seq_id 
_struct_conf.pdbx_beg_PDB_ins_code 
_struct_conf.end_label_comp_id 
_struct_conf.end_label_asym_id 
_struct_conf.end_label_seq_id 
_struct_conf.pdbx_end_PDB_ins_code 
_struct_conf.beg_auth_comp_id 
_struct_conf.beg_auth_asym_id 
_struct_conf.beg_auth_seq_id 
_struct_conf.end_auth_comp_id 
_struct_conf.end_auth_asym_id 
_struct_conf.end_auth_seq_id 
_struct_conf.pdbx_PDB_helix_class 
_struct_conf.details 
_struct_conf.pdbx_PDB_helix_length 
HELX_P HELX_P1 AA1 ASP A 15  ? GLY A 35  ? ASP A 172 GLY A 192 1 ? 21 
HELX_P HELX_P2 AA2 SER A 45  ? HIS A 67  ? SER A 202 HIS A 224 1 ? 23 
HELX_P HELX_P3 AA3 HIS A 67  ? ASP A 79  ? HIS A 224 ASP A 236 1 ? 13 
HELX_P HELX_P4 AA4 ASN A 82  ? SER A 98  ? ASN A 239 SER A 255 1 ? 17 
HELX_P HELX_P5 AA5 ASN A 103 ? ILE A 124 ? ASN A 260 ILE A 281 1 ? 22 
HELX_P HELX_P6 AA6 GLN A 126 ? SER A 128 ? GLN A 283 SER A 285 5 ? 3  
HELX_P HELX_P7 AA7 CYS A 129 ? GLN A 152 ? CYS A 286 GLN A 309 1 ? 24 
HELX_P HELX_P8 AA8 ARG A 153 ? HIS A 163 ? ARG A 310 HIS A 320 1 ? 11 
# 
_struct_conf_type.id          HELX_P 
_struct_conf_type.criteria    ? 
_struct_conf_type.reference   ? 
# 
_struct_site.id                   AC1 
_struct_site.pdbx_evidence_code   Software 
_struct_site.pdbx_auth_asym_id    A 
_struct_site.pdbx_auth_comp_id    JL5 
_struct_site.pdbx_auth_seq_id     401 
_struct_site.pdbx_auth_ins_code   ? 
_struct_site.pdbx_num_residues    8 
_struct_site.details              'binding site for residue JL5 A 401' 
# 
loop_
_struct_site_gen.id 
_struct_site_gen.site_id 
_struct_site_gen.pdbx_num_res 
_struct_site_gen.label_comp_id 
_struct_site_gen.label_asym_id 
_struct_site_gen.label_seq_id 
_struct_site_gen.pdbx_auth_ins_code 
_struct_site_gen.auth_comp_id 
_struct_site_gen.auth_asym_id 
_struct_site_gen.auth_seq_id 
_struct_site_gen.label_atom_id 
_struct_site_gen.label_alt_id 
_struct_site_gen.symmetry 
_struct_site_gen.details 
1 AC1 8 HIS A 67  ? HIS A 224 . ? 8_555 ? 
2 AC1 8 ALA A 70  ? ALA A 227 . ? 1_555 ? 
3 AC1 8 PHE A 71  ? PHE A 228 . ? 1_555 ? 
4 AC1 8 MET A 74  ? MET A 231 . ? 1_555 ? 
5 AC1 8 ARG A 106 ? ARG A 263 . ? 1_555 ? 
6 AC1 8 THR A 109 ? THR A 266 . ? 1_555 ? 
7 AC1 8 LEU A 110 ? LEU A 267 . ? 1_555 ? 
8 AC1 8 HOH C .   ? HOH A 509 . ? 1_555 ? 
# 
_pdbx_struct_special_symmetry.id              1 
_pdbx_struct_special_symmetry.PDB_model_num   1 
_pdbx_struct_special_symmetry.auth_asym_id    A 
_pdbx_struct_special_symmetry.auth_comp_id    HOH 
_pdbx_struct_special_symmetry.auth_seq_id     526 
_pdbx_struct_special_symmetry.PDB_ins_code    ? 
_pdbx_struct_special_symmetry.label_asym_id   C 
_pdbx_struct_special_symmetry.label_comp_id   HOH 
_pdbx_struct_special_symmetry.label_seq_id    . 
# 
loop_
_pdbx_unobs_or_zero_occ_residues.id 
_pdbx_unobs_or_zero_occ_residues.PDB_model_num 
_pdbx_unobs_or_zero_occ_residues.polymer_flag 
_pdbx_unobs_or_zero_occ_residues.occupancy_flag 
_pdbx_unobs_or_zero_occ_residues.auth_asym_id 
_pdbx_unobs_or_zero_occ_residues.auth_comp_id 
_pdbx_unobs_or_zero_occ_residues.auth_seq_id 
_pdbx_unobs_or_zero_occ_residues.PDB_ins_code 
_pdbx_unobs_or_zero_occ_residues.label_asym_id 
_pdbx_unobs_or_zero_occ_residues.label_comp_id 
_pdbx_unobs_or_zero_occ_residues.label_seq_id 
1  1 Y 1 A MET 158 ? A MET 1   
2  1 Y 1 A HIS 159 ? A HIS 2   
3  1 Y 1 A HIS 160 ? A HIS 3   
4  1 Y 1 A HIS 161 ? A HIS 4   
5  1 Y 1 A HIS 162 ? A HIS 5   
6  1 Y 1 A HIS 163 ? A HIS 6   
7  1 Y 1 A HIS 164 ? A HIS 7   
8  1 Y 1 A LEU 165 ? A LEU 8   
9  1 Y 1 A VAL 166 ? A VAL 9   
10 1 Y 1 A PRO 167 ? A PRO 10  
11 1 Y 1 A ARG 168 ? A ARG 11  
12 1 Y 1 A GLY 169 ? A GLY 12  
13 1 Y 1 A VAL 321 ? A VAL 164 
14 1 Y 1 A GLU 322 ? A GLU 165 
15 1 Y 1 A ASP 323 ? A ASP 166 
16 1 Y 1 A LEU 324 ? A LEU 167 
17 1 Y 1 A GLU 325 ? A GLU 168 
18 1 Y 1 A GLY 326 ? A GLY 169 
19 1 Y 1 A GLY 327 ? A GLY 170 
# 
loop_
_chem_comp_atom.comp_id 
_chem_comp_atom.atom_id 
_chem_comp_atom.type_symbol 
_chem_comp_atom.pdbx_aromatic_flag 
_chem_comp_atom.pdbx_stereo_config 
_chem_comp_atom.pdbx_ordinal 
ALA N    N  N N 1   
ALA CA   C  N S 2   
ALA C    C  N N 3   
ALA O    O  N N 4   
ALA CB   C  N N 5   
ALA OXT  O  N N 6   
ALA H    H  N N 7   
ALA H2   H  N N 8   
ALA HA   H  N N 9   
ALA HB1  H  N N 10  
ALA HB2  H  N N 11  
ALA HB3  H  N N 12  
ALA HXT  H  N N 13  
ARG N    N  N N 14  
ARG CA   C  N S 15  
ARG C    C  N N 16  
ARG O    O  N N 17  
ARG CB   C  N N 18  
ARG CG   C  N N 19  
ARG CD   C  N N 20  
ARG NE   N  N N 21  
ARG CZ   C  N N 22  
ARG NH1  N  N N 23  
ARG NH2  N  N N 24  
ARG OXT  O  N N 25  
ARG H    H  N N 26  
ARG H2   H  N N 27  
ARG HA   H  N N 28  
ARG HB2  H  N N 29  
ARG HB3  H  N N 30  
ARG HG2  H  N N 31  
ARG HG3  H  N N 32  
ARG HD2  H  N N 33  
ARG HD3  H  N N 34  
ARG HE   H  N N 35  
ARG HH11 H  N N 36  
ARG HH12 H  N N 37  
ARG HH21 H  N N 38  
ARG HH22 H  N N 39  
ARG HXT  H  N N 40  
ASN N    N  N N 41  
ASN CA   C  N S 42  
ASN C    C  N N 43  
ASN O    O  N N 44  
ASN CB   C  N N 45  
ASN CG   C  N N 46  
ASN OD1  O  N N 47  
ASN ND2  N  N N 48  
ASN OXT  O  N N 49  
ASN H    H  N N 50  
ASN H2   H  N N 51  
ASN HA   H  N N 52  
ASN HB2  H  N N 53  
ASN HB3  H  N N 54  
ASN HD21 H  N N 55  
ASN HD22 H  N N 56  
ASN HXT  H  N N 57  
ASP N    N  N N 58  
ASP CA   C  N S 59  
ASP C    C  N N 60  
ASP O    O  N N 61  
ASP CB   C  N N 62  
ASP CG   C  N N 63  
ASP OD1  O  N N 64  
ASP OD2  O  N N 65  
ASP OXT  O  N N 66  
ASP H    H  N N 67  
ASP H2   H  N N 68  
ASP HA   H  N N 69  
ASP HB2  H  N N 70  
ASP HB3  H  N N 71  
ASP HD2  H  N N 72  
ASP HXT  H  N N 73  
CYS N    N  N N 74  
CYS CA   C  N R 75  
CYS C    C  N N 76  
CYS O    O  N N 77  
CYS CB   C  N N 78  
CYS SG   S  N N 79  
CYS OXT  O  N N 80  
CYS H    H  N N 81  
CYS H2   H  N N 82  
CYS HA   H  N N 83  
CYS HB2  H  N N 84  
CYS HB3  H  N N 85  
CYS HG   H  N N 86  
CYS HXT  H  N N 87  
GLN N    N  N N 88  
GLN CA   C  N S 89  
GLN C    C  N N 90  
GLN O    O  N N 91  
GLN CB   C  N N 92  
GLN CG   C  N N 93  
GLN CD   C  N N 94  
GLN OE1  O  N N 95  
GLN NE2  N  N N 96  
GLN OXT  O  N N 97  
GLN H    H  N N 98  
GLN H2   H  N N 99  
GLN HA   H  N N 100 
GLN HB2  H  N N 101 
GLN HB3  H  N N 102 
GLN HG2  H  N N 103 
GLN HG3  H  N N 104 
GLN HE21 H  N N 105 
GLN HE22 H  N N 106 
GLN HXT  H  N N 107 
GLU N    N  N N 108 
GLU CA   C  N S 109 
GLU C    C  N N 110 
GLU O    O  N N 111 
GLU CB   C  N N 112 
GLU CG   C  N N 113 
GLU CD   C  N N 114 
GLU OE1  O  N N 115 
GLU OE2  O  N N 116 
GLU OXT  O  N N 117 
GLU H    H  N N 118 
GLU H2   H  N N 119 
GLU HA   H  N N 120 
GLU HB2  H  N N 121 
GLU HB3  H  N N 122 
GLU HG2  H  N N 123 
GLU HG3  H  N N 124 
GLU HE2  H  N N 125 
GLU HXT  H  N N 126 
GLY N    N  N N 127 
GLY CA   C  N N 128 
GLY C    C  N N 129 
GLY O    O  N N 130 
GLY OXT  O  N N 131 
GLY H    H  N N 132 
GLY H2   H  N N 133 
GLY HA2  H  N N 134 
GLY HA3  H  N N 135 
GLY HXT  H  N N 136 
HIS N    N  N N 137 
HIS CA   C  N S 138 
HIS C    C  N N 139 
HIS O    O  N N 140 
HIS CB   C  N N 141 
HIS CG   C  Y N 142 
HIS ND1  N  Y N 143 
HIS CD2  C  Y N 144 
HIS CE1  C  Y N 145 
HIS NE2  N  Y N 146 
HIS OXT  O  N N 147 
HIS H    H  N N 148 
HIS H2   H  N N 149 
HIS HA   H  N N 150 
HIS HB2  H  N N 151 
HIS HB3  H  N N 152 
HIS HD1  H  N N 153 
HIS HD2  H  N N 154 
HIS HE1  H  N N 155 
HIS HE2  H  N N 156 
HIS HXT  H  N N 157 
HOH O    O  N N 158 
HOH H1   H  N N 159 
HOH H2   H  N N 160 
ILE N    N  N N 161 
ILE CA   C  N S 162 
ILE C    C  N N 163 
ILE O    O  N N 164 
ILE CB   C  N S 165 
ILE CG1  C  N N 166 
ILE CG2  C  N N 167 
ILE CD1  C  N N 168 
ILE OXT  O  N N 169 
ILE H    H  N N 170 
ILE H2   H  N N 171 
ILE HA   H  N N 172 
ILE HB   H  N N 173 
ILE HG12 H  N N 174 
ILE HG13 H  N N 175 
ILE HG21 H  N N 176 
ILE HG22 H  N N 177 
ILE HG23 H  N N 178 
ILE HD11 H  N N 179 
ILE HD12 H  N N 180 
ILE HD13 H  N N 181 
ILE HXT  H  N N 182 
JL5 C4   C  Y N 183 
JL5 C8   C  Y N 184 
JL5 N3   N  Y N 185 
JL5 C2   C  Y N 186 
JL5 N1   N  Y N 187 
JL5 C6   C  Y N 188 
JL5 C12  C  N R 189 
JL5 C13  C  N N 190 
JL5 C14  C  N N 191 
JL5 C7   C  Y N 192 
JL5 C9   C  Y N 193 
JL5 C10  C  N N 194 
JL5 C34  C  N N 195 
JL5 C35  C  N N 196 
JL5 N36  N  N N 197 
JL5 C39  C  N N 198 
JL5 C37  C  N N 199 
JL5 C38  C  N N 200 
JL5 N32  N  N N 201 
JL5 C26  C  Y N 202 
JL5 C28  C  Y N 203 
JL5 C25  C  Y N 204 
JL5 O30  O  N N 205 
JL5 C27  C  Y N 206 
JL5 CL   CL N N 207 
JL5 C24  C  Y N 208 
JL5 C29  C  N N 209 
JL5 C23  C  Y N 210 
JL5 C22  C  N N 211 
JL5 S5   S  Y N 212 
JL5 O11  O  N N 213 
JL5 O16  O  N N 214 
JL5 O15  O  N N 215 
JL5 C17  C  Y N 216 
JL5 C18  C  Y N 217 
JL5 C21  C  Y N 218 
JL5 C19  C  Y N 219 
JL5 C20  C  Y N 220 
JL5 C33  C  Y N 221 
JL5 H1   H  N N 222 
JL5 H2   H  N N 223 
JL5 H3   H  N N 224 
JL5 H4   H  N N 225 
JL5 H5   H  N N 226 
JL5 H6   H  N N 227 
JL5 H7   H  N N 228 
JL5 H8   H  N N 229 
JL5 H9   H  N N 230 
JL5 H10  H  N N 231 
JL5 H12  H  N N 232 
JL5 H13  H  N N 233 
JL5 H14  H  N N 234 
JL5 H15  H  N N 235 
JL5 H16  H  N N 236 
JL5 H17  H  N N 237 
JL5 H18  H  N N 238 
JL5 H19  H  N N 239 
JL5 H20  H  N N 240 
JL5 H21  H  N N 241 
JL5 H22  H  N N 242 
JL5 H23  H  N N 243 
JL5 H24  H  N N 244 
JL5 H25  H  N N 245 
JL5 H26  H  N N 246 
JL5 H27  H  N N 247 
JL5 H28  H  N N 248 
JL5 H29  H  N N 249 
JL5 H30  H  N N 250 
JL5 H31  H  N N 251 
JL5 H32  H  N N 252 
LEU N    N  N N 253 
LEU CA   C  N S 254 
LEU C    C  N N 255 
LEU O    O  N N 256 
LEU CB   C  N N 257 
LEU CG   C  N N 258 
LEU CD1  C  N N 259 
LEU CD2  C  N N 260 
LEU OXT  O  N N 261 
LEU H    H  N N 262 
LEU H2   H  N N 263 
LEU HA   H  N N 264 
LEU HB2  H  N N 265 
LEU HB3  H  N N 266 
LEU HG   H  N N 267 
LEU HD11 H  N N 268 
LEU HD12 H  N N 269 
LEU HD13 H  N N 270 
LEU HD21 H  N N 271 
LEU HD22 H  N N 272 
LEU HD23 H  N N 273 
LEU HXT  H  N N 274 
LYS N    N  N N 275 
LYS CA   C  N S 276 
LYS C    C  N N 277 
LYS O    O  N N 278 
LYS CB   C  N N 279 
LYS CG   C  N N 280 
LYS CD   C  N N 281 
LYS CE   C  N N 282 
LYS NZ   N  N N 283 
LYS OXT  O  N N 284 
LYS H    H  N N 285 
LYS H2   H  N N 286 
LYS HA   H  N N 287 
LYS HB2  H  N N 288 
LYS HB3  H  N N 289 
LYS HG2  H  N N 290 
LYS HG3  H  N N 291 
LYS HD2  H  N N 292 
LYS HD3  H  N N 293 
LYS HE2  H  N N 294 
LYS HE3  H  N N 295 
LYS HZ1  H  N N 296 
LYS HZ2  H  N N 297 
LYS HZ3  H  N N 298 
LYS HXT  H  N N 299 
MET N    N  N N 300 
MET CA   C  N S 301 
MET C    C  N N 302 
MET O    O  N N 303 
MET CB   C  N N 304 
MET CG   C  N N 305 
MET SD   S  N N 306 
MET CE   C  N N 307 
MET OXT  O  N N 308 
MET H    H  N N 309 
MET H2   H  N N 310 
MET HA   H  N N 311 
MET HB2  H  N N 312 
MET HB3  H  N N 313 
MET HG2  H  N N 314 
MET HG3  H  N N 315 
MET HE1  H  N N 316 
MET HE2  H  N N 317 
MET HE3  H  N N 318 
MET HXT  H  N N 319 
PHE N    N  N N 320 
PHE CA   C  N S 321 
PHE C    C  N N 322 
PHE O    O  N N 323 
PHE CB   C  N N 324 
PHE CG   C  Y N 325 
PHE CD1  C  Y N 326 
PHE CD2  C  Y N 327 
PHE CE1  C  Y N 328 
PHE CE2  C  Y N 329 
PHE CZ   C  Y N 330 
PHE OXT  O  N N 331 
PHE H    H  N N 332 
PHE H2   H  N N 333 
PHE HA   H  N N 334 
PHE HB2  H  N N 335 
PHE HB3  H  N N 336 
PHE HD1  H  N N 337 
PHE HD2  H  N N 338 
PHE HE1  H  N N 339 
PHE HE2  H  N N 340 
PHE HZ   H  N N 341 
PHE HXT  H  N N 342 
PRO N    N  N N 343 
PRO CA   C  N S 344 
PRO C    C  N N 345 
PRO O    O  N N 346 
PRO CB   C  N N 347 
PRO CG   C  N N 348 
PRO CD   C  N N 349 
PRO OXT  O  N N 350 
PRO H    H  N N 351 
PRO HA   H  N N 352 
PRO HB2  H  N N 353 
PRO HB3  H  N N 354 
PRO HG2  H  N N 355 
PRO HG3  H  N N 356 
PRO HD2  H  N N 357 
PRO HD3  H  N N 358 
PRO HXT  H  N N 359 
SER N    N  N N 360 
SER CA   C  N S 361 
SER C    C  N N 362 
SER O    O  N N 363 
SER CB   C  N N 364 
SER OG   O  N N 365 
SER OXT  O  N N 366 
SER H    H  N N 367 
SER H2   H  N N 368 
SER HA   H  N N 369 
SER HB2  H  N N 370 
SER HB3  H  N N 371 
SER HG   H  N N 372 
SER HXT  H  N N 373 
THR N    N  N N 374 
THR CA   C  N S 375 
THR C    C  N N 376 
THR O    O  N N 377 
THR CB   C  N R 378 
THR OG1  O  N N 379 
THR CG2  C  N N 380 
THR OXT  O  N N 381 
THR H    H  N N 382 
THR H2   H  N N 383 
THR HA   H  N N 384 
THR HB   H  N N 385 
THR HG1  H  N N 386 
THR HG21 H  N N 387 
THR HG22 H  N N 388 
THR HG23 H  N N 389 
THR HXT  H  N N 390 
TRP N    N  N N 391 
TRP CA   C  N S 392 
TRP C    C  N N 393 
TRP O    O  N N 394 
TRP CB   C  N N 395 
TRP CG   C  Y N 396 
TRP CD1  C  Y N 397 
TRP CD2  C  Y N 398 
TRP NE1  N  Y N 399 
TRP CE2  C  Y N 400 
TRP CE3  C  Y N 401 
TRP CZ2  C  Y N 402 
TRP CZ3  C  Y N 403 
TRP CH2  C  Y N 404 
TRP OXT  O  N N 405 
TRP H    H  N N 406 
TRP H2   H  N N 407 
TRP HA   H  N N 408 
TRP HB2  H  N N 409 
TRP HB3  H  N N 410 
TRP HD1  H  N N 411 
TRP HE1  H  N N 412 
TRP HE3  H  N N 413 
TRP HZ2  H  N N 414 
TRP HZ3  H  N N 415 
TRP HH2  H  N N 416 
TRP HXT  H  N N 417 
TYR N    N  N N 418 
TYR CA   C  N S 419 
TYR C    C  N N 420 
TYR O    O  N N 421 
TYR CB   C  N N 422 
TYR CG   C  Y N 423 
TYR CD1  C  Y N 424 
TYR CD2  C  Y N 425 
TYR CE1  C  Y N 426 
TYR CE2  C  Y N 427 
TYR CZ   C  Y N 428 
TYR OH   O  N N 429 
TYR OXT  O  N N 430 
TYR H    H  N N 431 
TYR H2   H  N N 432 
TYR HA   H  N N 433 
TYR HB2  H  N N 434 
TYR HB3  H  N N 435 
TYR HD1  H  N N 436 
TYR HD2  H  N N 437 
TYR HE1  H  N N 438 
TYR HE2  H  N N 439 
TYR HH   H  N N 440 
TYR HXT  H  N N 441 
VAL N    N  N N 442 
VAL CA   C  N S 443 
VAL C    C  N N 444 
VAL O    O  N N 445 
VAL CB   C  N N 446 
VAL CG1  C  N N 447 
VAL CG2  C  N N 448 
VAL OXT  O  N N 449 
VAL H    H  N N 450 
VAL H2   H  N N 451 
VAL HA   H  N N 452 
VAL HB   H  N N 453 
VAL HG11 H  N N 454 
VAL HG12 H  N N 455 
VAL HG13 H  N N 456 
VAL HG21 H  N N 457 
VAL HG22 H  N N 458 
VAL HG23 H  N N 459 
VAL HXT  H  N N 460 
# 
loop_
_chem_comp_bond.comp_id 
_chem_comp_bond.atom_id_1 
_chem_comp_bond.atom_id_2 
_chem_comp_bond.value_order 
_chem_comp_bond.pdbx_aromatic_flag 
_chem_comp_bond.pdbx_stereo_config 
_chem_comp_bond.pdbx_ordinal 
ALA N   CA   sing N N 1   
ALA N   H    sing N N 2   
ALA N   H2   sing N N 3   
ALA CA  C    sing N N 4   
ALA CA  CB   sing N N 5   
ALA CA  HA   sing N N 6   
ALA C   O    doub N N 7   
ALA C   OXT  sing N N 8   
ALA CB  HB1  sing N N 9   
ALA CB  HB2  sing N N 10  
ALA CB  HB3  sing N N 11  
ALA OXT HXT  sing N N 12  
ARG N   CA   sing N N 13  
ARG N   H    sing N N 14  
ARG N   H2   sing N N 15  
ARG CA  C    sing N N 16  
ARG CA  CB   sing N N 17  
ARG CA  HA   sing N N 18  
ARG C   O    doub N N 19  
ARG C   OXT  sing N N 20  
ARG CB  CG   sing N N 21  
ARG CB  HB2  sing N N 22  
ARG CB  HB3  sing N N 23  
ARG CG  CD   sing N N 24  
ARG CG  HG2  sing N N 25  
ARG CG  HG3  sing N N 26  
ARG CD  NE   sing N N 27  
ARG CD  HD2  sing N N 28  
ARG CD  HD3  sing N N 29  
ARG NE  CZ   sing N N 30  
ARG NE  HE   sing N N 31  
ARG CZ  NH1  sing N N 32  
ARG CZ  NH2  doub N N 33  
ARG NH1 HH11 sing N N 34  
ARG NH1 HH12 sing N N 35  
ARG NH2 HH21 sing N N 36  
ARG NH2 HH22 sing N N 37  
ARG OXT HXT  sing N N 38  
ASN N   CA   sing N N 39  
ASN N   H    sing N N 40  
ASN N   H2   sing N N 41  
ASN CA  C    sing N N 42  
ASN CA  CB   sing N N 43  
ASN CA  HA   sing N N 44  
ASN C   O    doub N N 45  
ASN C   OXT  sing N N 46  
ASN CB  CG   sing N N 47  
ASN CB  HB2  sing N N 48  
ASN CB  HB3  sing N N 49  
ASN CG  OD1  doub N N 50  
ASN CG  ND2  sing N N 51  
ASN ND2 HD21 sing N N 52  
ASN ND2 HD22 sing N N 53  
ASN OXT HXT  sing N N 54  
ASP N   CA   sing N N 55  
ASP N   H    sing N N 56  
ASP N   H2   sing N N 57  
ASP CA  C    sing N N 58  
ASP CA  CB   sing N N 59  
ASP CA  HA   sing N N 60  
ASP C   O    doub N N 61  
ASP C   OXT  sing N N 62  
ASP CB  CG   sing N N 63  
ASP CB  HB2  sing N N 64  
ASP CB  HB3  sing N N 65  
ASP CG  OD1  doub N N 66  
ASP CG  OD2  sing N N 67  
ASP OD2 HD2  sing N N 68  
ASP OXT HXT  sing N N 69  
CYS N   CA   sing N N 70  
CYS N   H    sing N N 71  
CYS N   H2   sing N N 72  
CYS CA  C    sing N N 73  
CYS CA  CB   sing N N 74  
CYS CA  HA   sing N N 75  
CYS C   O    doub N N 76  
CYS C   OXT  sing N N 77  
CYS CB  SG   sing N N 78  
CYS CB  HB2  sing N N 79  
CYS CB  HB3  sing N N 80  
CYS SG  HG   sing N N 81  
CYS OXT HXT  sing N N 82  
GLN N   CA   sing N N 83  
GLN N   H    sing N N 84  
GLN N   H2   sing N N 85  
GLN CA  C    sing N N 86  
GLN CA  CB   sing N N 87  
GLN CA  HA   sing N N 88  
GLN C   O    doub N N 89  
GLN C   OXT  sing N N 90  
GLN CB  CG   sing N N 91  
GLN CB  HB2  sing N N 92  
GLN CB  HB3  sing N N 93  
GLN CG  CD   sing N N 94  
GLN CG  HG2  sing N N 95  
GLN CG  HG3  sing N N 96  
GLN CD  OE1  doub N N 97  
GLN CD  NE2  sing N N 98  
GLN NE2 HE21 sing N N 99  
GLN NE2 HE22 sing N N 100 
GLN OXT HXT  sing N N 101 
GLU N   CA   sing N N 102 
GLU N   H    sing N N 103 
GLU N   H2   sing N N 104 
GLU CA  C    sing N N 105 
GLU CA  CB   sing N N 106 
GLU CA  HA   sing N N 107 
GLU C   O    doub N N 108 
GLU C   OXT  sing N N 109 
GLU CB  CG   sing N N 110 
GLU CB  HB2  sing N N 111 
GLU CB  HB3  sing N N 112 
GLU CG  CD   sing N N 113 
GLU CG  HG2  sing N N 114 
GLU CG  HG3  sing N N 115 
GLU CD  OE1  doub N N 116 
GLU CD  OE2  sing N N 117 
GLU OE2 HE2  sing N N 118 
GLU OXT HXT  sing N N 119 
GLY N   CA   sing N N 120 
GLY N   H    sing N N 121 
GLY N   H2   sing N N 122 
GLY CA  C    sing N N 123 
GLY CA  HA2  sing N N 124 
GLY CA  HA3  sing N N 125 
GLY C   O    doub N N 126 
GLY C   OXT  sing N N 127 
GLY OXT HXT  sing N N 128 
HIS N   CA   sing N N 129 
HIS N   H    sing N N 130 
HIS N   H2   sing N N 131 
HIS CA  C    sing N N 132 
HIS CA  CB   sing N N 133 
HIS CA  HA   sing N N 134 
HIS C   O    doub N N 135 
HIS C   OXT  sing N N 136 
HIS CB  CG   sing N N 137 
HIS CB  HB2  sing N N 138 
HIS CB  HB3  sing N N 139 
HIS CG  ND1  sing Y N 140 
HIS CG  CD2  doub Y N 141 
HIS ND1 CE1  doub Y N 142 
HIS ND1 HD1  sing N N 143 
HIS CD2 NE2  sing Y N 144 
HIS CD2 HD2  sing N N 145 
HIS CE1 NE2  sing Y N 146 
HIS CE1 HE1  sing N N 147 
HIS NE2 HE2  sing N N 148 
HIS OXT HXT  sing N N 149 
HOH O   H1   sing N N 150 
HOH O   H2   sing N N 151 
ILE N   CA   sing N N 152 
ILE N   H    sing N N 153 
ILE N   H2   sing N N 154 
ILE CA  C    sing N N 155 
ILE CA  CB   sing N N 156 
ILE CA  HA   sing N N 157 
ILE C   O    doub N N 158 
ILE C   OXT  sing N N 159 
ILE CB  CG1  sing N N 160 
ILE CB  CG2  sing N N 161 
ILE CB  HB   sing N N 162 
ILE CG1 CD1  sing N N 163 
ILE CG1 HG12 sing N N 164 
ILE CG1 HG13 sing N N 165 
ILE CG2 HG21 sing N N 166 
ILE CG2 HG22 sing N N 167 
ILE CG2 HG23 sing N N 168 
ILE CD1 HD11 sing N N 169 
ILE CD1 HD12 sing N N 170 
ILE CD1 HD13 sing N N 171 
ILE OXT HXT  sing N N 172 
JL5 N3  C2   doub Y N 173 
JL5 N3  C9   sing Y N 174 
JL5 S5  C9   sing Y N 175 
JL5 S5  C6   sing Y N 176 
JL5 C22 C10  sing N N 177 
JL5 C2  N1   sing Y N 178 
JL5 C9  C8   doub Y N 179 
JL5 C6  C10  sing N N 180 
JL5 C6  C7   doub Y N 181 
JL5 N1  C4   doub Y N 182 
JL5 C8  C7   sing Y N 183 
JL5 C8  C4   sing Y N 184 
JL5 C7  C23  sing N N 185 
JL5 C4  O11  sing N N 186 
JL5 O16 C14  doub N N 187 
JL5 C14 O15  sing N N 188 
JL5 C14 C12  sing N N 189 
JL5 C23 C28  doub Y N 190 
JL5 C23 C24  sing Y N 191 
JL5 O11 C12  sing N N 192 
JL5 C28 C26  sing Y N 193 
JL5 C12 C13  sing N N 194 
JL5 C34 C35  sing N N 195 
JL5 C34 N32  sing N N 196 
JL5 C29 C24  sing N N 197 
JL5 C35 N36  sing N N 198 
JL5 C24 C27  doub Y N 199 
JL5 N36 C39  sing N N 200 
JL5 N36 C37  sing N N 201 
JL5 C26 N32  sing N N 202 
JL5 C26 C25  doub Y N 203 
JL5 N32 C38  sing N N 204 
JL5 C13 C17  sing N N 205 
JL5 C27 C25  sing Y N 206 
JL5 C27 CL   sing N N 207 
JL5 C25 O30  sing N N 208 
JL5 C38 C37  sing N N 209 
JL5 C17 C33  doub Y N 210 
JL5 C17 C18  sing Y N 211 
JL5 C33 C20  sing Y N 212 
JL5 C18 C21  doub Y N 213 
JL5 C20 C19  doub Y N 214 
JL5 C21 C19  sing Y N 215 
JL5 C2  H1   sing N N 216 
JL5 C12 H2   sing N N 217 
JL5 C13 H3   sing N N 218 
JL5 C13 H4   sing N N 219 
JL5 C10 H5   sing N N 220 
JL5 C10 H6   sing N N 221 
JL5 C34 H7   sing N N 222 
JL5 C34 H8   sing N N 223 
JL5 C35 H9   sing N N 224 
JL5 C35 H10  sing N N 225 
JL5 C39 H12  sing N N 226 
JL5 C39 H13  sing N N 227 
JL5 C39 H14  sing N N 228 
JL5 C37 H15  sing N N 229 
JL5 C37 H16  sing N N 230 
JL5 C38 H17  sing N N 231 
JL5 C38 H18  sing N N 232 
JL5 C28 H19  sing N N 233 
JL5 O30 H20  sing N N 234 
JL5 C29 H21  sing N N 235 
JL5 C29 H22  sing N N 236 
JL5 C29 H23  sing N N 237 
JL5 C22 H24  sing N N 238 
JL5 C22 H25  sing N N 239 
JL5 C22 H26  sing N N 240 
JL5 O15 H27  sing N N 241 
JL5 C18 H28  sing N N 242 
JL5 C21 H29  sing N N 243 
JL5 C19 H30  sing N N 244 
JL5 C20 H31  sing N N 245 
JL5 C33 H32  sing N N 246 
LEU N   CA   sing N N 247 
LEU N   H    sing N N 248 
LEU N   H2   sing N N 249 
LEU CA  C    sing N N 250 
LEU CA  CB   sing N N 251 
LEU CA  HA   sing N N 252 
LEU C   O    doub N N 253 
LEU C   OXT  sing N N 254 
LEU CB  CG   sing N N 255 
LEU CB  HB2  sing N N 256 
LEU CB  HB3  sing N N 257 
LEU CG  CD1  sing N N 258 
LEU CG  CD2  sing N N 259 
LEU CG  HG   sing N N 260 
LEU CD1 HD11 sing N N 261 
LEU CD1 HD12 sing N N 262 
LEU CD1 HD13 sing N N 263 
LEU CD2 HD21 sing N N 264 
LEU CD2 HD22 sing N N 265 
LEU CD2 HD23 sing N N 266 
LEU OXT HXT  sing N N 267 
LYS N   CA   sing N N 268 
LYS N   H    sing N N 269 
LYS N   H2   sing N N 270 
LYS CA  C    sing N N 271 
LYS CA  CB   sing N N 272 
LYS CA  HA   sing N N 273 
LYS C   O    doub N N 274 
LYS C   OXT  sing N N 275 
LYS CB  CG   sing N N 276 
LYS CB  HB2  sing N N 277 
LYS CB  HB3  sing N N 278 
LYS CG  CD   sing N N 279 
LYS CG  HG2  sing N N 280 
LYS CG  HG3  sing N N 281 
LYS CD  CE   sing N N 282 
LYS CD  HD2  sing N N 283 
LYS CD  HD3  sing N N 284 
LYS CE  NZ   sing N N 285 
LYS CE  HE2  sing N N 286 
LYS CE  HE3  sing N N 287 
LYS NZ  HZ1  sing N N 288 
LYS NZ  HZ2  sing N N 289 
LYS NZ  HZ3  sing N N 290 
LYS OXT HXT  sing N N 291 
MET N   CA   sing N N 292 
MET N   H    sing N N 293 
MET N   H2   sing N N 294 
MET CA  C    sing N N 295 
MET CA  CB   sing N N 296 
MET CA  HA   sing N N 297 
MET C   O    doub N N 298 
MET C   OXT  sing N N 299 
MET CB  CG   sing N N 300 
MET CB  HB2  sing N N 301 
MET CB  HB3  sing N N 302 
MET CG  SD   sing N N 303 
MET CG  HG2  sing N N 304 
MET CG  HG3  sing N N 305 
MET SD  CE   sing N N 306 
MET CE  HE1  sing N N 307 
MET CE  HE2  sing N N 308 
MET CE  HE3  sing N N 309 
MET OXT HXT  sing N N 310 
PHE N   CA   sing N N 311 
PHE N   H    sing N N 312 
PHE N   H2   sing N N 313 
PHE CA  C    sing N N 314 
PHE CA  CB   sing N N 315 
PHE CA  HA   sing N N 316 
PHE C   O    doub N N 317 
PHE C   OXT  sing N N 318 
PHE CB  CG   sing N N 319 
PHE CB  HB2  sing N N 320 
PHE CB  HB3  sing N N 321 
PHE CG  CD1  doub Y N 322 
PHE CG  CD2  sing Y N 323 
PHE CD1 CE1  sing Y N 324 
PHE CD1 HD1  sing N N 325 
PHE CD2 CE2  doub Y N 326 
PHE CD2 HD2  sing N N 327 
PHE CE1 CZ   doub Y N 328 
PHE CE1 HE1  sing N N 329 
PHE CE2 CZ   sing Y N 330 
PHE CE2 HE2  sing N N 331 
PHE CZ  HZ   sing N N 332 
PHE OXT HXT  sing N N 333 
PRO N   CA   sing N N 334 
PRO N   CD   sing N N 335 
PRO N   H    sing N N 336 
PRO CA  C    sing N N 337 
PRO CA  CB   sing N N 338 
PRO CA  HA   sing N N 339 
PRO C   O    doub N N 340 
PRO C   OXT  sing N N 341 
PRO CB  CG   sing N N 342 
PRO CB  HB2  sing N N 343 
PRO CB  HB3  sing N N 344 
PRO CG  CD   sing N N 345 
PRO CG  HG2  sing N N 346 
PRO CG  HG3  sing N N 347 
PRO CD  HD2  sing N N 348 
PRO CD  HD3  sing N N 349 
PRO OXT HXT  sing N N 350 
SER N   CA   sing N N 351 
SER N   H    sing N N 352 
SER N   H2   sing N N 353 
SER CA  C    sing N N 354 
SER CA  CB   sing N N 355 
SER CA  HA   sing N N 356 
SER C   O    doub N N 357 
SER C   OXT  sing N N 358 
SER CB  OG   sing N N 359 
SER CB  HB2  sing N N 360 
SER CB  HB3  sing N N 361 
SER OG  HG   sing N N 362 
SER OXT HXT  sing N N 363 
THR N   CA   sing N N 364 
THR N   H    sing N N 365 
THR N   H2   sing N N 366 
THR CA  C    sing N N 367 
THR CA  CB   sing N N 368 
THR CA  HA   sing N N 369 
THR C   O    doub N N 370 
THR C   OXT  sing N N 371 
THR CB  OG1  sing N N 372 
THR CB  CG2  sing N N 373 
THR CB  HB   sing N N 374 
THR OG1 HG1  sing N N 375 
THR CG2 HG21 sing N N 376 
THR CG2 HG22 sing N N 377 
THR CG2 HG23 sing N N 378 
THR OXT HXT  sing N N 379 
TRP N   CA   sing N N 380 
TRP N   H    sing N N 381 
TRP N   H2   sing N N 382 
TRP CA  C    sing N N 383 
TRP CA  CB   sing N N 384 
TRP CA  HA   sing N N 385 
TRP C   O    doub N N 386 
TRP C   OXT  sing N N 387 
TRP CB  CG   sing N N 388 
TRP CB  HB2  sing N N 389 
TRP CB  HB3  sing N N 390 
TRP CG  CD1  doub Y N 391 
TRP CG  CD2  sing Y N 392 
TRP CD1 NE1  sing Y N 393 
TRP CD1 HD1  sing N N 394 
TRP CD2 CE2  doub Y N 395 
TRP CD2 CE3  sing Y N 396 
TRP NE1 CE2  sing Y N 397 
TRP NE1 HE1  sing N N 398 
TRP CE2 CZ2  sing Y N 399 
TRP CE3 CZ3  doub Y N 400 
TRP CE3 HE3  sing N N 401 
TRP CZ2 CH2  doub Y N 402 
TRP CZ2 HZ2  sing N N 403 
TRP CZ3 CH2  sing Y N 404 
TRP CZ3 HZ3  sing N N 405 
TRP CH2 HH2  sing N N 406 
TRP OXT HXT  sing N N 407 
TYR N   CA   sing N N 408 
TYR N   H    sing N N 409 
TYR N   H2   sing N N 410 
TYR CA  C    sing N N 411 
TYR CA  CB   sing N N 412 
TYR CA  HA   sing N N 413 
TYR C   O    doub N N 414 
TYR C   OXT  sing N N 415 
TYR CB  CG   sing N N 416 
TYR CB  HB2  sing N N 417 
TYR CB  HB3  sing N N 418 
TYR CG  CD1  doub Y N 419 
TYR CG  CD2  sing Y N 420 
TYR CD1 CE1  sing Y N 421 
TYR CD1 HD1  sing N N 422 
TYR CD2 CE2  doub Y N 423 
TYR CD2 HD2  sing N N 424 
TYR CE1 CZ   doub Y N 425 
TYR CE1 HE1  sing N N 426 
TYR CE2 CZ   sing Y N 427 
TYR CE2 HE2  sing N N 428 
TYR CZ  OH   sing N N 429 
TYR OH  HH   sing N N 430 
TYR OXT HXT  sing N N 431 
VAL N   CA   sing N N 432 
VAL N   H    sing N N 433 
VAL N   H2   sing N N 434 
VAL CA  C    sing N N 435 
VAL CA  CB   sing N N 436 
VAL CA  HA   sing N N 437 
VAL C   O    doub N N 438 
VAL C   OXT  sing N N 439 
VAL CB  CG1  sing N N 440 
VAL CB  CG2  sing N N 441 
VAL CB  HB   sing N N 442 
VAL CG1 HG11 sing N N 443 
VAL CG1 HG12 sing N N 444 
VAL CG1 HG13 sing N N 445 
VAL CG2 HG21 sing N N 446 
VAL CG2 HG22 sing N N 447 
VAL CG2 HG23 sing N N 448 
VAL OXT HXT  sing N N 449 
# 
_pdbx_entity_instance_feature.ordinal        1 
_pdbx_entity_instance_feature.comp_id        JL5 
_pdbx_entity_instance_feature.asym_id        ? 
_pdbx_entity_instance_feature.seq_num        ? 
_pdbx_entity_instance_feature.auth_comp_id   JL5 
_pdbx_entity_instance_feature.auth_asym_id   ? 
_pdbx_entity_instance_feature.auth_seq_num   ? 
_pdbx_entity_instance_feature.feature_type   'SUBJECT OF INVESTIGATION' 
_pdbx_entity_instance_feature.details        ? 
# 
_pdbx_initial_refinement_model.id               1 
_pdbx_initial_refinement_model.entity_id_list   ? 
_pdbx_initial_refinement_model.type             'experimental model' 
_pdbx_initial_refinement_model.source_name      PDB 
_pdbx_initial_refinement_model.accession_code   6QFQ 
_pdbx_initial_refinement_model.details          ? 
# 
_atom_sites.entry_id                    6QYP 
_atom_sites.fract_transf_matrix[1][1]   0.02484377 
_atom_sites.fract_transf_matrix[1][2]   0.01431699 
_atom_sites.fract_transf_matrix[1][3]   -0.00206962 
_atom_sites.fract_transf_matrix[2][1]   0.00046106 
_atom_sites.fract_transf_matrix[2][2]   0.02642933 
_atom_sites.fract_transf_matrix[2][3]   -0.01130411 
_atom_sites.fract_transf_matrix[3][1]   -0.00045670 
_atom_sites.fract_transf_matrix[3][2]   0.00119302 
_atom_sites.fract_transf_matrix[3][3]   0.00277069 
_atom_sites.fract_transf_vector[1]      0.097788 
_atom_sites.fract_transf_vector[2]      0.245288 
_atom_sites.fract_transf_vector[3]      -0.038424 
# 
loop_
_atom_type.symbol 
C  
CL 
N  
O  
S  
# 
loop_
_atom_site.group_PDB 
_atom_site.id 
_atom_site.type_symbol 
_atom_site.label_atom_id 
_atom_site.label_alt_id 
_atom_site.label_comp_id 
_atom_site.label_asym_id 
_atom_site.label_entity_id 
_atom_site.label_seq_id 
_atom_site.pdbx_PDB_ins_code 
_atom_site.Cartn_x 
_atom_site.Cartn_y 
_atom_site.Cartn_z 
_atom_site.occupancy 
_atom_site.B_iso_or_equiv 
_atom_site.pdbx_formal_charge 
_atom_site.auth_seq_id 
_atom_site.auth_comp_id 
_atom_site.auth_asym_id 
_atom_site.auth_atom_id 
_atom_site.pdbx_PDB_model_num 
ATOM   1    N  N   . SER A 1 13  ? 1.802   -8.632  -18.580 1.00 88.14  ? 170 SER A N   1 
ATOM   2    C  CA  . SER A 1 13  ? 0.332   -8.608  -18.863 1.00 88.70  ? 170 SER A CA  1 
ATOM   3    C  C   . SER A 1 13  ? -0.287  -9.934  -18.405 1.00 79.95  ? 170 SER A C   1 
ATOM   4    O  O   . SER A 1 13  ? 0.476   -10.839 -18.018 1.00 89.15  ? 170 SER A O   1 
ATOM   5    C  CB  . SER A 1 13  ? 0.059   -8.333  -20.324 1.00 91.26  ? 170 SER A CB  1 
ATOM   6    O  OG  . SER A 1 13  ? 0.816   -7.219  -20.779 1.00 93.90  ? 170 SER A OG  1 
ATOM   7    N  N   . GLU A 1 14  ? -1.616  -10.036 -18.410 1.00 74.58  ? 171 GLU A N   1 
ATOM   8    C  CA  . GLU A 1 14  ? -2.352  -11.292 -18.084 1.00 73.53  ? 171 GLU A CA  1 
ATOM   9    C  C   . GLU A 1 14  ? -2.057  -11.672 -16.628 1.00 58.39  ? 171 GLU A C   1 
ATOM   10   O  O   . GLU A 1 14  ? -1.754  -12.841 -16.348 1.00 51.45  ? 171 GLU A O   1 
ATOM   11   C  CB  . GLU A 1 14  ? -1.968  -12.397 -19.074 1.00 82.01  ? 171 GLU A CB  1 
ATOM   12   C  CG  . GLU A 1 14  ? -2.928  -13.565 -19.113 1.00 86.66  ? 171 GLU A CG  1 
ATOM   13   C  CD  . GLU A 1 14  ? -3.405  -13.927 -20.514 1.00 100.46 ? 171 GLU A CD  1 
ATOM   14   O  OE1 . GLU A 1 14  ? -2.544  -14.160 -21.414 1.00 86.85  ? 171 GLU A OE1 1 
ATOM   15   O  OE2 . GLU A 1 14  ? -4.642  -13.969 -20.704 1.00 104.32 ? 171 GLU A OE2 1 
ATOM   16   N  N   . ASP A 1 15  ? -2.163  -10.684 -15.738 1.00 57.76  ? 172 ASP A N   1 
ATOM   17   C  CA  . ASP A 1 15  ? -2.119  -10.846 -14.265 1.00 57.58  ? 172 ASP A CA  1 
ATOM   18   C  C   . ASP A 1 15  ? -3.020  -9.769  -13.628 1.00 54.15  ? 172 ASP A C   1 
ATOM   19   O  O   . ASP A 1 15  ? -2.487  -8.723  -13.214 1.00 52.92  ? 172 ASP A O   1 
ATOM   20   C  CB  . ASP A 1 15  ? -0.665  -10.820 -13.773 1.00 45.11  ? 172 ASP A CB  1 
ATOM   21   C  CG  . ASP A 1 15  ? -0.543  -11.102 -12.289 1.00 52.29  ? 172 ASP A CG  1 
ATOM   22   O  OD1 . ASP A 1 15  ? -1.603  -11.264 -11.633 1.00 50.80  ? 172 ASP A OD1 1 
ATOM   23   O  OD2 . ASP A 1 15  ? 0.613   -11.135 -11.790 1.00 56.44  ? 172 ASP A OD2 1 
ATOM   24   N  N   . GLU A 1 16  ? -4.323  -10.048 -13.519 1.00 54.40  ? 173 GLU A N   1 
ATOM   25   C  CA  . GLU A 1 16  ? -5.367  -9.120  -12.990 1.00 58.20  ? 173 GLU A CA  1 
ATOM   26   C  C   . GLU A 1 16  ? -5.106  -8.808  -11.515 1.00 49.86  ? 173 GLU A C   1 
ATOM   27   O  O   . GLU A 1 16  ? -5.170  -7.655  -11.125 1.00 53.45  ? 173 GLU A O   1 
ATOM   28   C  CB  . GLU A 1 16  ? -6.757  -9.729  -13.167 1.00 58.43  ? 173 GLU A CB  1 
ATOM   29   C  CG  . GLU A 1 16  ? -7.338  -9.374  -14.521 1.00 74.76  ? 173 GLU A CG  1 
ATOM   30   C  CD  . GLU A 1 16  ? -7.433  -7.874  -14.759 1.00 83.86  ? 173 GLU A CD  1 
ATOM   31   O  OE1 . GLU A 1 16  ? -6.868  -7.400  -15.765 1.00 84.82  ? 173 GLU A OE1 1 
ATOM   32   O  OE2 . GLU A 1 16  ? -8.042  -7.174  -13.909 1.00 87.63  ? 173 GLU A OE2 1 
ATOM   33   N  N   . LEU A 1 17  ? -4.750  -9.815  -10.737 1.00 43.82  ? 174 LEU A N   1 
ATOM   34   C  CA  . LEU A 1 17  ? -4.468  -9.595  -9.323  1.00 49.51  ? 174 LEU A CA  1 
ATOM   35   C  C   . LEU A 1 17  ? -3.383  -8.525  -9.185  1.00 56.22  ? 174 LEU A C   1 
ATOM   36   O  O   . LEU A 1 17  ? -3.587  -7.592  -8.389  1.00 64.65  ? 174 LEU A O   1 
ATOM   37   C  CB  . LEU A 1 17  ? -4.079  -10.913 -8.675  1.00 48.20  ? 174 LEU A CB  1 
ATOM   38   C  CG  . LEU A 1 17  ? -3.801  -10.779 -7.191  1.00 48.86  ? 174 LEU A CG  1 
ATOM   39   C  CD1 . LEU A 1 17  ? -4.976  -10.078 -6.508  1.00 52.06  ? 174 LEU A CD1 1 
ATOM   40   C  CD2 . LEU A 1 17  ? -3.541  -12.133 -6.567  1.00 50.31  ? 174 LEU A CD2 1 
ATOM   41   N  N   . TYR A 1 18  ? -2.283  -8.637  -9.927  1.00 58.59  ? 175 TYR A N   1 
ATOM   42   C  CA  . TYR A 1 18  ? -1.169  -7.659  -9.857  1.00 54.16  ? 175 TYR A CA  1 
ATOM   43   C  C   . TYR A 1 18  ? -1.679  -6.281  -10.277 1.00 54.62  ? 175 TYR A C   1 
ATOM   44   O  O   . TYR A 1 18  ? -1.425  -5.312  -9.545  1.00 47.18  ? 175 TYR A O   1 
ATOM   45   C  CB  . TYR A 1 18  ? 0.039   -8.027  -10.725 1.00 54.29  ? 175 TYR A CB  1 
ATOM   46   C  CG  . TYR A 1 18  ? 1.190   -7.071  -10.521 1.00 51.97  ? 175 TYR A CG  1 
ATOM   47   C  CD1 . TYR A 1 18  ? 2.068   -7.237  -9.465  1.00 52.98  ? 175 TYR A CD1 1 
ATOM   48   C  CD2 . TYR A 1 18  ? 1.346   -5.957  -11.325 1.00 54.12  ? 175 TYR A CD2 1 
ATOM   49   C  CE1 . TYR A 1 18  ? 3.100   -6.346  -9.243  1.00 61.75  ? 175 TYR A CE1 1 
ATOM   50   C  CE2 . TYR A 1 18  ? 2.362   -5.042  -11.106 1.00 60.53  ? 175 TYR A CE2 1 
ATOM   51   C  CZ  . TYR A 1 18  ? 3.247   -5.241  -10.062 1.00 62.46  ? 175 TYR A CZ  1 
ATOM   52   O  OH  . TYR A 1 18  ? 4.271   -4.364  -9.837  1.00 67.69  ? 175 TYR A OH  1 
ATOM   53   N  N   . ARG A 1 19  ? -2.334  -6.204  -11.434 1.00 50.57  ? 176 ARG A N   1 
ATOM   54   C  CA  . ARG A 1 19  ? -2.796  -4.924  -12.037 1.00 54.27  ? 176 ARG A CA  1 
ATOM   55   C  C   . ARG A 1 19  ? -3.779  -4.215  -11.084 1.00 57.52  ? 176 ARG A C   1 
ATOM   56   O  O   . ARG A 1 19  ? -3.623  -3.017  -10.875 1.00 54.30  ? 176 ARG A O   1 
ATOM   57   C  CB  . ARG A 1 19  ? -3.463  -5.197  -13.385 1.00 52.85  ? 176 ARG A CB  1 
ATOM   58   C  CG  . ARG A 1 19  ? -3.774  -3.947  -14.196 1.00 59.15  ? 176 ARG A CG  1 
ATOM   59   C  CD  . ARG A 1 19  ? -4.981  -4.136  -15.097 1.00 66.07  ? 176 ARG A CD  1 
ATOM   60   N  NE  . ARG A 1 19  ? -6.168  -4.534  -14.355 1.00 69.02  ? 176 ARG A NE  1 
ATOM   61   C  CZ  . ARG A 1 19  ? -6.948  -3.706  -13.662 1.00 80.42  ? 176 ARG A CZ  1 
ATOM   62   N  NH1 . ARG A 1 19  ? -7.992  -4.183  -13.008 1.00 73.42  ? 176 ARG A NH1 1 
ATOM   63   N  NH2 . ARG A 1 19  ? -6.685  -2.409  -13.608 1.00 85.33  ? 176 ARG A NH2 1 
ATOM   64   N  N   . GLN A 1 20  ? -4.771  -4.938  -10.553 1.00 53.27  ? 177 GLN A N   1 
ATOM   65   C  CA  . GLN A 1 20  ? -5.781  -4.401  -9.610  1.00 56.05  ? 177 GLN A CA  1 
ATOM   66   C  C   . GLN A 1 20  ? -5.065  -3.877  -8.352  1.00 53.09  ? 177 GLN A C   1 
ATOM   67   O  O   . GLN A 1 20  ? -5.300  -2.726  -7.960  1.00 52.52  ? 177 GLN A O   1 
ATOM   68   C  CB  . GLN A 1 20  ? -6.809  -5.485  -9.279  1.00 56.10  ? 177 GLN A CB  1 
ATOM   69   C  CG  . GLN A 1 20  ? -8.128  -4.901  -8.801  1.00 62.37  ? 177 GLN A CG  1 
ATOM   70   C  CD  . GLN A 1 20  ? -9.141  -5.913  -8.325  1.00 64.63  ? 177 GLN A CD  1 
ATOM   71   O  OE1 . GLN A 1 20  ? -10.321 -5.600  -8.186  1.00 71.00  ? 177 GLN A OE1 1 
ATOM   72   N  NE2 . GLN A 1 20  ? -8.693  -7.122  -8.034  1.00 54.06  ? 177 GLN A NE2 1 
ATOM   73   N  N   . SER A 1 21  ? -4.209  -4.708  -7.754  1.00 47.03  ? 178 SER A N   1 
ATOM   74   C  CA  . SER A 1 21  ? -3.388  -4.393  -6.567  1.00 43.88  ? 178 SER A CA  1 
ATOM   75   C  C   . SER A 1 21  ? -2.638  -3.076  -6.775  1.00 56.58  ? 178 SER A C   1 
ATOM   76   O  O   . SER A 1 21  ? -2.710  -2.225  -5.851  1.00 52.37  ? 178 SER A O   1 
ATOM   77   C  CB  . SER A 1 21  ? -2.476  -5.518  -6.236  1.00 44.56  ? 178 SER A CB  1 
ATOM   78   O  OG  . SER A 1 21  ? -3.262  -6.677  -5.957  1.00 43.94  ? 178 SER A OG  1 
ATOM   79   N  N   . LEU A 1 22  ? -1.993  -2.885  -7.935  1.00 50.29  ? 179 LEU A N   1 
ATOM   80   C  CA  . LEU A 1 22  ? -1.179  -1.670  -8.192  1.00 57.91  ? 179 LEU A CA  1 
ATOM   81   C  C   . LEU A 1 22  ? -2.103  -0.455  -8.335  1.00 58.21  ? 179 LEU A C   1 
ATOM   82   O  O   . LEU A 1 22  ? -1.775  0.596   -7.773  1.00 51.74  ? 179 LEU A O   1 
ATOM   83   C  CB  . LEU A 1 22  ? -0.331  -1.852  -9.444  1.00 53.17  ? 179 LEU A CB  1 
ATOM   84   C  CG  . LEU A 1 22  ? 0.592   -0.684  -9.779  1.00 54.57  ? 179 LEU A CG  1 
ATOM   85   C  CD1 . LEU A 1 22  ? 1.692   -0.552  -8.753  1.00 51.49  ? 179 LEU A CD1 1 
ATOM   86   C  CD2 . LEU A 1 22  ? 1.182   -0.845  -11.180 1.00 59.33  ? 179 LEU A CD2 1 
ATOM   87   N  N   . GLU A 1 23  ? -3.211  -0.600  -9.063  1.00 55.82  ? 180 GLU A N   1 
ATOM   88   C  CA  . GLU A 1 23  ? -4.215  0.477   -9.263  1.00 53.37  ? 180 GLU A CA  1 
ATOM   89   C  C   . GLU A 1 23  ? -4.611  1.037   -7.885  1.00 55.81  ? 180 GLU A C   1 
ATOM   90   O  O   . GLU A 1 23  ? -4.529  2.246   -7.678  1.00 52.24  ? 180 GLU A O   1 
ATOM   91   C  CB  . GLU A 1 23  ? -5.446  -0.081  -9.975  1.00 55.50  ? 180 GLU A CB  1 
ATOM   92   C  CG  . GLU A 1 23  ? -6.247  0.963   -10.724 0.75 56.36  ? 180 GLU A CG  1 
ATOM   93   C  CD  . GLU A 1 23  ? -7.446  0.422   -11.485 0.75 58.82  ? 180 GLU A CD  1 
ATOM   94   O  OE1 . GLU A 1 23  ? -8.014  -0.605  -11.064 0.75 64.71  ? 180 GLU A OE1 1 
ATOM   95   O  OE2 . GLU A 1 23  ? -7.817  1.033   -12.504 0.75 74.72  ? 180 GLU A OE2 1 
ATOM   96   N  N   . ILE A 1 24  ? -5.008  0.143   -6.986  1.00 51.82  ? 181 ILE A N   1 
ATOM   97   C  CA  . ILE A 1 24  ? -5.529  0.433   -5.626  1.00 53.04  ? 181 ILE A CA  1 
ATOM   98   C  C   . ILE A 1 24  ? -4.417  0.987   -4.737  1.00 55.41  ? 181 ILE A C   1 
ATOM   99   O  O   . ILE A 1 24  ? -4.668  1.958   -4.036  1.00 55.75  ? 181 ILE A O   1 
ATOM   100  C  CB  . ILE A 1 24  ? -6.129  -0.828  -5.001  1.00 51.25  ? 181 ILE A CB  1 
ATOM   101  C  CG1 . ILE A 1 24  ? -7.383  -1.284  -5.749  1.00 53.02  ? 181 ILE A CG1 1 
ATOM   102  C  CG2 . ILE A 1 24  ? -6.394  -0.610  -3.520  1.00 55.91  ? 181 ILE A CG2 1 
ATOM   103  C  CD1 . ILE A 1 24  ? -7.850  -2.686  -5.379  1.00 56.08  ? 181 ILE A CD1 1 
ATOM   104  N  N   . ILE A 1 25  ? -3.258  0.345   -4.691  1.00 54.16  ? 182 ILE A N   1 
ATOM   105  C  CA  . ILE A 1 25  ? -2.177  0.776   -3.768  1.00 49.72  ? 182 ILE A CA  1 
ATOM   106  C  C   . ILE A 1 25  ? -1.603  2.107   -4.262  1.00 49.81  ? 182 ILE A C   1 
ATOM   107  O  O   . ILE A 1 25  ? -1.415  3.025   -3.455  1.00 47.05  ? 182 ILE A O   1 
ATOM   108  C  CB  . ILE A 1 25  ? -1.126  -0.320  -3.614  1.00 46.35  ? 182 ILE A CB  1 
ATOM   109  C  CG1 . ILE A 1 25  ? -1.735  -1.510  -2.876  1.00 46.15  ? 182 ILE A CG1 1 
ATOM   110  C  CG2 . ILE A 1 25  ? 0.123   0.229   -2.921  1.00 50.47  ? 182 ILE A CG2 1 
ATOM   111  C  CD1 . ILE A 1 25  ? -0.812  -2.703  -2.785  1.00 49.50  ? 182 ILE A CD1 1 
ATOM   112  N  N   . SER A 1 26  ? -1.399  2.231   -5.555  1.00 51.32  ? 183 SER A N   1 
ATOM   113  C  CA  . SER A 1 26  ? -0.849  3.452   -6.171  1.00 57.63  ? 183 SER A CA  1 
ATOM   114  C  C   . SER A 1 26  ? -1.794  4.623   -5.858  1.00 59.62  ? 183 SER A C   1 
ATOM   115  O  O   . SER A 1 26  ? -1.310  5.645   -5.348  1.00 51.85  ? 183 SER A O   1 
ATOM   116  C  CB  . SER A 1 26  ? -0.639  3.241   -7.644  1.00 59.31  ? 183 SER A CB  1 
ATOM   117  O  OG  . SER A 1 26  ? -0.077  4.405   -8.227  1.00 77.31  ? 183 SER A OG  1 
ATOM   118  N  N   . ARG A 1 27  ? -3.099  4.446   -6.088  1.00 61.87  ? 184 ARG A N   1 
ATOM   119  C  CA  . ARG A 1 27  ? -4.129  5.511   -5.923  1.00 58.99  ? 184 ARG A CA  1 
ATOM   120  C  C   . ARG A 1 27  ? -4.199  5.936   -4.456  1.00 61.39  ? 184 ARG A C   1 
ATOM   121  O  O   . ARG A 1 27  ? -4.265  7.137   -4.190  1.00 60.55  ? 184 ARG A O   1 
ATOM   122  C  CB  . ARG A 1 27  ? -5.510  5.058   -6.400  1.00 60.67  ? 184 ARG A CB  1 
ATOM   123  C  CG  . ARG A 1 27  ? -5.735  5.332   -7.879  1.00 63.50  ? 184 ARG A CG  1 
ATOM   124  C  CD  . ARG A 1 27  ? -6.864  4.523   -8.463  1.00 71.97  ? 184 ARG A CD  1 
ATOM   125  N  NE  . ARG A 1 27  ? -6.816  4.621   -9.908  1.00 77.03  ? 184 ARG A NE  1 
ATOM   126  C  CZ  . ARG A 1 27  ? -7.767  5.126   -10.676 1.00 75.10  ? 184 ARG A CZ  1 
ATOM   127  N  NH1 . ARG A 1 27  ? -8.895  5.576   -10.159 1.00 84.14  ? 184 ARG A NH1 1 
ATOM   128  N  NH2 . ARG A 1 27  ? -7.592  5.158   -11.980 1.00 81.01  ? 184 ARG A NH2 1 
ATOM   129  N  N   . TYR A 1 28  ? -4.164  4.980   -3.540  1.00 52.62  ? 185 TYR A N   1 
ATOM   130  C  CA  . TYR A 1 28  ? -4.203  5.289   -2.103  1.00 52.84  ? 185 TYR A CA  1 
ATOM   131  C  C   . TYR A 1 28  ? -2.979  6.142   -1.767  1.00 57.35  ? 185 TYR A C   1 
ATOM   132  O  O   . TYR A 1 28  ? -3.145  7.159   -1.102  1.00 54.80  ? 185 TYR A O   1 
ATOM   133  C  CB  . TYR A 1 28  ? -4.267  4.022   -1.259  1.00 42.23  ? 185 TYR A CB  1 
ATOM   134  C  CG  . TYR A 1 28  ? -4.366  4.314   0.213   1.00 44.74  ? 185 TYR A CG  1 
ATOM   135  C  CD1 . TYR A 1 28  ? -5.400  5.077   0.722   1.00 47.54  ? 185 TYR A CD1 1 
ATOM   136  C  CD2 . TYR A 1 28  ? -3.443  3.805   1.105   1.00 47.93  ? 185 TYR A CD2 1 
ATOM   137  C  CE1 . TYR A 1 28  ? -5.526  5.308   2.081   1.00 46.81  ? 185 TYR A CE1 1 
ATOM   138  C  CE2 . TYR A 1 28  ? -3.529  4.059   2.461   1.00 46.57  ? 185 TYR A CE2 1 
ATOM   139  C  CZ  . TYR A 1 28  ? -4.579  4.808   2.954   1.00 48.64  ? 185 TYR A CZ  1 
ATOM   140  O  OH  . TYR A 1 28  ? -4.685  5.019   4.301   1.00 50.26  ? 185 TYR A OH  1 
ATOM   141  N  N   . LEU A 1 29  ? -1.788  5.735   -2.205  1.00 57.57  ? 186 LEU A N   1 
ATOM   142  C  CA  . LEU A 1 29  ? -0.536  6.433   -1.807  1.00 58.35  ? 186 LEU A CA  1 
ATOM   143  C  C   . LEU A 1 29  ? -0.520  7.841   -2.404  1.00 56.04  ? 186 LEU A C   1 
ATOM   144  O  O   . LEU A 1 29  ? -0.143  8.769   -1.692  1.00 51.78  ? 186 LEU A O   1 
ATOM   145  C  CB  . LEU A 1 29  ? 0.692   5.644   -2.257  1.00 54.89  ? 186 LEU A CB  1 
ATOM   146  C  CG  . LEU A 1 29  ? 1.312   4.766   -1.176  1.00 56.24  ? 186 LEU A CG  1 
ATOM   147  C  CD1 . LEU A 1 29  ? 0.294   3.804   -0.595  1.00 49.28  ? 186 LEU A CD1 1 
ATOM   148  C  CD2 . LEU A 1 29  ? 2.516   4.011   -1.714  1.00 57.61  ? 186 LEU A CD2 1 
ATOM   149  N  N   . ARG A 1 30  ? -0.911  7.997   -3.662  1.00 61.93  ? 187 ARG A N   1 
ATOM   150  C  CA  . ARG A 1 30  ? -0.918  9.338   -4.308  1.00 67.28  ? 187 ARG A CA  1 
ATOM   151  C  C   . ARG A 1 30  ? -1.908  10.230  -3.549  1.00 61.24  ? 187 ARG A C   1 
ATOM   152  O  O   . ARG A 1 30  ? -1.525  11.334  -3.232  1.00 58.07  ? 187 ARG A O   1 
ATOM   153  C  CB  . ARG A 1 30  ? -1.252  9.283   -5.803  1.00 62.91  ? 187 ARG A CB  1 
ATOM   154  C  CG  . ARG A 1 30  ? -0.103  8.814   -6.692  1.00 70.70  ? 187 ARG A CG  1 
ATOM   155  C  CD  . ARG A 1 30  ? -0.474  8.818   -8.170  0.75 76.45  ? 187 ARG A CD  1 
ATOM   156  N  NE  . ARG A 1 30  ? -1.702  8.060   -8.440  0.75 80.29  ? 187 ARG A NE  1 
ATOM   157  C  CZ  . ARG A 1 30  ? -1.807  6.986   -9.227  0.75 85.62  ? 187 ARG A CZ  1 
ATOM   158  N  NH1 . ARG A 1 30  ? -2.980  6.392   -9.371  0.75 81.00  ? 187 ARG A NH1 1 
ATOM   159  N  NH2 . ARG A 1 30  ? -0.760  6.513   -9.884  0.75 95.91  ? 187 ARG A NH2 1 
ATOM   160  N  N   . GLU A 1 31  ? -3.115  9.742   -3.258  1.00 55.03  ? 188 GLU A N   1 
ATOM   161  C  CA  . GLU A 1 31  ? -4.199  10.562  -2.674  1.00 62.81  ? 188 GLU A CA  1 
ATOM   162  C  C   . GLU A 1 31  ? -3.830  10.870  -1.214  1.00 65.28  ? 188 GLU A C   1 
ATOM   163  O  O   . GLU A 1 31  ? -4.090  11.997  -0.784  1.00 60.53  ? 188 GLU A O   1 
ATOM   164  C  CB  . GLU A 1 31  ? -5.562  9.917   -2.954  1.00 57.91  ? 188 GLU A CB  1 
ATOM   165  C  CG  . GLU A 1 31  ? -6.345  9.472   -1.749  1.00 65.17  ? 188 GLU A CG  1 
ATOM   166  C  CD  . GLU A 1 31  ? -7.591  8.675   -2.117  1.00 75.09  ? 188 GLU A CD  1 
ATOM   167  O  OE1 . GLU A 1 31  ? -7.948  8.612   -3.324  1.00 72.85  ? 188 GLU A OE1 1 
ATOM   168  O  OE2 . GLU A 1 31  ? -8.187  8.081   -1.211  1.00 78.65  ? 188 GLU A OE2 1 
ATOM   169  N  N   . GLN A 1 32  ? -3.184  9.944   -0.501  1.00 64.32  ? 189 GLN A N   1 
ATOM   170  C  CA  . GLN A 1 32  ? -2.655  10.195  0.865   1.00 62.67  ? 189 GLN A CA  1 
ATOM   171  C  C   . GLN A 1 32  ? -1.569  11.282  0.810   1.00 65.94  ? 189 GLN A C   1 
ATOM   172  O  O   . GLN A 1 32  ? -1.594  12.148  1.685   1.00 65.16  ? 189 GLN A O   1 
ATOM   173  C  CB  . GLN A 1 32  ? -2.146  8.915   1.519   1.00 55.90  ? 189 GLN A CB  1 
ATOM   174  C  CG  . GLN A 1 32  ? -3.274  8.000   1.956   1.00 51.34  ? 189 GLN A CG  1 
ATOM   175  C  CD  . GLN A 1 32  ? -3.895  8.402   3.267   1.00 51.29  ? 189 GLN A CD  1 
ATOM   176  O  OE1 . GLN A 1 32  ? -3.310  8.270   4.346   1.00 62.32  ? 189 GLN A OE1 1 
ATOM   177  N  NE2 . GLN A 1 32  ? -5.121  8.864   3.194   1.00 50.69  ? 189 GLN A NE2 1 
ATOM   178  N  N   . ALA A 1 33  ? -0.672  11.284  -0.178  1.00 60.68  ? 190 ALA A N   1 
ATOM   179  C  CA  . ALA A 1 33  ? 0.440   12.267  -0.220  1.00 63.86  ? 190 ALA A CA  1 
ATOM   180  C  C   . ALA A 1 33  ? -0.078  13.658  -0.616  1.00 62.65  ? 190 ALA A C   1 
ATOM   181  O  O   . ALA A 1 33  ? 0.409   14.629  -0.023  1.00 64.56  ? 190 ALA A O   1 
ATOM   182  C  CB  . ALA A 1 33  ? 1.542   11.812  -1.135  1.00 64.06  ? 190 ALA A CB  1 
ATOM   183  N  N   . THR A 1 34  ? -1.032  13.751  -1.548  1.00 60.34  ? 191 THR A N   1 
ATOM   184  C  CA  . THR A 1 34  ? -1.456  15.017  -2.208  1.00 65.15  ? 191 THR A CA  1 
ATOM   185  C  C   . THR A 1 34  ? -2.791  15.543  -1.653  1.00 66.04  ? 191 THR A C   1 
ATOM   186  O  O   . THR A 1 34  ? -3.024  16.741  -1.771  1.00 71.77  ? 191 THR A O   1 
ATOM   187  C  CB  . THR A 1 34  ? -1.591  14.825  -3.716  1.00 59.07  ? 191 THR A CB  1 
ATOM   188  O  OG1 . THR A 1 34  ? -2.766  14.038  -3.894  1.00 67.07  ? 191 THR A OG1 1 
ATOM   189  C  CG2 . THR A 1 34  ? -0.366  14.196  -4.345  1.00 58.94  ? 191 THR A CG2 1 
ATOM   190  N  N   . GLY A 1 35  ? -3.631  14.676  -1.091  1.00 66.21  ? 192 GLY A N   1 
ATOM   191  C  CA  . GLY A 1 35  ? -4.993  14.994  -0.623  1.00 56.96  ? 192 GLY A CA  1 
ATOM   192  C  C   . GLY A 1 35  ? -5.999  15.145  -1.757  1.00 62.40  ? 192 GLY A C   1 
ATOM   193  O  O   . GLY A 1 35  ? -7.136  15.559  -1.454  1.00 63.64  ? 192 GLY A O   1 
ATOM   194  N  N   . ALA A 1 36  ? -5.619  14.824  -3.003  1.00 59.25  ? 193 ALA A N   1 
ATOM   195  C  CA  . ALA A 1 36  ? -6.494  14.875  -4.199  1.00 62.08  ? 193 ALA A CA  1 
ATOM   196  C  C   . ALA A 1 36  ? -6.896  13.454  -4.596  1.00 67.48  ? 193 ALA A C   1 
ATOM   197  O  O   . ALA A 1 36  ? -5.993  12.615  -4.680  1.00 64.09  ? 193 ALA A O   1 
ATOM   198  C  CB  . ALA A 1 36  ? -5.779  15.561  -5.331  1.00 64.15  ? 193 ALA A CB  1 
ATOM   199  N  N   . LYS A 1 37  ? -8.189  13.210  -4.846  1.00 73.46  ? 194 LYS A N   1 
ATOM   200  C  CA  . LYS A 1 37  ? -8.732  11.897  -5.300  1.00 77.56  ? 194 LYS A CA  1 
ATOM   201  C  C   . LYS A 1 37  ? -8.525  11.781  -6.815  1.00 75.82  ? 194 LYS A C   1 
ATOM   202  O  O   . LYS A 1 37  ? -8.940  12.695  -7.533  1.00 88.56  ? 194 LYS A O   1 
ATOM   203  C  CB  . LYS A 1 37  ? -10.212 11.720  -4.922  1.00 79.97  ? 194 LYS A CB  1 
ATOM   204  C  CG  . LYS A 1 37  ? -10.510 11.782  -3.426  1.00 73.71  ? 194 LYS A CG  1 
ATOM   205  C  CD  . LYS A 1 37  ? -11.822 11.165  -2.997  0.75 73.67  ? 194 LYS A CD  1 
ATOM   206  C  CE  . LYS A 1 37  ? -11.861 10.941  -1.496  0.75 76.60  ? 194 LYS A CE  1 
ATOM   207  N  NZ  . LYS A 1 37  ? -13.226 11.092  -0.936  0.75 75.71  ? 194 LYS A NZ  1 
ATOM   208  N  N   . ASP A 1 38  ? -7.879  10.699  -7.261  1.00 88.32  ? 195 ASP A N   1 
ATOM   209  C  CA  . ASP A 1 38  ? -7.697  10.311  -8.691  1.00 95.15  ? 195 ASP A CA  1 
ATOM   210  C  C   . ASP A 1 38  ? -9.071  10.146  -9.358  1.00 93.03  ? 195 ASP A C   1 
ATOM   211  O  O   . ASP A 1 38  ? -9.884  9.374   -8.847  1.00 89.67  ? 195 ASP A O   1 
ATOM   212  C  CB  . ASP A 1 38  ? -6.918  8.994   -8.796  1.00 103.02 ? 195 ASP A CB  1 
ATOM   213  C  CG  . ASP A 1 38  ? -5.759  9.033   -9.772  1.00 108.49 ? 195 ASP A CG  1 
ATOM   214  O  OD1 . ASP A 1 38  ? -6.004  9.376   -10.946 1.00 100.40 ? 195 ASP A OD1 1 
ATOM   215  O  OD2 . ASP A 1 38  ? -4.618  8.718   -9.343  1.00 113.40 ? 195 ASP A OD2 1 
ATOM   216  N  N   . THR A 1 39  ? -9.331  10.846  -10.461 1.00 104.08 ? 196 THR A N   1 
ATOM   217  C  CA  . THR A 1 39  ? -10.613 10.757  -11.216 1.00 98.15  ? 196 THR A CA  1 
ATOM   218  C  C   . THR A 1 39  ? -10.439 9.871   -12.456 1.00 101.14 ? 196 THR A C   1 
ATOM   219  O  O   . THR A 1 39  ? -11.483 9.416   -12.968 1.00 114.87 ? 196 THR A O   1 
ATOM   220  C  CB  . THR A 1 39  ? -11.137 12.152  -11.574 1.00 93.76  ? 196 THR A CB  1 
ATOM   221  O  OG1 . THR A 1 39  ? -10.093 12.893  -12.211 1.00 86.49  ? 196 THR A OG1 1 
ATOM   222  C  CG2 . THR A 1 39  ? -11.617 12.910  -10.358 1.00 87.63  ? 196 THR A CG2 1 
ATOM   223  N  N   . LYS A 1 40  ? -9.198  9.649   -12.925 1.00 95.67  ? 197 LYS A N   1 
ATOM   224  C  CA  . LYS A 1 40  ? -8.907  8.779   -14.100 1.00 98.34  ? 197 LYS A CA  1 
ATOM   225  C  C   . LYS A 1 40  ? -9.597  7.443   -13.842 1.00 102.35 ? 197 LYS A C   1 
ATOM   226  O  O   . LYS A 1 40  ? -9.555  6.933   -12.726 1.00 96.54  ? 197 LYS A O   1 
ATOM   227  C  CB  . LYS A 1 40  ? -7.402  8.621   -14.339 1.00 89.40  ? 197 LYS A CB  1 
ATOM   228  N  N   . PRO A 1 41  ? -10.269 6.842   -14.848 1.00 108.65 ? 198 PRO A N   1 
ATOM   229  C  CA  . PRO A 1 41  ? -11.187 5.727   -14.595 1.00 112.72 ? 198 PRO A CA  1 
ATOM   230  C  C   . PRO A 1 41  ? -10.494 4.424   -14.170 1.00 110.30 ? 198 PRO A C   1 
ATOM   231  O  O   . PRO A 1 41  ? -9.357  4.206   -14.549 1.00 108.28 ? 198 PRO A O   1 
ATOM   232  C  CB  . PRO A 1 41  ? -11.861 5.521   -15.958 1.00 120.00 ? 198 PRO A CB  1 
ATOM   233  C  CG  . PRO A 1 41  ? -10.809 5.989   -16.956 1.00 121.53 ? 198 PRO A CG  1 
ATOM   234  C  CD  . PRO A 1 41  ? -10.141 7.169   -16.277 1.00 117.42 ? 198 PRO A CD  1 
ATOM   235  N  N   . MET A 1 42  ? -11.201 3.580   -13.417 1.00 111.46 ? 199 MET A N   1 
ATOM   236  C  CA  . MET A 1 42  ? -10.704 2.252   -12.966 1.00 110.02 ? 199 MET A CA  1 
ATOM   237  C  C   . MET A 1 42  ? -10.877 1.258   -14.127 1.00 114.94 ? 199 MET A C   1 
ATOM   238  O  O   . MET A 1 42  ? -11.787 1.497   -14.953 1.00 117.22 ? 199 MET A O   1 
ATOM   239  C  CB  . MET A 1 42  ? -11.492 1.790   -11.736 1.00 106.67 ? 199 MET A CB  1 
ATOM   240  C  CG  . MET A 1 42  ? -10.629 1.300   -10.591 1.00 109.89 ? 199 MET A CG  1 
ATOM   241  S  SD  . MET A 1 42  ? -9.893  2.610   -9.566  1.00 101.04 ? 199 MET A SD  1 
ATOM   242  C  CE  . MET A 1 42  ? -11.359 3.344   -8.846  1.00 108.26 ? 199 MET A CE  1 
ATOM   243  N  N   . GLY A 1 43  ? -10.047 0.204   -14.200 1.00 110.06 ? 200 GLY A N   1 
ATOM   244  C  CA  . GLY A 1 43  ? -10.019 -0.774  -15.313 1.00 108.13 ? 200 GLY A CA  1 
ATOM   245  C  C   . GLY A 1 43  ? -11.108 -1.831  -15.185 1.00 106.39 ? 200 GLY A C   1 
ATOM   246  O  O   . GLY A 1 43  ? -12.275 -1.448  -14.963 1.00 112.72 ? 200 GLY A O   1 
ATOM   247  N  N   . ARG A 1 44  ? -10.761 -3.121  -15.322 1.00 103.13 ? 201 ARG A N   1 
ATOM   248  C  CA  . ARG A 1 44  ? -11.672 -4.265  -15.010 1.00 102.51 ? 201 ARG A CA  1 
ATOM   249  C  C   . ARG A 1 44  ? -11.880 -4.326  -13.485 1.00 101.96 ? 201 ARG A C   1 
ATOM   250  O  O   . ARG A 1 44  ? -10.995 -3.861  -12.739 1.00 90.48  ? 201 ARG A O   1 
ATOM   251  C  CB  . ARG A 1 44  ? -11.136 -5.590  -15.572 1.00 87.14  ? 201 ARG A CB  1 
ATOM   252  N  N   . SER A 1 45  ? -13.022 -4.856  -13.032 1.00 101.76 ? 202 SER A N   1 
ATOM   253  C  CA  . SER A 1 45  ? -13.408 -4.969  -11.595 1.00 99.53  ? 202 SER A CA  1 
ATOM   254  C  C   . SER A 1 45  ? -13.432 -3.587  -10.914 1.00 93.11  ? 202 SER A C   1 
ATOM   255  O  O   . SER A 1 45  ? -13.163 -3.552  -9.708  1.00 82.18  ? 202 SER A O   1 
ATOM   256  C  CB  . SER A 1 45  ? -12.484 -5.921  -10.848 1.00 97.59  ? 202 SER A CB  1 
ATOM   257  O  OG  . SER A 1 45  ? -12.559 -7.247  -11.347 1.00 104.34 ? 202 SER A OG  1 
ATOM   258  N  N   . GLY A 1 46  ? -13.753 -2.505  -11.644 1.00 90.41  ? 203 GLY A N   1 
ATOM   259  C  CA  . GLY A 1 46  ? -13.878 -1.125  -11.120 1.00 80.10  ? 203 GLY A CA  1 
ATOM   260  C  C   . GLY A 1 46  ? -14.616 -1.066  -9.791  1.00 77.30  ? 203 GLY A C   1 
ATOM   261  O  O   . GLY A 1 46  ? -14.076 -0.484  -8.831  1.00 83.32  ? 203 GLY A O   1 
ATOM   262  N  N   . ALA A 1 47  ? -15.806 -1.666  -9.727  0.75 68.86  ? 204 ALA A N   1 
ATOM   263  C  CA  . ALA A 1 47  ? -16.682 -1.664  -8.538  0.75 63.46  ? 204 ALA A CA  1 
ATOM   264  C  C   . ALA A 1 47  ? -15.862 -2.125  -7.339  0.75 65.65  ? 204 ALA A C   1 
ATOM   265  O  O   . ALA A 1 47  ? -15.938 -1.469  -6.315  0.75 72.31  ? 204 ALA A O   1 
ATOM   266  C  CB  . ALA A 1 47  ? -17.883 -2.549  -8.752  0.75 57.55  ? 204 ALA A CB  1 
ATOM   267  N  N   . THR A 1 48  ? -15.102 -3.212  -7.480  1.00 70.63  ? 205 THR A N   1 
ATOM   268  C  CA  . THR A 1 48  ? -14.330 -3.818  -6.366  1.00 71.89  ? 205 THR A CA  1 
ATOM   269  C  C   . THR A 1 48  ? -13.146 -2.921  -6.012  1.00 64.68  ? 205 THR A C   1 
ATOM   270  O  O   . THR A 1 48  ? -12.849 -2.837  -4.817  1.00 71.19  ? 205 THR A O   1 
ATOM   271  C  CB  . THR A 1 48  ? -13.784 -5.217  -6.670  1.00 78.49  ? 205 THR A CB  1 
ATOM   272  O  OG1 . THR A 1 48  ? -14.885 -6.102  -6.850  1.00 72.93  ? 205 THR A OG1 1 
ATOM   273  C  CG2 . THR A 1 48  ? -12.898 -5.754  -5.561  1.00 82.50  ? 205 THR A CG2 1 
ATOM   274  N  N   . SER A 1 49  ? -12.493 -2.302  -6.997  1.00 53.98  ? 206 SER A N   1 
ATOM   275  C  CA  . SER A 1 49  ? -11.335 -1.406  -6.749  1.00 66.15  ? 206 SER A CA  1 
ATOM   276  C  C   . SER A 1 49  ? -11.787 -0.152  -5.978  1.00 62.43  ? 206 SER A C   1 
ATOM   277  O  O   . SER A 1 49  ? -11.094 0.233   -5.011  1.00 59.98  ? 206 SER A O   1 
ATOM   278  C  CB  . SER A 1 49  ? -10.628 -1.076  -8.019  1.00 65.44  ? 206 SER A CB  1 
ATOM   279  O  OG  . SER A 1 49  ? -10.112 -2.251  -8.607  1.00 75.88  ? 206 SER A OG  1 
ATOM   280  N  N   . ARG A 1 50  ? -12.933 0.423   -6.343  1.00 61.89  ? 207 ARG A N   1 
ATOM   281  C  CA  . ARG A 1 50  ? -13.471 1.654   -5.703  1.00 67.16  ? 207 ARG A CA  1 
ATOM   282  C  C   . ARG A 1 50  ? -13.753 1.344   -4.245  1.00 59.84  ? 207 ARG A C   1 
ATOM   283  O  O   . ARG A 1 50  ? -13.345 2.123   -3.375  1.00 69.43  ? 207 ARG A O   1 
ATOM   284  C  CB  . ARG A 1 50  ? -14.745 2.124   -6.404  1.00 75.45  ? 207 ARG A CB  1 
ATOM   285  C  CG  . ARG A 1 50  ? -14.471 2.713   -7.775  1.00 79.32  ? 207 ARG A CG  1 
ATOM   286  C  CD  . ARG A 1 50  ? -15.742 2.979   -8.537  1.00 82.43  ? 207 ARG A CD  1 
ATOM   287  N  NE  . ARG A 1 50  ? -15.386 3.260   -9.921  0.75 82.47  ? 207 ARG A NE  1 
ATOM   288  C  CZ  . ARG A 1 50  ? -15.846 2.601   -10.979 0.75 79.81  ? 207 ARG A CZ  1 
ATOM   289  N  NH1 . ARG A 1 50  ? -15.444 2.949   -12.188 0.75 78.45  ? 207 ARG A NH1 1 
ATOM   290  N  NH2 . ARG A 1 50  ? -16.719 1.617   -10.833 0.75 75.10  ? 207 ARG A NH2 1 
ATOM   291  N  N   . LYS A 1 51  ? -14.415 0.222   -4.014  1.00 61.20  ? 208 LYS A N   1 
ATOM   292  C  CA  . LYS A 1 51  ? -14.781 -0.244  -2.659  1.00 68.54  ? 208 LYS A CA  1 
ATOM   293  C  C   . LYS A 1 51  ? -13.501 -0.564  -1.880  1.00 68.84  ? 208 LYS A C   1 
ATOM   294  O  O   . LYS A 1 51  ? -13.474 -0.307  -0.646  1.00 70.97  ? 208 LYS A O   1 
ATOM   295  C  CB  . LYS A 1 51  ? -15.724 -1.447  -2.758  1.00 77.81  ? 208 LYS A CB  1 
ATOM   296  C  CG  . LYS A 1 51  ? -16.980 -1.182  -3.582  1.00 89.03  ? 208 LYS A CG  1 
ATOM   297  C  CD  . LYS A 1 51  ? -18.269 -1.681  -2.959  1.00 105.30 ? 208 LYS A CD  1 
ATOM   298  C  CE  . LYS A 1 51  ? -18.673 -3.065  -3.427  1.00 106.92 ? 208 LYS A CE  1 
ATOM   299  N  NZ  . LYS A 1 51  ? -19.420 -3.789  -2.369  1.00 112.37 ? 208 LYS A NZ  1 
ATOM   300  N  N   . ALA A 1 52  ? -12.497 -1.144  -2.548  1.00 63.57  ? 209 ALA A N   1 
ATOM   301  C  CA  . ALA A 1 52  ? -11.205 -1.498  -1.925  1.00 58.35  ? 209 ALA A CA  1 
ATOM   302  C  C   . ALA A 1 52  ? -10.572 -0.198  -1.436  1.00 50.58  ? 209 ALA A C   1 
ATOM   303  O  O   . ALA A 1 52  ? -10.183 -0.115  -0.259  1.00 50.66  ? 209 ALA A O   1 
ATOM   304  C  CB  . ALA A 1 52  ? -10.313 -2.210  -2.909  1.00 60.86  ? 209 ALA A CB  1 
ATOM   305  N  N   . LEU A 1 53  ? -10.523 0.777   -2.333  1.00 47.47  ? 210 LEU A N   1 
ATOM   306  C  CA  . LEU A 1 53  ? -9.962  2.131   -2.080  1.00 57.90  ? 210 LEU A CA  1 
ATOM   307  C  C   . LEU A 1 53  ? -10.715 2.806   -0.935  1.00 59.92  ? 210 LEU A C   1 
ATOM   308  O  O   . LEU A 1 53  ? -10.039 3.295   -0.022  1.00 57.75  ? 210 LEU A O   1 
ATOM   309  C  CB  . LEU A 1 53  ? -10.064 2.958   -3.359  1.00 58.83  ? 210 LEU A CB  1 
ATOM   310  C  CG  . LEU A 1 53  ? -9.153  4.172   -3.420  1.00 66.71  ? 210 LEU A CG  1 
ATOM   311  C  CD1 . LEU A 1 53  ? -7.864  3.931   -2.650  1.00 66.18  ? 210 LEU A CD1 1 
ATOM   312  C  CD2 . LEU A 1 53  ? -8.864  4.531   -4.867  1.00 72.26  ? 210 LEU A CD2 1 
ATOM   313  N  N   . GLU A 1 54  ? -12.052 2.789   -0.968  1.00 65.70  ? 211 GLU A N   1 
ATOM   314  C  CA  . GLU A 1 54  ? -12.909 3.379   0.099   1.00 65.80  ? 211 GLU A CA  1 
ATOM   315  C  C   . GLU A 1 54  ? -12.532 2.737   1.445   1.00 61.09  ? 211 GLU A C   1 
ATOM   316  O  O   . GLU A 1 54  ? -12.319 3.483   2.400   1.00 63.40  ? 211 GLU A O   1 
ATOM   317  C  CB  . GLU A 1 54  ? -14.400 3.267   -0.256  1.00 67.72  ? 211 GLU A CB  1 
ATOM   318  C  CG  . GLU A 1 54  ? -14.801 4.140   -1.439  0.75 67.43  ? 211 GLU A CG  1 
ATOM   319  C  CD  . GLU A 1 54  ? -16.286 4.312   -1.704  0.50 68.14  ? 211 GLU A CD  1 
ATOM   320  O  OE1 . GLU A 1 54  ? -16.806 3.608   -2.583  0.50 66.57  ? 211 GLU A OE1 1 
ATOM   321  O  OE2 . GLU A 1 54  ? -16.904 5.191   -1.070  0.50 67.88  ? 211 GLU A OE2 1 
ATOM   322  N  N   . THR A 1 55  ? -12.413 1.414   1.511   1.00 55.94  ? 212 THR A N   1 
ATOM   323  C  CA  . THR A 1 55  ? -12.017 0.663   2.729   1.00 57.45  ? 212 THR A CA  1 
ATOM   324  C  C   . THR A 1 55  ? -10.609 1.069   3.193   1.00 52.04  ? 212 THR A C   1 
ATOM   325  O  O   . THR A 1 55  ? -10.399 1.165   4.409   1.00 52.50  ? 212 THR A O   1 
ATOM   326  C  CB  . THR A 1 55  ? -12.040 -0.851  2.484   1.00 58.70  ? 212 THR A CB  1 
ATOM   327  O  OG1 . THR A 1 55  ? -13.355 -1.173  2.039   1.00 67.19  ? 212 THR A OG1 1 
ATOM   328  C  CG2 . THR A 1 55  ? -11.681 -1.679  3.701   1.00 52.52  ? 212 THR A CG2 1 
ATOM   329  N  N   . LEU A 1 56  ? -9.662  1.261   2.289   1.00 49.48  ? 213 LEU A N   1 
ATOM   330  C  CA  . LEU A 1 56  ? -8.300  1.693   2.699   1.00 56.41  ? 213 LEU A CA  1 
ATOM   331  C  C   . LEU A 1 56  ? -8.359  3.087   3.332   1.00 57.23  ? 213 LEU A C   1 
ATOM   332  O  O   . LEU A 1 56  ? -7.746  3.297   4.392   1.00 58.83  ? 213 LEU A O   1 
ATOM   333  C  CB  . LEU A 1 56  ? -7.391  1.717   1.480   1.00 53.67  ? 213 LEU A CB  1 
ATOM   334  C  CG  . LEU A 1 56  ? -6.642  0.429   1.232   1.00 50.99  ? 213 LEU A CG  1 
ATOM   335  C  CD1 . LEU A 1 56  ? -5.813  0.584   -0.028  1.00 57.19  ? 213 LEU A CD1 1 
ATOM   336  C  CD2 . LEU A 1 56  ? -5.770  0.064   2.429   1.00 50.18  ? 213 LEU A CD2 1 
ATOM   337  N  N   . ARG A 1 57  ? -9.078  4.001   2.691   1.00 59.04  ? 214 ARG A N   1 
ATOM   338  C  CA  . ARG A 1 57  ? -9.312  5.366   3.219   1.00 56.46  ? 214 ARG A CA  1 
ATOM   339  C  C   . ARG A 1 57  ? -9.807  5.263   4.650   1.00 64.58  ? 214 ARG A C   1 
ATOM   340  O  O   . ARG A 1 57  ? -9.355  6.079   5.468   1.00 71.41  ? 214 ARG A O   1 
ATOM   341  C  CB  . ARG A 1 57  ? -10.378 6.132   2.449   1.00 59.24  ? 214 ARG A CB  1 
ATOM   342  C  CG  . ARG A 1 57  ? -9.892  6.734   1.146   1.00 59.61  ? 214 ARG A CG  1 
ATOM   343  C  CD  . ARG A 1 57  ? -11.004 7.546   0.515   1.00 58.59  ? 214 ARG A CD  1 
ATOM   344  N  NE  . ARG A 1 57  ? -10.583 7.836   -0.833  1.00 62.94  ? 214 ARG A NE  1 
ATOM   345  C  CZ  . ARG A 1 57  ? -11.222 7.510   -1.939  1.00 56.93  ? 214 ARG A CZ  1 
ATOM   346  N  NH1 . ARG A 1 57  ? -12.397 6.904   -1.888  1.00 59.14  ? 214 ARG A NH1 1 
ATOM   347  N  NH2 . ARG A 1 57  ? -10.663 7.813   -3.095  1.00 57.71  ? 214 ARG A NH2 1 
ATOM   348  N  N   . ARG A 1 58  ? -10.716 4.335   4.949   1.00 57.34  ? 215 ARG A N   1 
ATOM   349  C  CA  . ARG A 1 58  ? -11.237 4.244   6.330   1.00 52.17  ? 215 ARG A CA  1 
ATOM   350  C  C   . ARG A 1 58  ? -10.223 3.479   7.189   1.00 58.23  ? 215 ARG A C   1 
ATOM   351  O  O   . ARG A 1 58  ? -9.804  4.008   8.223   1.00 54.47  ? 215 ARG A O   1 
ATOM   352  C  CB  . ARG A 1 58  ? -12.635 3.639   6.327   1.00 62.45  ? 215 ARG A CB  1 
ATOM   353  C  CG  . ARG A 1 58  ? -13.067 3.055   7.667   1.00 73.71  ? 215 ARG A CG  1 
ATOM   354  C  CD  . ARG A 1 58  ? -14.544 2.658   7.655   1.00 79.02  ? 215 ARG A CD  1 
ATOM   355  N  NE  . ARG A 1 58  ? -14.875 1.772   6.540   1.00 76.59  ? 215 ARG A NE  1 
ATOM   356  C  CZ  . ARG A 1 58  ? -14.862 0.435   6.569   1.00 80.70  ? 215 ARG A CZ  1 
ATOM   357  N  NH1 . ARG A 1 58  ? -14.543 -0.215  7.679   1.00 83.61  ? 215 ARG A NH1 1 
ATOM   358  N  NH2 . ARG A 1 58  ? -15.174 -0.248  5.477   1.00 75.16  ? 215 ARG A NH2 1 
ATOM   359  N  N   . VAL A 1 59  ? -9.821  2.277   6.777   1.00 56.74  ? 216 VAL A N   1 
ATOM   360  C  CA  . VAL A 1 59  ? -9.024  1.360   7.646   1.00 58.12  ? 216 VAL A CA  1 
ATOM   361  C  C   . VAL A 1 59  ? -7.558  1.820   7.696   1.00 49.66  ? 216 VAL A C   1 
ATOM   362  O  O   . VAL A 1 59  ? -6.973  1.789   8.779   1.00 46.79  ? 216 VAL A O   1 
ATOM   363  C  CB  . VAL A 1 59  ? -9.156  -0.098  7.169   1.00 69.54  ? 216 VAL A CB  1 
ATOM   364  C  CG1 . VAL A 1 59  ? -8.333  -1.036  8.030   1.00 69.72  ? 216 VAL A CG1 1 
ATOM   365  C  CG2 . VAL A 1 59  ? -10.612 -0.540  7.173   1.00 76.23  ? 216 VAL A CG2 1 
ATOM   366  N  N   . GLY A 1 60  ? -6.987  2.208   6.561   1.00 48.74  ? 217 GLY A N   1 
ATOM   367  C  CA  . GLY A 1 60  ? -5.584  2.632   6.471   1.00 53.80  ? 217 GLY A CA  1 
ATOM   368  C  C   . GLY A 1 60  ? -5.377  3.954   7.186   1.00 51.54  ? 217 GLY A C   1 
ATOM   369  O  O   . GLY A 1 60  ? -4.329  4.111   7.809   1.00 50.58  ? 217 GLY A O   1 
ATOM   370  N  N   . ASP A 1 61  ? -6.345  4.872   7.110   1.00 53.26  ? 218 ASP A N   1 
ATOM   371  C  CA  . ASP A 1 61  ? -6.261  6.181   7.810   1.00 57.97  ? 218 ASP A CA  1 
ATOM   372  C  C   . ASP A 1 61  ? -6.268  5.903   9.306   1.00 55.32  ? 218 ASP A C   1 
ATOM   373  O  O   . ASP A 1 61  ? -5.451  6.532   10.019  1.00 55.19  ? 218 ASP A O   1 
ATOM   374  C  CB  . ASP A 1 61  ? -7.347  7.175   7.379   1.00 61.83  ? 218 ASP A CB  1 
ATOM   375  C  CG  . ASP A 1 61  ? -7.152  7.719   5.966   1.00 61.84  ? 218 ASP A CG  1 
ATOM   376  O  OD1 . ASP A 1 61  ? -6.289  7.201   5.251   1.00 66.69  ? 218 ASP A OD1 1 
ATOM   377  O  OD2 . ASP A 1 61  ? -7.882  8.646   5.573   1.00 73.07  ? 218 ASP A OD2 1 
ATOM   378  N  N   . GLY A 1 62  ? -7.087  4.935   9.730   1.00 51.50  ? 219 GLY A N   1 
ATOM   379  C  CA  . GLY A 1 62  ? -7.192  4.489   11.131  1.00 49.46  ? 219 GLY A CA  1 
ATOM   380  C  C   . GLY A 1 62  ? -5.860  4.009   11.666  1.00 53.33  ? 219 GLY A C   1 
ATOM   381  O  O   . GLY A 1 62  ? -5.543  4.310   12.823  1.00 57.70  ? 219 GLY A O   1 
ATOM   382  N  N   . VAL A 1 63  ? -5.098  3.266   10.862  1.00 53.77  ? 220 VAL A N   1 
ATOM   383  C  CA  . VAL A 1 63  ? -3.843  2.617   11.342  1.00 49.85  ? 220 VAL A CA  1 
ATOM   384  C  C   . VAL A 1 63  ? -2.800  3.717   11.521  1.00 45.01  ? 220 VAL A C   1 
ATOM   385  O  O   . VAL A 1 63  ? -2.097  3.679   12.558  1.00 48.50  ? 220 VAL A O   1 
ATOM   386  C  CB  . VAL A 1 63  ? -3.372  1.476   10.408  1.00 51.97  ? 220 VAL A CB  1 
ATOM   387  C  CG1 . VAL A 1 63  ? -1.992  0.956   10.793  1.00 47.52  ? 220 VAL A CG1 1 
ATOM   388  C  CG2 . VAL A 1 63  ? -4.380  0.331   10.398  1.00 48.14  ? 220 VAL A CG2 1 
ATOM   389  N  N   . GLN A 1 64  ? -2.714  4.630   10.545  1.00 43.22  ? 221 GLN A N   1 
ATOM   390  C  CA  . GLN A 1 64  ? -1.783  5.792   10.548  1.00 48.51  ? 221 GLN A CA  1 
ATOM   391  C  C   . GLN A 1 64  ? -2.024  6.628   11.820  1.00 46.89  ? 221 GLN A C   1 
ATOM   392  O  O   . GLN A 1 64  ? -1.046  6.949   12.493  1.00 52.62  ? 221 GLN A O   1 
ATOM   393  C  CB  . GLN A 1 64  ? -1.934  6.611   9.257   1.00 48.08  ? 221 GLN A CB  1 
ATOM   394  C  CG  . GLN A 1 64  ? -1.278  5.964   8.039   1.00 45.84  ? 221 GLN A CG  1 
ATOM   395  C  CD  . GLN A 1 64  ? -1.516  6.725   6.755   1.00 51.43  ? 221 GLN A CD  1 
ATOM   396  O  OE1 . GLN A 1 64  ? -2.330  6.336   5.893   1.00 46.84  ? 221 GLN A OE1 1 
ATOM   397  N  NE2 . GLN A 1 64  ? -0.801  7.836   6.614   1.00 46.08  ? 221 GLN A NE2 1 
ATOM   398  N  N   . ARG A 1 65  ? -3.282  6.916   12.159  1.00 53.27  ? 222 ARG A N   1 
ATOM   399  C  CA  . ARG A 1 65  ? -3.694  7.756   13.318  1.00 53.89  ? 222 ARG A CA  1 
ATOM   400  C  C   . ARG A 1 65  ? -3.434  7.002   14.621  1.00 53.74  ? 222 ARG A C   1 
ATOM   401  O  O   . ARG A 1 65  ? -2.768  7.555   15.514  1.00 48.39  ? 222 ARG A O   1 
ATOM   402  C  CB  . ARG A 1 65  ? -5.202  8.007   13.322  1.00 61.76  ? 222 ARG A CB  1 
ATOM   403  C  CG  . ARG A 1 65  ? -5.660  9.240   12.568  1.00 71.66  ? 222 ARG A CG  1 
ATOM   404  C  CD  . ARG A 1 65  ? -7.014  9.676   13.103  1.00 71.08  ? 222 ARG A CD  1 
ATOM   405  N  NE  . ARG A 1 65  ? -7.921  8.547   13.251  1.00 68.24  ? 222 ARG A NE  1 
ATOM   406  C  CZ  . ARG A 1 65  ? -8.652  8.012   12.271  1.00 64.76  ? 222 ARG A CZ  1 
ATOM   407  N  NH1 . ARG A 1 65  ? -8.633  8.515   11.046  1.00 68.15  ? 222 ARG A NH1 1 
ATOM   408  N  NH2 . ARG A 1 65  ? -9.431  6.987   12.535  1.00 58.64  ? 222 ARG A NH2 1 
ATOM   409  N  N   . ASN A 1 66  ? -3.980  5.784   14.723  1.00 43.16  ? 223 ASN A N   1 
ATOM   410  C  CA  . ASN A 1 66  ? -3.843  4.923   15.924  1.00 45.57  ? 223 ASN A CA  1 
ATOM   411  C  C   . ASN A 1 66  ? -2.360  4.660   16.232  1.00 44.58  ? 223 ASN A C   1 
ATOM   412  O  O   . ASN A 1 66  ? -2.038  4.552   17.416  1.00 43.61  ? 223 ASN A O   1 
ATOM   413  C  CB  . ASN A 1 66  ? -4.694  3.654   15.808  1.00 53.44  ? 223 ASN A CB  1 
ATOM   414  C  CG  . ASN A 1 66  ? -6.179  3.957   15.871  1.00 52.67  ? 223 ASN A CG  1 
ATOM   415  O  OD1 . ASN A 1 66  ? -6.567  5.058   16.229  1.00 57.35  ? 223 ASN A OD1 1 
ATOM   416  N  ND2 . ASN A 1 66  ? -7.017  3.006   15.514  1.00 61.49  ? 223 ASN A ND2 1 
ATOM   417  N  N   . HIS A 1 67  ? -1.469  4.598   15.239  1.00 44.78  ? 224 HIS A N   1 
ATOM   418  C  CA  . HIS A 1 67  ? -0.069  4.132   15.451  1.00 49.45  ? 224 HIS A CA  1 
ATOM   419  C  C   . HIS A 1 67  ? 0.925   5.169   14.890  1.00 52.63  ? 224 HIS A C   1 
ATOM   420  O  O   . HIS A 1 67  ? 2.034   4.781   14.444  1.00 50.41  ? 224 HIS A O   1 
ATOM   421  C  CB  . HIS A 1 67  ? 0.071   2.694   14.890  1.00 44.28  ? 224 HIS A CB  1 
ATOM   422  C  CG  . HIS A 1 67  ? -0.855  1.692   15.511  1.00 42.99  ? 224 HIS A CG  1 
ATOM   423  N  ND1 . HIS A 1 67  ? -0.630  1.130   16.749  1.00 46.25  ? 224 HIS A ND1 1 
ATOM   424  C  CD2 . HIS A 1 67  ? -2.029  1.177   15.081  1.00 47.45  ? 224 HIS A CD2 1 
ATOM   425  C  CE1 . HIS A 1 67  ? -1.618  0.313   17.050  1.00 50.54  ? 224 HIS A CE1 1 
ATOM   426  N  NE2 . HIS A 1 67  ? -2.491  0.331   16.050  1.00 49.89  ? 224 HIS A NE2 1 
ATOM   427  N  N   . GLU A 1 68  ? 0.549   6.450   14.911  1.00 57.18  ? 225 GLU A N   1 
ATOM   428  C  CA  . GLU A 1 68  ? 1.354   7.571   14.353  1.00 57.95  ? 225 GLU A CA  1 
ATOM   429  C  C   . GLU A 1 68  ? 2.781   7.489   14.891  1.00 50.90  ? 225 GLU A C   1 
ATOM   430  O  O   . GLU A 1 68  ? 3.736   7.629   14.105  1.00 56.02  ? 225 GLU A O   1 
ATOM   431  C  CB  . GLU A 1 68  ? 0.726   8.918   14.699  1.00 60.19  ? 225 GLU A CB  1 
ATOM   432  C  CG  . GLU A 1 68  ? 1.548   10.108  14.224  1.00 63.06  ? 225 GLU A CG  1 
ATOM   433  C  CD  . GLU A 1 68  ? 0.768   11.411  14.240  0.75 66.45  ? 225 GLU A CD  1 
ATOM   434  O  OE1 . GLU A 1 68  ? 0.399   11.866  15.336  0.75 68.64  ? 225 GLU A OE1 1 
ATOM   435  O  OE2 . GLU A 1 68  ? 0.521   11.963  13.154  0.75 72.41  ? 225 GLU A OE2 1 
ATOM   436  N  N   . THR A 1 69  ? 2.925   7.221   16.173  1.00 47.17  ? 226 THR A N   1 
ATOM   437  C  CA  . THR A 1 69  ? 4.236   7.304   16.854  1.00 53.50  ? 226 THR A CA  1 
ATOM   438  C  C   . THR A 1 69  ? 5.099   6.078   16.521  1.00 57.28  ? 226 THR A C   1 
ATOM   439  O  O   . THR A 1 69  ? 6.318   6.253   16.358  1.00 49.50  ? 226 THR A O   1 
ATOM   440  C  CB  . THR A 1 69  ? 4.064   7.550   18.357  1.00 59.98  ? 226 THR A CB  1 
ATOM   441  O  OG1 . THR A 1 69  ? 5.349   7.345   18.934  1.00 70.38  ? 226 THR A OG1 1 
ATOM   442  C  CG2 . THR A 1 69  ? 3.073   6.653   19.050  1.00 60.54  ? 226 THR A CG2 1 
ATOM   443  N  N   . ALA A 1 70  ? 4.511   4.881   16.432  1.00 56.62  ? 227 ALA A N   1 
ATOM   444  C  CA  . ALA A 1 70  ? 5.209   3.661   15.965  1.00 50.28  ? 227 ALA A CA  1 
ATOM   445  C  C   . ALA A 1 70  ? 5.654   3.891   14.522  1.00 43.35  ? 227 ALA A C   1 
ATOM   446  O  O   . ALA A 1 70  ? 6.807   3.659   14.232  1.00 50.46  ? 227 ALA A O   1 
ATOM   447  C  CB  . ALA A 1 70  ? 4.311   2.453   16.112  1.00 55.58  ? 227 ALA A CB  1 
ATOM   448  N  N   . PHE A 1 71  ? 4.791   4.445   13.684  1.00 43.52  ? 228 PHE A N   1 
ATOM   449  C  CA  . PHE A 1 71  ? 5.095   4.745   12.269  1.00 50.27  ? 228 PHE A CA  1 
ATOM   450  C  C   . PHE A 1 71  ? 6.185   5.802   12.217  1.00 59.12  ? 228 PHE A C   1 
ATOM   451  O  O   . PHE A 1 71  ? 7.121   5.611   11.403  1.00 53.71  ? 228 PHE A O   1 
ATOM   452  C  CB  . PHE A 1 71  ? 3.848   5.186   11.493  1.00 51.18  ? 228 PHE A CB  1 
ATOM   453  C  CG  . PHE A 1 71  ? 2.994   4.055   10.969  1.00 54.86  ? 228 PHE A CG  1 
ATOM   454  C  CD1 . PHE A 1 71  ? 3.058   2.780   11.522  1.00 57.37  ? 228 PHE A CD1 1 
ATOM   455  C  CD2 . PHE A 1 71  ? 2.121   4.273   9.919   1.00 54.55  ? 228 PHE A CD2 1 
ATOM   456  C  CE1 . PHE A 1 71  ? 2.264   1.755   11.037  1.00 55.52  ? 228 PHE A CE1 1 
ATOM   457  C  CE2 . PHE A 1 71  ? 1.325   3.246   9.442   1.00 56.63  ? 228 PHE A CE2 1 
ATOM   458  C  CZ  . PHE A 1 71  ? 1.389   2.000   10.013  1.00 48.20  ? 228 PHE A CZ  1 
ATOM   459  N  N   . GLN A 1 72  ? 6.101   6.844   13.058  1.00 55.05  ? 229 GLN A N   1 
ATOM   460  C  CA  . GLN A 1 72  ? 7.093   7.959   12.997  1.00 62.40  ? 229 GLN A CA  1 
ATOM   461  C  C   . GLN A 1 72  ? 8.487   7.426   13.355  1.00 55.09  ? 229 GLN A C   1 
ATOM   462  O  O   . GLN A 1 72  ? 9.427   7.764   12.615  1.00 58.18  ? 229 GLN A O   1 
ATOM   463  C  CB  . GLN A 1 72  ? 6.725   9.122   13.917  1.00 60.04  ? 229 GLN A CB  1 
ATOM   464  C  CG  . GLN A 1 72  ? 7.599   10.343  13.685  1.00 60.48  ? 229 GLN A CG  1 
ATOM   465  C  CD  . GLN A 1 72  ? 7.301   11.009  12.363  1.00 65.23  ? 229 GLN A CD  1 
ATOM   466  O  OE1 . GLN A 1 72  ? 6.145   11.203  11.984  1.00 71.27  ? 229 GLN A OE1 1 
ATOM   467  N  NE2 . GLN A 1 72  ? 8.351   11.396  11.658  1.00 63.27  ? 229 GLN A NE2 1 
ATOM   468  N  N   . GLY A 1 73  ? 8.581   6.633   14.436  1.00 51.71  ? 230 GLY A N   1 
ATOM   469  C  CA  . GLY A 1 73  ? 9.800   5.956   14.925  1.00 54.35  ? 230 GLY A CA  1 
ATOM   470  C  C   . GLY A 1 73  ? 10.472  5.110   13.850  1.00 59.35  ? 230 GLY A C   1 
ATOM   471  O  O   . GLY A 1 73  ? 11.713  5.179   13.722  1.00 57.71  ? 230 GLY A O   1 
ATOM   472  N  N   . MET A 1 74  ? 9.700   4.328   13.091  1.00 57.61  ? 231 MET A N   1 
ATOM   473  C  CA  . MET A 1 74  ? 10.246  3.514   11.979  1.00 51.40  ? 231 MET A CA  1 
ATOM   474  C  C   . MET A 1 74  ? 10.696  4.446   10.850  1.00 56.71  ? 231 MET A C   1 
ATOM   475  O  O   . MET A 1 74  ? 11.835  4.289   10.373  1.00 59.49  ? 231 MET A O   1 
ATOM   476  C  CB  . MET A 1 74  ? 9.201   2.520   11.469  1.00 59.63  ? 231 MET A CB  1 
ATOM   477  C  CG  . MET A 1 74  ? 9.685   1.654   10.311  1.00 62.52  ? 231 MET A CG  1 
ATOM   478  S  SD  . MET A 1 74  ? 10.947  0.491   10.848  1.00 64.47  ? 231 MET A SD  1 
ATOM   479  C  CE  . MET A 1 74  ? 9.990   -0.573  11.924  1.00 55.79  ? 231 MET A CE  1 
ATOM   480  N  N   . LEU A 1 75  ? 9.858   5.393   10.419  1.00 57.74  ? 232 LEU A N   1 
ATOM   481  C  CA  . LEU A 1 75  ? 10.255  6.335   9.338   1.00 62.94  ? 232 LEU A CA  1 
ATOM   482  C  C   . LEU A 1 75  ? 11.579  7.010   9.722   1.00 69.41  ? 232 LEU A C   1 
ATOM   483  O  O   . LEU A 1 75  ? 12.379  7.301   8.824   1.00 65.93  ? 232 LEU A O   1 
ATOM   484  C  CB  . LEU A 1 75  ? 9.175   7.390   9.107   1.00 62.44  ? 232 LEU A CB  1 
ATOM   485  C  CG  . LEU A 1 75  ? 9.491   8.402   8.010   1.00 70.27  ? 232 LEU A CG  1 
ATOM   486  C  CD1 . LEU A 1 75  ? 9.643   7.701   6.666   1.00 73.23  ? 232 LEU A CD1 1 
ATOM   487  C  CD2 . LEU A 1 75  ? 8.416   9.484   7.934   1.00 76.14  ? 232 LEU A CD2 1 
ATOM   488  N  N   . ARG A 1 76  ? 11.775  7.276   11.016  1.00 75.29  ? 233 ARG A N   1 
ATOM   489  C  CA  . ARG A 1 76  ? 12.969  7.975   11.549  1.00 69.82  ? 233 ARG A CA  1 
ATOM   490  C  C   . ARG A 1 76  ? 14.177  7.047   11.414  1.00 67.06  ? 233 ARG A C   1 
ATOM   491  O  O   . ARG A 1 76  ? 15.184  7.484   10.839  1.00 62.11  ? 233 ARG A O   1 
ATOM   492  C  CB  . ARG A 1 76  ? 12.715  8.386   12.999  1.00 78.90  ? 233 ARG A CB  1 
ATOM   493  C  CG  . ARG A 1 76  ? 13.679  9.437   13.524  1.00 82.38  ? 233 ARG A CG  1 
ATOM   494  C  CD  . ARG A 1 76  ? 13.533  9.639   15.018  1.00 91.10  ? 233 ARG A CD  1 
ATOM   495  N  NE  . ARG A 1 76  ? 14.590  10.518  15.491  1.00 94.73  ? 233 ARG A NE  1 
ATOM   496  C  CZ  . ARG A 1 76  ? 15.674  10.142  16.160  1.00 99.02  ? 233 ARG A CZ  1 
ATOM   497  N  NH1 . ARG A 1 76  ? 15.866  8.877   16.491  1.00 100.58 ? 233 ARG A NH1 1 
ATOM   498  N  NH2 . ARG A 1 76  ? 16.567  11.052  16.509  1.00 105.26 ? 233 ARG A NH2 1 
ATOM   499  N  N   . LYS A 1 77  ? 14.065  5.804   11.895  1.00 71.57  ? 234 LYS A N   1 
ATOM   500  C  CA  . LYS A 1 77  ? 15.087  4.738   11.674  1.00 80.97  ? 234 LYS A CA  1 
ATOM   501  C  C   . LYS A 1 77  ? 15.450  4.666   10.179  1.00 77.88  ? 234 LYS A C   1 
ATOM   502  O  O   . LYS A 1 77  ? 16.621  4.869   9.845   1.00 92.63  ? 234 LYS A O   1 
ATOM   503  C  CB  . LYS A 1 77  ? 14.588  3.378   12.172  1.00 82.55  ? 234 LYS A CB  1 
ATOM   504  C  CG  . LYS A 1 77  ? 14.473  3.230   13.681  1.00 86.26  ? 234 LYS A CG  1 
ATOM   505  C  CD  . LYS A 1 77  ? 14.016  1.845   14.133  1.00 94.55  ? 234 LYS A CD  1 
ATOM   506  C  CE  . LYS A 1 77  ? 13.694  1.782   15.615  1.00 105.01 ? 234 LYS A CE  1 
ATOM   507  N  NZ  . LYS A 1 77  ? 13.501  0.395   16.108  1.00 107.78 ? 234 LYS A NZ  1 
ATOM   508  N  N   . LEU A 1 78  ? 14.483  4.436   9.292   1.00 79.15  ? 235 LEU A N   1 
ATOM   509  C  CA  . LEU A 1 78  ? 14.755  4.135   7.854   1.00 86.45  ? 235 LEU A CA  1 
ATOM   510  C  C   . LEU A 1 78  ? 15.399  5.342   7.141   1.00 82.46  ? 235 LEU A C   1 
ATOM   511  O  O   . LEU A 1 78  ? 15.921  5.137   6.035   1.00 85.71  ? 235 LEU A O   1 
ATOM   512  C  CB  . LEU A 1 78  ? 13.453  3.717   7.161   1.00 85.51  ? 235 LEU A CB  1 
ATOM   513  C  CG  . LEU A 1 78  ? 12.681  2.574   7.818   1.00 85.88  ? 235 LEU A CG  1 
ATOM   514  C  CD1 . LEU A 1 78  ? 11.400  2.307   7.047   1.00 91.83  ? 235 LEU A CD1 1 
ATOM   515  C  CD2 . LEU A 1 78  ? 13.529  1.317   7.934   1.00 85.27  ? 235 LEU A CD2 1 
ATOM   516  N  N   . ASP A 1 79  ? 15.346  6.542   7.732   1.00 77.31  ? 236 ASP A N   1 
ATOM   517  C  CA  . ASP A 1 79  ? 16.037  7.781   7.277   1.00 80.46  ? 236 ASP A CA  1 
ATOM   518  C  C   . ASP A 1 79  ? 15.928  7.930   5.758   1.00 78.67  ? 236 ASP A C   1 
ATOM   519  O  O   . ASP A 1 79  ? 16.972  8.110   5.081   1.00 78.57  ? 236 ASP A O   1 
ATOM   520  C  CB  . ASP A 1 79  ? 17.505  7.822   7.718   1.00 92.70  ? 236 ASP A CB  1 
ATOM   521  C  CG  . ASP A 1 79  ? 18.177  9.172   7.512   1.00 89.63  ? 236 ASP A CG  1 
ATOM   522  O  OD1 . ASP A 1 79  ? 17.468  10.156  7.216   1.00 100.61 ? 236 ASP A OD1 1 
ATOM   523  O  OD2 . ASP A 1 79  ? 19.401  9.230   7.654   1.00 100.27 ? 236 ASP A OD2 1 
ATOM   524  N  N   . ILE A 1 80  ? 14.691  7.941   5.266   1.00 82.43  ? 237 ILE A N   1 
ATOM   525  C  CA  . ILE A 1 80  ? 14.348  8.046   3.823   1.00 78.14  ? 237 ILE A CA  1 
ATOM   526  C  C   . ILE A 1 80  ? 14.530  9.498   3.378   1.00 80.48  ? 237 ILE A C   1 
ATOM   527  O  O   . ILE A 1 80  ? 13.803  10.366  3.887   1.00 80.51  ? 237 ILE A O   1 
ATOM   528  C  CB  . ILE A 1 80  ? 12.926  7.516   3.591   1.00 78.03  ? 237 ILE A CB  1 
ATOM   529  C  CG1 . ILE A 1 80  ? 12.850  6.040   3.991   1.00 79.54  ? 237 ILE A CG1 1 
ATOM   530  C  CG2 . ILE A 1 80  ? 12.497  7.748   2.149   1.00 78.68  ? 237 ILE A CG2 1 
ATOM   531  C  CD1 . ILE A 1 80  ? 11.506  5.603   4.497   1.00 84.37  ? 237 ILE A CD1 1 
ATOM   532  N  N   . LYS A 1 81  ? 15.488  9.742   2.481   1.00 87.44  ? 238 LYS A N   1 
ATOM   533  C  CA  . LYS A 1 81  ? 15.792  11.093  1.933   1.00 85.17  ? 238 LYS A CA  1 
ATOM   534  C  C   . LYS A 1 81  ? 15.689  11.105  0.405   1.00 87.72  ? 238 LYS A C   1 
ATOM   535  O  O   . LYS A 1 81  ? 15.705  12.210  -0.155  1.00 85.67  ? 238 LYS A O   1 
ATOM   536  C  CB  . LYS A 1 81  ? 17.199  11.529  2.338   1.00 86.37  ? 238 LYS A CB  1 
ATOM   537  C  CG  . LYS A 1 81  ? 17.564  11.223  3.781   1.00 96.54  ? 238 LYS A CG  1 
ATOM   538  C  CD  . LYS A 1 81  ? 18.934  11.734  4.172   1.00 98.36  ? 238 LYS A CD  1 
ATOM   539  C  CE  . LYS A 1 81  ? 18.964  12.293  5.579   1.00 102.58 ? 238 LYS A CE  1 
ATOM   540  N  NZ  . LYS A 1 81  ? 20.298  12.129  6.199   1.00 109.88 ? 238 LYS A NZ  1 
ATOM   541  N  N   . ASN A 1 82  ? 15.600  9.943   -0.254  1.00 88.04  ? 239 ASN A N   1 
ATOM   542  C  CA  . ASN A 1 82  ? 15.759  9.886   -1.730  1.00 83.24  ? 239 ASN A CA  1 
ATOM   543  C  C   . ASN A 1 82  ? 15.434  8.508   -2.304  1.00 78.72  ? 239 ASN A C   1 
ATOM   544  O  O   . ASN A 1 82  ? 15.223  7.554   -1.537  1.00 83.87  ? 239 ASN A O   1 
ATOM   545  C  CB  . ASN A 1 82  ? 17.185  10.253  -2.141  1.00 86.37  ? 239 ASN A CB  1 
ATOM   546  C  CG  . ASN A 1 82  ? 18.190  9.194   -1.745  1.00 79.95  ? 239 ASN A CG  1 
ATOM   547  O  OD1 . ASN A 1 82  ? 18.286  8.823   -0.579  1.00 85.10  ? 239 ASN A OD1 1 
ATOM   548  N  ND2 . ASN A 1 82  ? 18.943  8.705   -2.711  1.00 87.07  ? 239 ASN A ND2 1 
ATOM   549  N  N   . GLU A 1 83  ? 15.487  8.441   -3.634  1.00 84.26  ? 240 GLU A N   1 
ATOM   550  C  CA  . GLU A 1 83  ? 15.158  7.269   -4.492  1.00 94.24  ? 240 GLU A CA  1 
ATOM   551  C  C   . GLU A 1 83  ? 15.878  6.012   -3.982  1.00 86.88  ? 240 GLU A C   1 
ATOM   552  O  O   . GLU A 1 83  ? 15.221  4.963   -3.948  1.00 84.27  ? 240 GLU A O   1 
ATOM   553  C  CB  . GLU A 1 83  ? 15.514  7.559   -5.958  1.00 100.45 ? 240 GLU A CB  1 
ATOM   554  C  CG  . GLU A 1 83  ? 15.315  9.020   -6.374  1.00 110.73 ? 240 GLU A CG  1 
ATOM   555  C  CD  . GLU A 1 83  ? 14.823  9.237   -7.796  1.00 123.03 ? 240 GLU A CD  1 
ATOM   556  O  OE1 . GLU A 1 83  ? 15.570  8.895   -8.732  1.00 131.69 ? 240 GLU A OE1 1 
ATOM   557  O  OE2 . GLU A 1 83  ? 13.679  9.737   -7.964  1.00 117.50 ? 240 GLU A OE2 1 
ATOM   558  N  N   . ASP A 1 84  ? 17.164  6.105   -3.614  1.00 86.05  ? 241 ASP A N   1 
ATOM   559  C  CA  . ASP A 1 84  ? 17.971  4.960   -3.095  1.00 84.52  ? 241 ASP A CA  1 
ATOM   560  C  C   . ASP A 1 84  ? 17.360  4.427   -1.802  1.00 79.06  ? 241 ASP A C   1 
ATOM   561  O  O   . ASP A 1 84  ? 17.315  3.196   -1.635  1.00 85.71  ? 241 ASP A O   1 
ATOM   562  C  CB  . ASP A 1 84  ? 19.415  5.334   -2.758  1.00 90.64  ? 241 ASP A CB  1 
ATOM   563  C  CG  . ASP A 1 84  ? 20.193  5.898   -3.930  1.00 100.42 ? 241 ASP A CG  1 
ATOM   564  O  OD1 . ASP A 1 84  ? 19.987  5.404   -5.054  1.00 106.59 ? 241 ASP A OD1 1 
ATOM   565  O  OD2 . ASP A 1 84  ? 20.982  6.839   -3.709  1.00 102.24 ? 241 ASP A OD2 1 
ATOM   566  N  N   . ASP A 1 85  ? 16.966  5.336   -0.909  1.00 85.20  ? 242 ASP A N   1 
ATOM   567  C  CA  . ASP A 1 85  ? 16.398  4.997   0.421   1.00 84.25  ? 242 ASP A CA  1 
ATOM   568  C  C   . ASP A 1 85  ? 15.072  4.245   0.214   1.00 79.73  ? 242 ASP A C   1 
ATOM   569  O  O   . ASP A 1 85  ? 14.755  3.309   1.003   1.00 65.81  ? 242 ASP A O   1 
ATOM   570  C  CB  . ASP A 1 85  ? 16.320  6.258   1.287   1.00 89.73  ? 242 ASP A CB  1 
ATOM   571  C  CG  . ASP A 1 85  ? 17.681  6.705   1.804   1.00 91.43  ? 242 ASP A CG  1 
ATOM   572  O  OD1 . ASP A 1 85  ? 18.620  5.894   1.744   1.00 86.78  ? 242 ASP A OD1 1 
ATOM   573  O  OD2 . ASP A 1 85  ? 17.791  7.853   2.279   1.00 99.19  ? 242 ASP A OD2 1 
ATOM   574  N  N   . VAL A 1 86  ? 14.339  4.599   -0.838  1.00 72.93  ? 243 VAL A N   1 
ATOM   575  C  CA  . VAL A 1 86  ? 13.050  3.937   -1.175  1.00 76.09  ? 243 VAL A CA  1 
ATOM   576  C  C   . VAL A 1 86  ? 13.348  2.526   -1.685  1.00 75.43  ? 243 VAL A C   1 
ATOM   577  O  O   . VAL A 1 86  ? 12.609  1.613   -1.264  1.00 83.39  ? 243 VAL A O   1 
ATOM   578  C  CB  . VAL A 1 86  ? 12.232  4.774   -2.172  1.00 75.05  ? 243 VAL A CB  1 
ATOM   579  C  CG1 . VAL A 1 86  ? 11.032  4.008   -2.701  1.00 74.52  ? 243 VAL A CG1 1 
ATOM   580  C  CG2 . VAL A 1 86  ? 11.817  6.104   -1.548  1.00 75.79  ? 243 VAL A CG2 1 
ATOM   581  N  N   . LYS A 1 87  ? 14.392  2.354   -2.515  1.00 69.28  ? 244 LYS A N   1 
ATOM   582  C  CA  . LYS A 1 87  ? 14.816  1.030   -3.057  1.00 67.70  ? 244 LYS A CA  1 
ATOM   583  C  C   . LYS A 1 87  ? 15.268  0.115   -1.908  1.00 66.81  ? 244 LYS A C   1 
ATOM   584  O  O   . LYS A 1 87  ? 15.039  -1.088  -2.014  1.00 78.20  ? 244 LYS A O   1 
ATOM   585  C  CB  . LYS A 1 87  ? 15.903  1.168   -4.134  1.00 68.19  ? 244 LYS A CB  1 
ATOM   586  N  N   . SER A 1 88  ? 15.872  0.636   -0.843  1.00 66.27  ? 245 SER A N   1 
ATOM   587  C  CA  . SER A 1 88  ? 16.321  -0.182  0.317   1.00 70.79  ? 245 SER A CA  1 
ATOM   588  C  C   . SER A 1 88  ? 15.127  -0.654  1.164   1.00 75.98  ? 245 SER A C   1 
ATOM   589  O  O   . SER A 1 88  ? 15.240  -1.703  1.829   1.00 80.38  ? 245 SER A O   1 
ATOM   590  C  CB  . SER A 1 88  ? 17.295  0.573   1.168   1.00 69.40  ? 245 SER A CB  1 
ATOM   591  O  OG  . SER A 1 88  ? 17.362  -0.023  2.457   1.00 81.03  ? 245 SER A OG  1 
ATOM   592  N  N   . LEU A 1 89  ? 14.042  0.122   1.163   1.00 80.04  ? 246 LEU A N   1 
ATOM   593  C  CA  . LEU A 1 89  ? 12.780  -0.121  1.917   1.00 79.35  ? 246 LEU A CA  1 
ATOM   594  C  C   . LEU A 1 89  ? 12.151  -1.467  1.516   1.00 74.57  ? 246 LEU A C   1 
ATOM   595  O  O   . LEU A 1 89  ? 11.636  -2.181  2.402   1.00 68.20  ? 246 LEU A O   1 
ATOM   596  C  CB  . LEU A 1 89  ? 11.851  1.052   1.594   1.00 81.75  ? 246 LEU A CB  1 
ATOM   597  C  CG  . LEU A 1 89  ? 10.611  1.222   2.467   1.00 88.19  ? 246 LEU A CG  1 
ATOM   598  C  CD1 . LEU A 1 89  ? 10.862  0.812   3.913   1.00 80.10  ? 246 LEU A CD1 1 
ATOM   599  C  CD2 . LEU A 1 89  ? 10.134  2.663   2.385   1.00 87.84  ? 246 LEU A CD2 1 
ATOM   600  N  N   . SER A 1 90  ? 12.209  -1.806  0.227   1.00 69.38  ? 247 SER A N   1 
ATOM   601  C  CA  . SER A 1 90  ? 11.616  -3.027  -0.368  1.00 71.38  ? 247 SER A CA  1 
ATOM   602  C  C   . SER A 1 90  ? 12.141  -4.239  0.381   1.00 67.77  ? 247 SER A C   1 
ATOM   603  O  O   . SER A 1 90  ? 11.330  -5.082  0.763   1.00 74.23  ? 247 SER A O   1 
ATOM   604  C  CB  . SER A 1 90  ? 11.916  -3.121  -1.836  1.00 78.40  ? 247 SER A CB  1 
ATOM   605  O  OG  . SER A 1 90  ? 11.744  -1.852  -2.446  1.00 80.87  ? 247 SER A OG  1 
ATOM   606  N  N   . ARG A 1 91  ? 13.452  -4.294  0.595   1.00 69.68  ? 248 ARG A N   1 
ATOM   607  C  CA  . ARG A 1 91  ? 14.119  -5.479  1.187   1.00 67.71  ? 248 ARG A CA  1 
ATOM   608  C  C   . ARG A 1 91  ? 13.717  -5.544  2.666   1.00 63.85  ? 248 ARG A C   1 
ATOM   609  O  O   . ARG A 1 91  ? 13.457  -6.651  3.175   1.00 64.11  ? 248 ARG A O   1 
ATOM   610  C  CB  . ARG A 1 91  ? 15.632  -5.406  0.933   1.00 75.48  ? 248 ARG A CB  1 
ATOM   611  N  N   . VAL A 1 92  ? 13.611  -4.388  3.327   1.00 68.13  ? 249 VAL A N   1 
ATOM   612  C  CA  . VAL A 1 92  ? 13.102  -4.307  4.729   1.00 64.36  ? 249 VAL A CA  1 
ATOM   613  C  C   . VAL A 1 92  ? 11.670  -4.862  4.769   1.00 60.27  ? 249 VAL A C   1 
ATOM   614  O  O   . VAL A 1 92  ? 11.359  -5.660  5.665   1.00 54.42  ? 249 VAL A O   1 
ATOM   615  C  CB  . VAL A 1 92  ? 13.129  -2.866  5.264   1.00 70.56  ? 249 VAL A CB  1 
ATOM   616  C  CG1 . VAL A 1 92  ? 12.598  -2.828  6.690   1.00 65.83  ? 249 VAL A CG1 1 
ATOM   617  C  CG2 . VAL A 1 92  ? 14.517  -2.235  5.161   1.00 72.26  ? 249 VAL A CG2 1 
ATOM   618  N  N   . MET A 1 93  ? 10.825  -4.426  3.836   1.00 55.11  ? 250 MET A N   1 
ATOM   619  C  CA  . MET A 1 93  ? 9.403   -4.833  3.796   1.00 60.23  ? 250 MET A CA  1 
ATOM   620  C  C   . MET A 1 93  ? 9.319   -6.339  3.577   1.00 62.97  ? 250 MET A C   1 
ATOM   621  O  O   . MET A 1 93  ? 8.522   -6.964  4.292   1.00 62.92  ? 250 MET A O   1 
ATOM   622  C  CB  . MET A 1 93  ? 8.648   -4.077  2.707   1.00 60.29  ? 250 MET A CB  1 
ATOM   623  C  CG  . MET A 1 93  ? 8.502   -2.608  3.052   1.00 57.21  ? 250 MET A CG  1 
ATOM   624  S  SD  . MET A 1 93  ? 7.463   -1.705  1.909   0.75 60.82  ? 250 MET A SD  1 
ATOM   625  C  CE  . MET A 1 93  ? 8.070   -2.259  0.317   1.00 62.91  ? 250 MET A CE  1 
ATOM   626  N  N   . ILE A 1 94  ? 10.152  -6.896  2.690   1.00 64.90  ? 251 ILE A N   1 
ATOM   627  C  CA  . ILE A 1 94  ? 10.215  -8.372  2.444   1.00 61.71  ? 251 ILE A CA  1 
ATOM   628  C  C   . ILE A 1 94  ? 10.529  -9.076  3.760   1.00 62.41  ? 251 ILE A C   1 
ATOM   629  O  O   . ILE A 1 94  ? 9.770   -9.974  4.137   1.00 62.11  ? 251 ILE A O   1 
ATOM   630  C  CB  . ILE A 1 94  ? 11.230  -8.751  1.340   1.00 65.04  ? 251 ILE A CB  1 
ATOM   631  C  CG1 . ILE A 1 94  ? 10.581  -8.663  -0.042  1.00 60.70  ? 251 ILE A CG1 1 
ATOM   632  C  CG2 . ILE A 1 94  ? 11.841  -10.134 1.583   1.00 58.60  ? 251 ILE A CG2 1 
ATOM   633  C  CD1 . ILE A 1 94  ? 11.361  -7.849  -1.030  1.00 70.51  ? 251 ILE A CD1 1 
ATOM   634  N  N   . HIS A 1 95  ? 11.596  -8.668  4.446   1.00 67.68  ? 252 HIS A N   1 
ATOM   635  C  CA  . HIS A 1 95  ? 12.056  -9.363  5.676   1.00 67.46  ? 252 HIS A CA  1 
ATOM   636  C  C   . HIS A 1 95  ? 10.916  -9.337  6.692   1.00 65.84  ? 252 HIS A C   1 
ATOM   637  O  O   . HIS A 1 95  ? 10.571  -10.392 7.221   1.00 67.65  ? 252 HIS A O   1 
ATOM   638  C  CB  . HIS A 1 95  ? 13.357  -8.754  6.215   1.00 69.68  ? 252 HIS A CB  1 
ATOM   639  C  CG  . HIS A 1 95  ? 13.763  -9.343  7.524   0.75 73.32  ? 252 HIS A CG  1 
ATOM   640  N  ND1 . HIS A 1 95  ? 13.375  -8.793  8.731   0.75 71.77  ? 252 HIS A ND1 1 
ATOM   641  C  CD2 . HIS A 1 95  ? 14.492  -10.441 7.822   0.75 74.87  ? 252 HIS A CD2 1 
ATOM   642  C  CE1 . HIS A 1 95  ? 13.852  -9.527  9.718   0.75 74.00  ? 252 HIS A CE1 1 
ATOM   643  N  NE2 . HIS A 1 95  ? 14.539  -10.544 9.187   0.75 72.72  ? 252 HIS A NE2 1 
ATOM   644  N  N   . VAL A 1 96  ? 10.347  -8.157  6.935   1.00 74.47  ? 253 VAL A N   1 
ATOM   645  C  CA  . VAL A 1 96  ? 9.302   -7.942  7.982   1.00 75.94  ? 253 VAL A CA  1 
ATOM   646  C  C   . VAL A 1 96  ? 7.994   -8.592  7.531   1.00 70.95  ? 253 VAL A C   1 
ATOM   647  O  O   . VAL A 1 96  ? 7.342   -9.242  8.366   1.00 66.28  ? 253 VAL A O   1 
ATOM   648  C  CB  . VAL A 1 96  ? 9.103   -6.447  8.274   1.00 80.90  ? 253 VAL A CB  1 
ATOM   649  C  CG1 . VAL A 1 96  ? 7.970   -6.225  9.261   1.00 84.57  ? 253 VAL A CG1 1 
ATOM   650  C  CG2 . VAL A 1 96  ? 10.389  -5.800  8.765   1.00 78.10  ? 253 VAL A CG2 1 
ATOM   651  N  N   . PHE A 1 97  ? 7.632   -8.438  6.259   1.00 61.49  ? 254 PHE A N   1 
ATOM   652  C  CA  . PHE A 1 97  ? 6.278   -8.786  5.764   1.00 66.60  ? 254 PHE A CA  1 
ATOM   653  C  C   . PHE A 1 97  ? 6.196   -10.280 5.402   1.00 63.17  ? 254 PHE A C   1 
ATOM   654  O  O   . PHE A 1 97  ? 5.235   -10.916 5.810   1.00 69.82  ? 254 PHE A O   1 
ATOM   655  C  CB  . PHE A 1 97  ? 5.864   -7.855  4.621   1.00 58.43  ? 254 PHE A CB  1 
ATOM   656  C  CG  . PHE A 1 97  ? 4.453   -8.095  4.176   1.00 53.51  ? 254 PHE A CG  1 
ATOM   657  C  CD1 . PHE A 1 97  ? 3.404   -7.800  5.030   1.00 50.76  ? 254 PHE A CD1 1 
ATOM   658  C  CD2 . PHE A 1 97  ? 4.178   -8.672  2.944   1.00 52.96  ? 254 PHE A CD2 1 
ATOM   659  C  CE1 . PHE A 1 97  ? 2.096   -8.052  4.650   1.00 52.60  ? 254 PHE A CE1 1 
ATOM   660  C  CE2 . PHE A 1 97  ? 2.866   -8.922  2.565   1.00 55.47  ? 254 PHE A CE2 1 
ATOM   661  C  CZ  . PHE A 1 97  ? 1.830   -8.614  3.418   1.00 55.70  ? 254 PHE A CZ  1 
ATOM   662  N  N   . SER A 1 98  ? 7.147   -10.832 4.655   1.00 69.67  ? 255 SER A N   1 
ATOM   663  C  CA  . SER A 1 98  ? 7.148   -12.271 4.243   1.00 75.63  ? 255 SER A CA  1 
ATOM   664  C  C   . SER A 1 98  ? 7.785   -13.148 5.326   1.00 69.55  ? 255 SER A C   1 
ATOM   665  O  O   . SER A 1 98  ? 8.969   -13.465 5.205   1.00 98.26  ? 255 SER A O   1 
ATOM   666  C  CB  . SER A 1 98  ? 7.871   -12.436 2.943   1.00 77.89  ? 255 SER A CB  1 
ATOM   667  O  OG  . SER A 1 98  ? 7.776   -11.241 2.188   1.00 81.30  ? 255 SER A OG  1 
ATOM   668  N  N   . ASP A 1 99  ? 7.067   -13.484 6.385   1.00 75.33  ? 256 ASP A N   1 
ATOM   669  C  CA  . ASP A 1 99  ? 7.645   -14.309 7.476   1.00 71.28  ? 256 ASP A CA  1 
ATOM   670  C  C   . ASP A 1 99  ? 6.602   -15.334 7.959   1.00 74.49  ? 256 ASP A C   1 
ATOM   671  O  O   . ASP A 1 99  ? 6.747   -15.826 9.109   1.00 75.39  ? 256 ASP A O   1 
ATOM   672  C  CB  . ASP A 1 99  ? 8.232   -13.396 8.558   1.00 71.80  ? 256 ASP A CB  1 
ATOM   673  C  CG  . ASP A 1 99  ? 7.180   -12.594 9.307   1.00 82.55  ? 256 ASP A CG  1 
ATOM   674  O  OD1 . ASP A 1 99  ? 5.966   -12.839 9.062   1.00 75.01  ? 256 ASP A OD1 1 
ATOM   675  O  OD2 . ASP A 1 99  ? 7.574   -11.727 10.132  1.00 88.01  ? 256 ASP A OD2 1 
ATOM   676  N  N   . GLY A 1 100 ? 5.616   -15.682 7.112   1.00 73.41  ? 257 GLY A N   1 
ATOM   677  C  CA  . GLY A 1 100 ? 4.693   -16.815 7.331   1.00 76.04  ? 257 GLY A CA  1 
ATOM   678  C  C   . GLY A 1 100 ? 3.400   -16.440 8.043   1.00 87.86  ? 257 GLY A C   1 
ATOM   679  O  O   . GLY A 1 100 ? 2.567   -17.344 8.247   1.00 84.03  ? 257 GLY A O   1 
ATOM   680  N  N   . VAL A 1 101 ? 3.212   -15.175 8.423   1.00 91.23  ? 258 VAL A N   1 
ATOM   681  C  CA  . VAL A 1 101 ? 1.948   -14.718 9.069   1.00 76.46  ? 258 VAL A CA  1 
ATOM   682  C  C   . VAL A 1 101 ? 1.232   -13.828 8.071   1.00 66.07  ? 258 VAL A C   1 
ATOM   683  O  O   . VAL A 1 101 ? 1.713   -12.726 7.822   1.00 78.07  ? 258 VAL A O   1 
ATOM   684  C  CB  . VAL A 1 101 ? 2.242   -13.990 10.384  1.00 77.03  ? 258 VAL A CB  1 
ATOM   685  C  CG1 . VAL A 1 101 ? 0.997   -13.834 11.248  1.00 74.51  ? 258 VAL A CG1 1 
ATOM   686  C  CG2 . VAL A 1 101 ? 3.345   -14.710 11.136  1.00 83.37  ? 258 VAL A CG2 1 
ATOM   687  N  N   . THR A 1 102 ? 0.131   -14.288 7.505   1.00 56.94  ? 259 THR A N   1 
ATOM   688  C  CA  . THR A 1 102 ? -0.607  -13.489 6.505   1.00 56.34  ? 259 THR A CA  1 
ATOM   689  C  C   . THR A 1 102 ? -2.012  -13.275 7.021   1.00 50.28  ? 259 THR A C   1 
ATOM   690  O  O   . THR A 1 102 ? -2.625  -14.226 7.460   1.00 48.64  ? 259 THR A O   1 
ATOM   691  C  CB  . THR A 1 102 ? -0.586  -14.112 5.105   1.00 58.27  ? 259 THR A CB  1 
ATOM   692  O  OG1 . THR A 1 102 ? 0.738   -14.601 4.905   1.00 54.29  ? 259 THR A OG1 1 
ATOM   693  C  CG2 . THR A 1 102 ? -0.935  -13.119 4.012   1.00 58.70  ? 259 THR A CG2 1 
ATOM   694  N  N   . ASN A 1 103 ? -2.462  -12.033 6.961   1.00 52.44  ? 260 ASN A N   1 
ATOM   695  C  CA  . ASN A 1 103 ? -3.829  -11.633 7.364   1.00 49.02  ? 260 ASN A CA  1 
ATOM   696  C  C   . ASN A 1 103 ? -4.023  -10.252 6.763   1.00 44.72  ? 260 ASN A C   1 
ATOM   697  O  O   . ASN A 1 103 ? -3.009  -9.609  6.383   1.00 46.92  ? 260 ASN A O   1 
ATOM   698  C  CB  . ASN A 1 103 ? -4.004  -11.752 8.878   1.00 50.16  ? 260 ASN A CB  1 
ATOM   699  C  CG  . ASN A 1 103 ? -3.005  -10.882 9.603   1.00 53.29  ? 260 ASN A CG  1 
ATOM   700  O  OD1 . ASN A 1 103 ? -3.064  -9.657  9.496   1.00 58.81  ? 260 ASN A OD1 1 
ATOM   701  N  ND2 . ASN A 1 103 ? -2.054  -11.500 10.277  1.00 47.32  ? 260 ASN A ND2 1 
ATOM   702  N  N   . TRP A 1 104 ? -5.265  -9.847  6.613   1.00 45.79  ? 261 TRP A N   1 
ATOM   703  C  CA  . TRP A 1 104 ? -5.615  -8.515  6.077   1.00 46.61  ? 261 TRP A CA  1 
ATOM   704  C  C   . TRP A 1 104 ? -5.100  -7.404  7.012   1.00 49.28  ? 261 TRP A C   1 
ATOM   705  O  O   . TRP A 1 104 ? -4.818  -6.314  6.500   1.00 49.65  ? 261 TRP A O   1 
ATOM   706  C  CB  . TRP A 1 104 ? -7.125  -8.452  5.896   1.00 48.46  ? 261 TRP A CB  1 
ATOM   707  C  CG  . TRP A 1 104 ? -7.649  -9.231  4.734   1.00 54.91  ? 261 TRP A CG  1 
ATOM   708  C  CD1 . TRP A 1 104 ? -8.678  -10.126 4.750   1.00 54.20  ? 261 TRP A CD1 1 
ATOM   709  C  CD2 . TRP A 1 104 ? -7.215  -9.140  3.366   1.00 51.58  ? 261 TRP A CD2 1 
ATOM   710  N  NE1 . TRP A 1 104 ? -8.911  -10.605 3.489   1.00 54.59  ? 261 TRP A NE1 1 
ATOM   711  C  CE2 . TRP A 1 104 ? -8.031  -10.020 2.621   1.00 55.05  ? 261 TRP A CE2 1 
ATOM   712  C  CE3 . TRP A 1 104 ? -6.221  -8.419  2.704   1.00 50.39  ? 261 TRP A CE3 1 
ATOM   713  C  CZ2 . TRP A 1 104 ? -7.880  -10.189 1.247   1.00 50.73  ? 261 TRP A CZ2 1 
ATOM   714  C  CZ3 . TRP A 1 104 ? -6.096  -8.558  1.339   1.00 55.50  ? 261 TRP A CZ3 1 
ATOM   715  C  CH2 . TRP A 1 104 ? -6.910  -9.438  0.624   1.00 56.18  ? 261 TRP A CH2 1 
ATOM   716  N  N   . GLY A 1 105 ? -5.024  -7.664  8.323   1.00 47.59  ? 262 GLY A N   1 
ATOM   717  C  CA  . GLY A 1 105 ? -4.473  -6.732  9.329   1.00 47.10  ? 262 GLY A CA  1 
ATOM   718  C  C   . GLY A 1 105 ? -3.069  -6.271  8.967   1.00 52.26  ? 262 GLY A C   1 
ATOM   719  O  O   . GLY A 1 105 ? -2.847  -5.035  8.808   1.00 51.57  ? 262 GLY A O   1 
ATOM   720  N  N   . ARG A 1 106 ? -2.155  -7.216  8.774   1.00 51.46  ? 263 ARG A N   1 
ATOM   721  C  CA  . ARG A 1 106 ? -0.747  -6.924  8.413   1.00 46.52  ? 263 ARG A CA  1 
ATOM   722  C  C   . ARG A 1 106 ? -0.668  -6.386  6.992   1.00 43.99  ? 263 ARG A C   1 
ATOM   723  O  O   . ARG A 1 106 ? 0.240   -5.641  6.708   1.00 42.11  ? 263 ARG A O   1 
ATOM   724  C  CB  . ARG A 1 106 ? 0.102   -8.178  8.496   1.00 48.25  ? 263 ARG A CB  1 
ATOM   725  C  CG  . ARG A 1 106 ? 0.276   -8.701  9.902   1.00 54.30  ? 263 ARG A CG  1 
ATOM   726  C  CD  . ARG A 1 106 ? 1.377   -9.743  9.891   1.00 54.56  ? 263 ARG A CD  1 
ATOM   727  N  NE  . ARG A 1 106 ? 2.670   -9.110  9.981   1.00 58.38  ? 263 ARG A NE  1 
ATOM   728  C  CZ  . ARG A 1 106 ? 3.769   -9.510  9.356   1.00 66.94  ? 263 ARG A CZ  1 
ATOM   729  N  NH1 . ARG A 1 106 ? 3.727   -10.537 8.528   1.00 66.83  ? 263 ARG A NH1 1 
ATOM   730  N  NH2 . ARG A 1 106 ? 4.904   -8.854  9.528   1.00 66.51  ? 263 ARG A NH2 1 
ATOM   731  N  N   . ILE A 1 107 ? -1.585  -6.763  6.124   1.00 45.99  ? 264 ILE A N   1 
ATOM   732  C  CA  . ILE A 1 107 ? -1.586  -6.236  4.733   1.00 47.98  ? 264 ILE A CA  1 
ATOM   733  C  C   . ILE A 1 107 ? -1.939  -4.750  4.801   1.00 47.05  ? 264 ILE A C   1 
ATOM   734  O  O   . ILE A 1 107 ? -1.267  -3.949  4.129   1.00 46.11  ? 264 ILE A O   1 
ATOM   735  C  CB  . ILE A 1 107 ? -2.518  -7.057  3.829   1.00 44.69  ? 264 ILE A CB  1 
ATOM   736  C  CG1 . ILE A 1 107 ? -1.946  -8.467  3.613   1.00 51.59  ? 264 ILE A CG1 1 
ATOM   737  C  CG2 . ILE A 1 107 ? -2.761  -6.343  2.518   1.00 43.94  ? 264 ILE A CG2 1 
ATOM   738  C  CD1 . ILE A 1 107 ? -2.893  -9.439  2.949   1.00 48.42  ? 264 ILE A CD1 1 
ATOM   739  N  N   . VAL A 1 108 ? -2.941  -4.382  5.595   1.00 46.83  ? 265 VAL A N   1 
ATOM   740  C  CA  . VAL A 1 108 ? -3.306  -2.944  5.762   1.00 48.77  ? 265 VAL A CA  1 
ATOM   741  C  C   . VAL A 1 108 ? -2.148  -2.220  6.450   1.00 40.36  ? 265 VAL A C   1 
ATOM   742  O  O   . VAL A 1 108 ? -1.819  -1.131  6.009   1.00 41.94  ? 265 VAL A O   1 
ATOM   743  C  CB  . VAL A 1 108 ? -4.640  -2.725  6.497   1.00 54.34  ? 265 VAL A CB  1 
ATOM   744  C  CG1 . VAL A 1 108 ? -4.790  -1.277  6.925   1.00 62.64  ? 265 VAL A CG1 1 
ATOM   745  C  CG2 . VAL A 1 108 ? -5.813  -3.119  5.611   1.00 53.52  ? 265 VAL A CG2 1 
ATOM   746  N  N   . THR A 1 109 ? -1.479  -2.850  7.413   1.00 41.37  ? 266 THR A N   1 
ATOM   747  C  CA  . THR A 1 109 ? -0.317  -2.231  8.083   1.00 41.18  ? 266 THR A CA  1 
ATOM   748  C  C   . THR A 1 109 ? 0.707   -1.859  7.020   1.00 44.49  ? 266 THR A C   1 
ATOM   749  O  O   . THR A 1 109 ? 1.186   -0.706  7.078   1.00 46.90  ? 266 THR A O   1 
ATOM   750  C  CB  . THR A 1 109 ? 0.256   -3.082  9.211   1.00 44.39  ? 266 THR A CB  1 
ATOM   751  O  OG1 . THR A 1 109 ? -0.795  -3.316  10.141  1.00 46.26  ? 266 THR A OG1 1 
ATOM   752  C  CG2 . THR A 1 109 ? 1.413   -2.406  9.903   1.00 45.64  ? 266 THR A CG2 1 
ATOM   753  N  N   . LEU A 1 110 ? 0.981   -2.769  6.077   1.00 45.74  ? 267 LEU A N   1 
ATOM   754  C  CA  . LEU A 1 110 ? 1.979   -2.575  4.997   1.00 43.12  ? 267 LEU A CA  1 
ATOM   755  C  C   . LEU A 1 110 ? 1.585   -1.367  4.158   1.00 44.95  ? 267 LEU A C   1 
ATOM   756  O  O   . LEU A 1 110 ? 2.437   -0.475  3.904   1.00 40.15  ? 267 LEU A O   1 
ATOM   757  C  CB  . LEU A 1 110 ? 2.049   -3.810  4.095   1.00 47.22  ? 267 LEU A CB  1 
ATOM   758  C  CG  . LEU A 1 110 ? 3.055   -3.711  2.945   1.00 44.69  ? 267 LEU A CG  1 
ATOM   759  C  CD1 . LEU A 1 110 ? 4.485   -3.550  3.479   1.00 41.33  ? 267 LEU A CD1 1 
ATOM   760  C  CD2 . LEU A 1 110 ? 2.942   -4.938  2.035   1.00 49.35  ? 267 LEU A CD2 1 
ATOM   761  N  N   . ILE A 1 111 ? 0.347   -1.369  3.693   1.00 41.66  ? 268 ILE A N   1 
ATOM   762  C  CA  . ILE A 1 111 ? -0.154  -0.304  2.789   1.00 44.38  ? 268 ILE A CA  1 
ATOM   763  C  C   . ILE A 1 111 ? -0.271  1.023   3.558   1.00 45.09  ? 268 ILE A C   1 
ATOM   764  O  O   . ILE A 1 111 ? -0.007  2.048   2.949   1.00 49.82  ? 268 ILE A O   1 
ATOM   765  C  CB  . ILE A 1 111 ? -1.466  -0.738  2.125   1.00 43.33  ? 268 ILE A CB  1 
ATOM   766  C  CG1 . ILE A 1 111 ? -1.258  -1.984  1.244   1.00 46.96  ? 268 ILE A CG1 1 
ATOM   767  C  CG2 . ILE A 1 111 ? -2.027  0.431   1.353   1.00 41.49  ? 268 ILE A CG2 1 
ATOM   768  C  CD1 . ILE A 1 111 ? -2.507  -2.796  0.995   1.00 48.28  ? 268 ILE A CD1 1 
ATOM   769  N  N   . SER A 1 112 ? -0.659  1.010   4.831   1.00 51.68  ? 269 SER A N   1 
ATOM   770  C  CA  . SER A 1 112 ? -0.747  2.225   5.685   1.00 49.72  ? 269 SER A CA  1 
ATOM   771  C  C   . SER A 1 112 ? 0.642   2.842   5.883   1.00 50.11  ? 269 SER A C   1 
ATOM   772  O  O   . SER A 1 112 ? 0.787   4.054   5.613   1.00 46.29  ? 269 SER A O   1 
ATOM   773  C  CB  . SER A 1 112 ? -1.390  1.917   6.981   1.00 48.24  ? 269 SER A CB  1 
ATOM   774  O  OG  . SER A 1 112 ? -2.648  1.323   6.738   1.00 58.39  ? 269 SER A OG  1 
ATOM   775  N  N   . PHE A 1 113 ? 1.643   2.042   6.267   1.00 50.60  ? 270 PHE A N   1 
ATOM   776  C  CA  . PHE A 1 113 ? 3.054   2.508   6.356   1.00 46.91  ? 270 PHE A CA  1 
ATOM   777  C  C   . PHE A 1 113 ? 3.502   3.114   5.016   1.00 52.18  ? 270 PHE A C   1 
ATOM   778  O  O   . PHE A 1 113 ? 4.179   4.171   5.028   1.00 51.97  ? 270 PHE A O   1 
ATOM   779  C  CB  . PHE A 1 113 ? 4.010   1.410   6.823   1.00 52.66  ? 270 PHE A CB  1 
ATOM   780  C  CG  . PHE A 1 113 ? 5.373   1.955   7.155   1.00 51.52  ? 270 PHE A CG  1 
ATOM   781  C  CD1 . PHE A 1 113 ? 5.531   2.811   8.245   1.00 56.68  ? 270 PHE A CD1 1 
ATOM   782  C  CD2 . PHE A 1 113 ? 6.453   1.741   6.314   1.00 50.02  ? 270 PHE A CD2 1 
ATOM   783  C  CE1 . PHE A 1 113 ? 6.763   3.381   8.524   1.00 52.02  ? 270 PHE A CE1 1 
ATOM   784  C  CE2 . PHE A 1 113 ? 7.693   2.306   6.596   1.00 47.93  ? 270 PHE A CE2 1 
ATOM   785  C  CZ  . PHE A 1 113 ? 7.842   3.117   7.700   1.00 58.55  ? 270 PHE A CZ  1 
ATOM   786  N  N   . GLY A 1 114 ? 3.127   2.500   3.883   1.00 48.16  ? 271 GLY A N   1 
ATOM   787  C  CA  . GLY A 1 114 ? 3.433   3.047   2.544   1.00 51.19  ? 271 GLY A CA  1 
ATOM   788  C  C   . GLY A 1 114 ? 2.896   4.466   2.355   1.00 50.90  ? 271 GLY A C   1 
ATOM   789  O  O   . GLY A 1 114 ? 3.649   5.347   1.842   1.00 51.67  ? 271 GLY A O   1 
ATOM   790  N  N   . ALA A 1 115 ? 1.616   4.677   2.678   1.00 48.24  ? 272 ALA A N   1 
ATOM   791  C  CA  . ALA A 1 115 ? 0.935   5.991   2.627   1.00 46.06  ? 272 ALA A CA  1 
ATOM   792  C  C   . ALA A 1 115 ? 1.647   6.971   3.586   1.00 46.70  ? 272 ALA A C   1 
ATOM   793  O  O   . ALA A 1 115 ? 1.912   8.109   3.201   1.00 44.98  ? 272 ALA A O   1 
ATOM   794  C  CB  . ALA A 1 115 ? -0.508  5.817   3.004   1.00 45.32  ? 272 ALA A CB  1 
ATOM   795  N  N   . PHE A 1 116 ? 2.025   6.514   4.772   1.00 43.57  ? 273 PHE A N   1 
ATOM   796  C  CA  . PHE A 1 116 ? 2.796   7.324   5.743   1.00 54.86  ? 273 PHE A CA  1 
ATOM   797  C  C   . PHE A 1 116 ? 4.136   7.764   5.127   1.00 56.55  ? 273 PHE A C   1 
ATOM   798  O  O   . PHE A 1 116 ? 4.457   8.980   5.152   1.00 55.44  ? 273 PHE A O   1 
ATOM   799  C  CB  . PHE A 1 116 ? 2.986   6.553   7.037   1.00 49.98  ? 273 PHE A CB  1 
ATOM   800  C  CG  . PHE A 1 116 ? 3.499   7.411   8.156   1.00 54.86  ? 273 PHE A CG  1 
ATOM   801  C  CD1 . PHE A 1 116 ? 2.623   8.112   8.971   1.00 57.41  ? 273 PHE A CD1 1 
ATOM   802  C  CD2 . PHE A 1 116 ? 4.860   7.505   8.402   1.00 56.24  ? 273 PHE A CD2 1 
ATOM   803  C  CE1 . PHE A 1 116 ? 3.099   8.902   10.009  1.00 52.97  ? 273 PHE A CE1 1 
ATOM   804  C  CE2 . PHE A 1 116 ? 5.338   8.285   9.444   1.00 57.11  ? 273 PHE A CE2 1 
ATOM   805  C  CZ  . PHE A 1 116 ? 4.453   8.977   10.247  1.00 57.12  ? 273 PHE A CZ  1 
ATOM   806  N  N   . VAL A 1 117 ? 4.880   6.836   4.532   1.00 52.42  ? 274 VAL A N   1 
ATOM   807  C  CA  . VAL A 1 117 ? 6.142   7.177   3.809   1.00 52.86  ? 274 VAL A CA  1 
ATOM   808  C  C   . VAL A 1 117 ? 5.818   8.099   2.629   1.00 51.99  ? 274 VAL A C   1 
ATOM   809  O  O   . VAL A 1 117 ? 6.603   9.032   2.379   1.00 56.88  ? 274 VAL A O   1 
ATOM   810  C  CB  . VAL A 1 117 ? 6.895   5.905   3.371   1.00 53.78  ? 274 VAL A CB  1 
ATOM   811  C  CG1 . VAL A 1 117 ? 8.063   6.205   2.445   1.00 59.24  ? 274 VAL A CG1 1 
ATOM   812  C  CG2 . VAL A 1 117 ? 7.357   5.116   4.587   1.00 50.64  ? 274 VAL A CG2 1 
ATOM   813  N  N   . ALA A 1 118 ? 4.718   7.874   1.916   1.00 52.33  ? 275 ALA A N   1 
ATOM   814  C  CA  . ALA A 1 118 ? 4.368   8.704   0.735   1.00 54.42  ? 275 ALA A CA  1 
ATOM   815  C  C   . ALA A 1 118 ? 4.157   10.166  1.166   1.00 48.37  ? 275 ALA A C   1 
ATOM   816  O  O   . ALA A 1 118 ? 4.476   11.071  0.375   1.00 56.00  ? 275 ALA A O   1 
ATOM   817  C  CB  . ALA A 1 118 ? 3.150   8.158   0.022   1.00 51.96  ? 275 ALA A CB  1 
ATOM   818  N  N   . LYS A 1 119 ? 3.531   10.376  2.317   1.00 44.83  ? 276 LYS A N   1 
ATOM   819  C  CA  . LYS A 1 119 ? 3.218   11.723  2.859   1.00 50.37  ? 276 LYS A CA  1 
ATOM   820  C  C   . LYS A 1 119 ? 4.549   12.435  3.102   1.00 55.32  ? 276 LYS A C   1 
ATOM   821  O  O   . LYS A 1 119 ? 4.700   13.575  2.646   1.00 56.00  ? 276 LYS A O   1 
ATOM   822  C  CB  . LYS A 1 119 ? 2.421   11.626  4.162   1.00 50.32  ? 276 LYS A CB  1 
ATOM   823  C  CG  . LYS A 1 119 ? 0.907   11.543  4.003   1.00 51.32  ? 276 LYS A CG  1 
ATOM   824  C  CD  . LYS A 1 119 ? 0.200   11.138  5.271   1.00 47.32  ? 276 LYS A CD  1 
ATOM   825  C  CE  . LYS A 1 119 ? -1.260  10.859  5.022   1.00 57.83  ? 276 LYS A CE  1 
ATOM   826  N  NZ  . LYS A 1 119 ? -1.985  10.567  6.282   1.00 69.48  ? 276 LYS A NZ  1 
ATOM   827  N  N   . HIS A 1 120 ? 5.497   11.721  3.707   1.00 55.83  ? 277 HIS A N   1 
ATOM   828  C  CA  . HIS A 1 120 ? 6.870   12.200  3.992   1.00 58.54  ? 277 HIS A CA  1 
ATOM   829  C  C   . HIS A 1 120 ? 7.600   12.547  2.697   1.00 66.10  ? 277 HIS A C   1 
ATOM   830  O  O   . HIS A 1 120 ? 8.316   13.565  2.707   1.00 71.24  ? 277 HIS A O   1 
ATOM   831  C  CB  . HIS A 1 120 ? 7.608   11.175  4.839   1.00 64.97  ? 277 HIS A CB  1 
ATOM   832  C  CG  . HIS A 1 120 ? 9.073   11.399  4.878   1.00 73.82  ? 277 HIS A CG  1 
ATOM   833  N  ND1 . HIS A 1 120 ? 9.685   12.084  5.904   1.00 77.30  ? 277 HIS A ND1 1 
ATOM   834  C  CD2 . HIS A 1 120 ? 10.048  11.011  4.034   1.00 72.89  ? 277 HIS A CD2 1 
ATOM   835  C  CE1 . HIS A 1 120 ? 10.982  12.108  5.691   1.00 77.99  ? 277 HIS A CE1 1 
ATOM   836  N  NE2 . HIS A 1 120 ? 11.229  11.448  4.561   1.00 78.68  ? 277 HIS A NE2 1 
ATOM   837  N  N   . LEU A 1 121 ? 7.442   11.745  1.638   1.00 61.31  ? 278 LEU A N   1 
ATOM   838  C  CA  . LEU A 1 121 ? 8.096   12.003  0.335   1.00 59.84  ? 278 LEU A CA  1 
ATOM   839  C  C   . LEU A 1 121 ? 7.520   13.279  -0.302  1.00 68.54  ? 278 LEU A C   1 
ATOM   840  O  O   . LEU A 1 121 ? 8.263   13.973  -1.020  1.00 65.63  ? 278 LEU A O   1 
ATOM   841  C  CB  . LEU A 1 121 ? 7.886   10.808  -0.596  1.00 65.14  ? 278 LEU A CB  1 
ATOM   842  C  CG  . LEU A 1 121 ? 8.660   9.541   -0.247  1.00 62.81  ? 278 LEU A CG  1 
ATOM   843  C  CD1 . LEU A 1 121 ? 8.307   8.435   -1.228  1.00 58.49  ? 278 LEU A CD1 1 
ATOM   844  C  CD2 . LEU A 1 121 ? 10.169  9.795   -0.220  1.00 57.29  ? 278 LEU A CD2 1 
ATOM   845  N  N   . LYS A 1 122 ? 6.230   13.547  -0.099  1.00 63.34  ? 279 LYS A N   1 
ATOM   846  C  CA  . LYS A 1 122 ? 5.608   14.829  -0.499  1.00 67.03  ? 279 LYS A CA  1 
ATOM   847  C  C   . LYS A 1 122 ? 6.251   15.965  0.297   1.00 63.24  ? 279 LYS A C   1 
ATOM   848  O  O   . LYS A 1 122 ? 6.690   16.919  -0.327  1.00 69.96  ? 279 LYS A O   1 
ATOM   849  C  CB  . LYS A 1 122 ? 4.102   14.853  -0.247  1.00 70.33  ? 279 LYS A CB  1 
ATOM   850  C  CG  . LYS A 1 122 ? 3.409   16.100  -0.770  1.00 72.17  ? 279 LYS A CG  1 
ATOM   851  C  CD  . LYS A 1 122 ? 3.456   16.189  -2.278  1.00 81.04  ? 279 LYS A CD  1 
ATOM   852  C  CE  . LYS A 1 122 ? 3.176   17.578  -2.807  1.00 86.26  ? 279 LYS A CE  1 
ATOM   853  N  NZ  . LYS A 1 122 ? 3.783   17.757  -4.145  1.00 94.96  ? 279 LYS A NZ  1 
ATOM   854  N  N   . THR A 1 123 ? 6.323   15.842  1.621   1.00 64.65  ? 280 THR A N   1 
ATOM   855  C  CA  . THR A 1 123 ? 6.804   16.937  2.497   1.00 71.44  ? 280 THR A CA  1 
ATOM   856  C  C   . THR A 1 123 ? 8.253   17.264  2.099   1.00 68.45  ? 280 THR A C   1 
ATOM   857  O  O   . THR A 1 123 ? 8.541   18.455  2.022   1.00 79.67  ? 280 THR A O   1 
ATOM   858  C  CB  . THR A 1 123 ? 6.562   16.669  3.992   1.00 62.56  ? 280 THR A CB  1 
ATOM   859  O  OG1 . THR A 1 123 ? 7.382   15.588  4.403   1.00 80.04  ? 280 THR A OG1 1 
ATOM   860  C  CG2 . THR A 1 123 ? 5.131   16.334  4.340   1.00 69.88  ? 280 THR A CG2 1 
ATOM   861  N  N   . ILE A 1 124 ? 9.093   16.278  1.759   1.00 67.98  ? 281 ILE A N   1 
ATOM   862  C  CA  . ILE A 1 124 ? 10.525  16.498  1.376   1.00 56.58  ? 281 ILE A CA  1 
ATOM   863  C  C   . ILE A 1 124 ? 10.693  16.667  -0.138  1.00 58.43  ? 281 ILE A C   1 
ATOM   864  O  O   . ILE A 1 124 ? 11.826  16.552  -0.603  1.00 68.43  ? 281 ILE A O   1 
ATOM   865  C  CB  . ILE A 1 124 ? 11.424  15.375  1.896   1.00 60.40  ? 281 ILE A CB  1 
ATOM   866  C  CG1 . ILE A 1 124 ? 11.179  14.045  1.172   1.00 67.68  ? 281 ILE A CG1 1 
ATOM   867  C  CG2 . ILE A 1 124 ? 11.275  15.237  3.396   1.00 56.98  ? 281 ILE A CG2 1 
ATOM   868  C  CD1 . ILE A 1 124 ? 12.424  13.203  1.043   1.00 68.42  ? 281 ILE A CD1 1 
ATOM   869  N  N   . ASN A 1 125 ? 9.630   16.946  -0.883  1.00 64.58  ? 282 ASN A N   1 
ATOM   870  C  CA  . ASN A 1 125 ? 9.701   17.249  -2.341  1.00 76.66  ? 282 ASN A CA  1 
ATOM   871  C  C   . ASN A 1 125 ? 10.427  16.097  -3.062  1.00 76.80  ? 282 ASN A C   1 
ATOM   872  O  O   . ASN A 1 125 ? 11.272  16.351  -3.951  1.00 74.91  ? 282 ASN A O   1 
ATOM   873  C  CB  . ASN A 1 125 ? 10.323  18.635  -2.562  1.00 79.64  ? 282 ASN A CB  1 
ATOM   874  C  CG  . ASN A 1 125 ? 10.363  19.097  -4.010  1.00 81.42  ? 282 ASN A CG  1 
ATOM   875  O  OD1 . ASN A 1 125 ? 11.416  19.521  -4.484  1.00 75.95  ? 282 ASN A OD1 1 
ATOM   876  N  ND2 . ASN A 1 125 ? 9.240   19.050  -4.712  1.00 68.39  ? 282 ASN A ND2 1 
ATOM   877  N  N   . GLN A 1 126 ? 10.087  14.860  -2.713  1.00 80.31  ? 283 GLN A N   1 
ATOM   878  C  CA  . GLN A 1 126 ? 10.574  13.644  -3.415  1.00 77.37  ? 283 GLN A CA  1 
ATOM   879  C  C   . GLN A 1 126 ? 9.363   12.820  -3.855  1.00 80.24  ? 283 GLN A C   1 
ATOM   880  O  O   . GLN A 1 126 ? 9.376   11.599  -3.664  1.00 87.00  ? 283 GLN A O   1 
ATOM   881  C  CB  . GLN A 1 126 ? 11.510  12.858  -2.502  1.00 84.57  ? 283 GLN A CB  1 
ATOM   882  C  CG  . GLN A 1 126 ? 12.902  13.460  -2.402  1.00 91.59  ? 283 GLN A CG  1 
ATOM   883  C  CD  . GLN A 1 126 ? 13.715  13.069  -3.606  1.00 89.13  ? 283 GLN A CD  1 
ATOM   884  O  OE1 . GLN A 1 126 ? 13.427  13.483  -4.721  1.00 82.11  ? 283 GLN A OE1 1 
ATOM   885  N  NE2 . GLN A 1 126 ? 14.709  12.226  -3.393  1.00 90.22  ? 283 GLN A NE2 1 
ATOM   886  N  N   . GLU A 1 127 ? 8.363   13.489  -4.429  1.00 73.28  ? 284 GLU A N   1 
ATOM   887  C  CA  . GLU A 1 127 ? 7.088   12.884  -4.885  1.00 73.96  ? 284 GLU A CA  1 
ATOM   888  C  C   . GLU A 1 127 ? 7.309   12.039  -6.149  1.00 72.24  ? 284 GLU A C   1 
ATOM   889  O  O   . GLU A 1 127 ? 6.374   11.369  -6.559  1.00 64.46  ? 284 GLU A O   1 
ATOM   890  C  CB  . GLU A 1 127 ? 6.031   13.968  -5.125  1.00 84.57  ? 284 GLU A CB  1 
ATOM   891  C  CG  . GLU A 1 127 ? 6.416   15.001  -6.172  1.00 97.79  ? 284 GLU A CG  1 
ATOM   892  C  CD  . GLU A 1 127 ? 7.282   16.139  -5.651  1.00 103.46 ? 284 GLU A CD  1 
ATOM   893  O  OE1 . GLU A 1 127 ? 6.765   16.937  -4.851  1.00 94.75  ? 284 GLU A OE1 1 
ATOM   894  O  OE2 . GLU A 1 127 ? 8.484   16.195  -6.021  1.00 99.55  ? 284 GLU A OE2 1 
ATOM   895  N  N   . SER A 1 128 ? 8.486   12.068  -6.769  1.00 74.05  ? 285 SER A N   1 
ATOM   896  C  CA  . SER A 1 128 ? 8.786   11.252  -7.973  1.00 74.94  ? 285 SER A CA  1 
ATOM   897  C  C   . SER A 1 128 ? 8.995   9.789   -7.555  1.00 72.11  ? 285 SER A C   1 
ATOM   898  O  O   . SER A 1 128 ? 8.891   8.927   -8.422  1.00 73.95  ? 285 SER A O   1 
ATOM   899  C  CB  . SER A 1 128 ? 9.979   11.800  -8.728  1.00 78.57  ? 285 SER A CB  1 
ATOM   900  O  OG  . SER A 1 128 ? 11.030  12.154  -7.837  1.00 75.76  ? 285 SER A OG  1 
ATOM   901  N  N   . CYS A 1 129 ? 9.274   9.545   -6.270  1.00 75.71  ? 286 CYS A N   1 
ATOM   902  C  CA  . CYS A 1 129 ? 9.508   8.212   -5.658  1.00 74.18  ? 286 CYS A CA  1 
ATOM   903  C  C   . CYS A 1 129 ? 8.210   7.538   -5.200  1.00 70.15  ? 286 CYS A C   1 
ATOM   904  O  O   . CYS A 1 129 ? 8.312   6.377   -4.791  1.00 66.79  ? 286 CYS A O   1 
ATOM   905  C  CB  . CYS A 1 129 ? 10.398  8.345   -4.435  1.00 74.56  ? 286 CYS A CB  1 
ATOM   906  S  SG  . CYS A 1 129 ? 11.970  9.143   -4.821  1.00 75.87  ? 286 CYS A SG  1 
ATOM   907  N  N   . ILE A 1 130 ? 7.059   8.222   -5.234  1.00 61.03  ? 287 ILE A N   1 
ATOM   908  C  CA  . ILE A 1 130 ? 5.777   7.674   -4.691  1.00 66.95  ? 287 ILE A CA  1 
ATOM   909  C  C   . ILE A 1 130 ? 5.289   6.539   -5.607  1.00 59.35  ? 287 ILE A C   1 
ATOM   910  O  O   . ILE A 1 130 ? 4.873   5.514   -5.064  1.00 52.68  ? 287 ILE A O   1 
ATOM   911  C  CB  . ILE A 1 130 ? 4.714   8.771   -4.464  1.00 67.31  ? 287 ILE A CB  1 
ATOM   912  C  CG1 . ILE A 1 130 ? 5.113   9.695   -3.314  1.00 68.76  ? 287 ILE A CG1 1 
ATOM   913  C  CG2 . ILE A 1 130 ? 3.336   8.168   -4.217  1.00 69.98  ? 287 ILE A CG2 1 
ATOM   914  C  CD1 . ILE A 1 130 ? 4.503   11.067  -3.399  1.00 71.45  ? 287 ILE A CD1 1 
ATOM   915  N  N   . GLU A 1 131 ? 5.394   6.688   -6.923  1.00 62.83  ? 288 GLU A N   1 
ATOM   916  C  CA  . GLU A 1 131 ? 4.952   5.652   -7.894  1.00 67.09  ? 288 GLU A CA  1 
ATOM   917  C  C   . GLU A 1 131 ? 5.826   4.403   -7.755  1.00 63.31  ? 288 GLU A C   1 
ATOM   918  O  O   . GLU A 1 131 ? 5.303   3.298   -7.686  1.00 63.77  ? 288 GLU A O   1 
ATOM   919  C  CB  . GLU A 1 131 ? 4.903   6.218   -9.312  1.00 65.67  ? 288 GLU A CB  1 
ATOM   920  C  CG  . GLU A 1 131 ? 4.194   5.304   -10.295 0.75 71.22  ? 288 GLU A CG  1 
ATOM   921  C  CD  . GLU A 1 131 ? 2.830   4.847   -9.813  0.50 69.83  ? 288 GLU A CD  1 
ATOM   922  O  OE1 . GLU A 1 131 ? 2.502   3.664   -10.007 0.50 69.39  ? 288 GLU A OE1 1 
ATOM   923  O  OE2 . GLU A 1 131 ? 2.114   5.681   -9.221  0.50 66.36  ? 288 GLU A OE2 1 
ATOM   924  N  N   . PRO A 1 132 ? 7.167   4.513   -7.674  1.00 64.19  ? 289 PRO A N   1 
ATOM   925  C  CA  . PRO A 1 132 ? 8.019   3.360   -7.368  1.00 60.48  ? 289 PRO A CA  1 
ATOM   926  C  C   . PRO A 1 132 ? 7.777   2.706   -6.003  1.00 59.34  ? 289 PRO A C   1 
ATOM   927  O  O   . PRO A 1 132 ? 7.865   1.497   -5.890  1.00 56.53  ? 289 PRO A O   1 
ATOM   928  C  CB  . PRO A 1 132 ? 9.439   3.946   -7.374  1.00 61.55  ? 289 PRO A CB  1 
ATOM   929  C  CG  . PRO A 1 132 ? 9.332   5.131   -8.300  1.00 60.60  ? 289 PRO A CG  1 
ATOM   930  C  CD  . PRO A 1 132 ? 7.952   5.700   -8.032  1.00 65.94  ? 289 PRO A CD  1 
ATOM   931  N  N   . LEU A 1 133 ? 7.535   3.511   -4.975  1.00 54.76  ? 290 LEU A N   1 
ATOM   932  C  CA  . LEU A 1 133 ? 7.206   2.979   -3.626  1.00 55.62  ? 290 LEU A CA  1 
ATOM   933  C  C   . LEU A 1 133 ? 5.947   2.102   -3.752  1.00 48.53  ? 290 LEU A C   1 
ATOM   934  O  O   . LEU A 1 133 ? 5.972   0.986   -3.265  1.00 56.57  ? 290 LEU A O   1 
ATOM   935  C  CB  . LEU A 1 133 ? 7.005   4.150   -2.665  1.00 58.07  ? 290 LEU A CB  1 
ATOM   936  C  CG  . LEU A 1 133 ? 6.525   3.790   -1.264  1.00 56.65  ? 290 LEU A CG  1 
ATOM   937  C  CD1 . LEU A 1 133 ? 7.505   2.833   -0.605  1.00 55.04  ? 290 LEU A CD1 1 
ATOM   938  C  CD2 . LEU A 1 133 ? 6.335   5.050   -0.434  1.00 56.06  ? 290 LEU A CD2 1 
ATOM   939  N  N   . ALA A 1 134 ? 4.907   2.575   -4.440  1.00 44.90  ? 291 ALA A N   1 
ATOM   940  C  CA  . ALA A 1 134 ? 3.646   1.839   -4.660  1.00 47.33  ? 291 ALA A CA  1 
ATOM   941  C  C   . ALA A 1 134 ? 3.911   0.515   -5.403  1.00 48.73  ? 291 ALA A C   1 
ATOM   942  O  O   . ALA A 1 134 ? 3.359   -0.517  -5.014  1.00 51.42  ? 291 ALA A O   1 
ATOM   943  C  CB  . ALA A 1 134 ? 2.711   2.693   -5.427  1.00 45.83  ? 291 ALA A CB  1 
ATOM   944  N  N   . GLU A 1 135 ? 4.729   0.563   -6.438  1.00 53.53  ? 292 GLU A N   1 
ATOM   945  C  CA  . GLU A 1 135 ? 5.146   -0.607  -7.240  1.00 58.53  ? 292 GLU A CA  1 
ATOM   946  C  C   . GLU A 1 135 ? 5.837   -1.615  -6.337  1.00 55.59  ? 292 GLU A C   1 
ATOM   947  O  O   . GLU A 1 135 ? 5.452   -2.773  -6.356  1.00 53.50  ? 292 GLU A O   1 
ATOM   948  C  CB  . GLU A 1 135 ? 6.101   -0.166  -8.334  1.00 61.17  ? 292 GLU A CB  1 
ATOM   949  C  CG  . GLU A 1 135 ? 5.369   0.405   -9.512  0.75 65.64  ? 292 GLU A CG  1 
ATOM   950  C  CD  . GLU A 1 135 ? 6.278   0.557   -10.707 0.75 76.24  ? 292 GLU A CD  1 
ATOM   951  O  OE1 . GLU A 1 135 ? 6.935   -0.456  -11.071 0.75 75.63  ? 292 GLU A OE1 1 
ATOM   952  O  OE2 . GLU A 1 135 ? 6.347   1.689   -11.234 0.75 73.50  ? 292 GLU A OE2 1 
ATOM   953  N  N   . SER A 1 136 ? 6.771   -1.144  -5.529  1.00 50.67  ? 293 SER A N   1 
ATOM   954  C  CA  . SER A 1 136 ? 7.554   -1.985  -4.609  1.00 51.05  ? 293 SER A CA  1 
ATOM   955  C  C   . SER A 1 136 ? 6.628   -2.638  -3.567  1.00 54.73  ? 293 SER A C   1 
ATOM   956  O  O   . SER A 1 136 ? 6.807   -3.835  -3.293  1.00 56.88  ? 293 SER A O   1 
ATOM   957  C  CB  . SER A 1 136 ? 8.662   -1.179  -3.990  1.00 54.26  ? 293 SER A CB  1 
ATOM   958  O  OG  . SER A 1 136 ? 9.158   -1.842  -2.834  1.00 68.11  ? 293 SER A OG  1 
ATOM   959  N  N   . ILE A 1 137 ? 5.675   -1.901  -2.992  1.00 51.30  ? 294 ILE A N   1 
ATOM   960  C  CA  . ILE A 1 137 ? 4.678   -2.476  -2.037  1.00 48.46  ? 294 ILE A CA  1 
ATOM   961  C  C   . ILE A 1 137 ? 3.829   -3.502  -2.791  1.00 46.00  ? 294 ILE A C   1 
ATOM   962  O  O   . ILE A 1 137 ? 3.629   -4.616  -2.262  1.00 47.46  ? 294 ILE A O   1 
ATOM   963  C  CB  . ILE A 1 137 ? 3.828   -1.378  -1.365  1.00 55.87  ? 294 ILE A CB  1 
ATOM   964  C  CG1 . ILE A 1 137 ? 4.728   -0.488  -0.502  1.00 59.62  ? 294 ILE A CG1 1 
ATOM   965  C  CG2 . ILE A 1 137 ? 2.664   -1.958  -0.559  1.00 51.26  ? 294 ILE A CG2 1 
ATOM   966  C  CD1 . ILE A 1 137 ? 4.025   0.658   0.155   1.00 59.61  ? 294 ILE A CD1 1 
ATOM   967  N  N   . THR A 1 138 ? 3.337   -3.168  -3.980  1.00 46.36  ? 295 THR A N   1 
ATOM   968  C  CA  . THR A 1 138 ? 2.489   -4.097  -4.761  1.00 48.92  ? 295 THR A CA  1 
ATOM   969  C  C   . THR A 1 138 ? 3.270   -5.398  -5.025  1.00 56.00  ? 295 THR A C   1 
ATOM   970  O  O   . THR A 1 138 ? 2.737   -6.493  -4.753  1.00 49.97  ? 295 THR A O   1 
ATOM   971  C  CB  . THR A 1 138 ? 2.010   -3.443  -6.049  1.00 50.97  ? 295 THR A CB  1 
ATOM   972  O  OG1 . THR A 1 138 ? 1.297   -2.255  -5.684  1.00 51.01  ? 295 THR A OG1 1 
ATOM   973  C  CG2 . THR A 1 138 ? 1.146   -4.386  -6.851  1.00 51.14  ? 295 THR A CG2 1 
ATOM   974  N  N   . ASP A 1 139 ? 4.520   -5.271  -5.459  1.00 57.50  ? 296 ASP A N   1 
ATOM   975  C  CA  . ASP A 1 139 ? 5.399   -6.414  -5.819  1.00 61.08  ? 296 ASP A CA  1 
ATOM   976  C  C   . ASP A 1 139 ? 5.629   -7.270  -4.571  1.00 56.75  ? 296 ASP A C   1 
ATOM   977  O  O   . ASP A 1 139 ? 5.529   -8.508  -4.682  1.00 56.39  ? 296 ASP A O   1 
ATOM   978  C  CB  . ASP A 1 139 ? 6.706   -5.943  -6.471  1.00 64.95  ? 296 ASP A CB  1 
ATOM   979  C  CG  . ASP A 1 139 ? 7.364   -7.044  -7.283  0.75 75.70  ? 296 ASP A CG  1 
ATOM   980  O  OD1 . ASP A 1 139 ? 6.915   -7.269  -8.432  0.75 76.24  ? 296 ASP A OD1 1 
ATOM   981  O  OD2 . ASP A 1 139 ? 8.277   -7.711  -6.740  0.75 80.98  ? 296 ASP A OD2 1 
ATOM   982  N  N   . VAL A 1 140 ? 5.911   -6.648  -3.421  1.00 53.59  ? 297 VAL A N   1 
ATOM   983  C  CA  . VAL A 1 140 ? 6.098   -7.388  -2.136  1.00 57.14  ? 297 VAL A CA  1 
ATOM   984  C  C   . VAL A 1 140 ? 4.782   -8.119  -1.813  1.00 58.02  ? 297 VAL A C   1 
ATOM   985  O  O   . VAL A 1 140 ? 4.805   -9.320  -1.517  1.00 53.64  ? 297 VAL A O   1 
ATOM   986  C  CB  . VAL A 1 140 ? 6.556   -6.457  -0.990  1.00 61.86  ? 297 VAL A CB  1 
ATOM   987  C  CG1 . VAL A 1 140 ? 6.346   -7.078  0.382   1.00 60.76  ? 297 VAL A CG1 1 
ATOM   988  C  CG2 . VAL A 1 140 ? 8.021   -6.061  -1.145  1.00 70.34  ? 297 VAL A CG2 1 
ATOM   989  N  N   . LEU A 1 141 ? 3.655   -7.424  -1.916  1.00 52.53  ? 298 LEU A N   1 
ATOM   990  C  CA  . LEU A 1 141 ? 2.335   -8.003  -1.596  1.00 55.20  ? 298 LEU A CA  1 
ATOM   991  C  C   . LEU A 1 141 ? 2.046   -9.189  -2.526  1.00 48.81  ? 298 LEU A C   1 
ATOM   992  O  O   . LEU A 1 141 ? 1.823   -10.285 -2.026  1.00 46.63  ? 298 LEU A O   1 
ATOM   993  C  CB  . LEU A 1 141 ? 1.272   -6.912  -1.717  1.00 55.93  ? 298 LEU A CB  1 
ATOM   994  C  CG  . LEU A 1 141 ? -0.155  -7.372  -1.440  1.00 60.58  ? 298 LEU A CG  1 
ATOM   995  C  CD1 . LEU A 1 141 ? -0.260  -8.037  -0.076  1.00 61.68  ? 298 LEU A CD1 1 
ATOM   996  C  CD2 . LEU A 1 141 ? -1.109  -6.192  -1.543  1.00 65.64  ? 298 LEU A CD2 1 
ATOM   997  N  N   . VAL A 1 142 ? 2.026   -8.985  -3.833  1.00 48.62  ? 299 VAL A N   1 
ATOM   998  C  CA  . VAL A 1 142 ? 1.490   -10.017 -4.771  1.00 53.90  ? 299 VAL A CA  1 
ATOM   999  C  C   . VAL A 1 142 ? 2.526   -11.144 -5.000  1.00 53.12  ? 299 VAL A C   1 
ATOM   1000 O  O   . VAL A 1 142 ? 2.114   -12.299 -5.174  1.00 55.70  ? 299 VAL A O   1 
ATOM   1001 C  CB  . VAL A 1 142 ? 1.013   -9.353  -6.071  1.00 58.05  ? 299 VAL A CB  1 
ATOM   1002 C  CG1 . VAL A 1 142 ? 0.450   -10.374 -7.044  1.00 58.51  ? 299 VAL A CG1 1 
ATOM   1003 C  CG2 . VAL A 1 142 ? -0.015  -8.261  -5.777  1.00 53.87  ? 299 VAL A CG2 1 
ATOM   1004 N  N   . ARG A 1 143 ? 3.817   -10.831 -4.974  1.00 47.32  ? 300 ARG A N   1 
ATOM   1005 C  CA  . ARG A 1 143 ? 4.912   -11.785 -5.237  1.00 49.92  ? 300 ARG A CA  1 
ATOM   1006 C  C   . ARG A 1 143 ? 4.942   -12.756 -4.064  1.00 52.84  ? 300 ARG A C   1 
ATOM   1007 O  O   . ARG A 1 143 ? 4.981   -13.970 -4.335  1.00 55.49  ? 300 ARG A O   1 
ATOM   1008 C  CB  . ARG A 1 143 ? 6.258   -11.075 -5.474  1.00 57.90  ? 300 ARG A CB  1 
ATOM   1009 C  CG  . ARG A 1 143 ? 7.463   -12.008 -5.470  1.00 74.39  ? 300 ARG A CG  1 
ATOM   1010 C  CD  . ARG A 1 143 ? 8.799   -11.581 -6.097  1.00 89.03  ? 300 ARG A CD  1 
ATOM   1011 N  NE  . ARG A 1 143 ? 9.724   -12.723 -5.956  1.00 112.60 ? 300 ARG A NE  1 
ATOM   1012 C  CZ  . ARG A 1 143 ? 10.884  -12.911 -6.598  1.00 113.47 ? 300 ARG A CZ  1 
ATOM   1013 N  NH1 . ARG A 1 143 ? 11.332  -12.016 -7.465  1.00 117.68 ? 300 ARG A NH1 1 
ATOM   1014 N  NH2 . ARG A 1 143 ? 11.596  -14.005 -6.360  1.00 98.37  ? 300 ARG A NH2 1 
ATOM   1015 N  N   . THR A 1 144 ? 4.851   -12.263 -2.815  1.00 53.30  ? 301 THR A N   1 
ATOM   1016 C  CA  . THR A 1 144 ? 5.074   -13.095 -1.605  1.00 49.81  ? 301 THR A CA  1 
ATOM   1017 C  C   . THR A 1 144 ? 3.753   -13.669 -1.074  1.00 49.92  ? 301 THR A C   1 
ATOM   1018 O  O   . THR A 1 144 ? 3.807   -14.628 -0.312  1.00 51.95  ? 301 THR A O   1 
ATOM   1019 C  CB  . THR A 1 144 ? 5.903   -12.372 -0.527  1.00 56.09  ? 301 THR A CB  1 
ATOM   1020 O  OG1 . THR A 1 144 ? 5.106   -11.566 0.344   1.00 52.61  ? 301 THR A OG1 1 
ATOM   1021 C  CG2 . THR A 1 144 ? 7.018   -11.535 -1.118  1.00 53.68  ? 301 THR A CG2 1 
ATOM   1022 N  N   . LYS A 1 145 ? 2.584   -13.148 -1.433  1.00 50.50  ? 302 LYS A N   1 
ATOM   1023 C  CA  . LYS A 1 145 ? 1.342   -13.649 -0.789  1.00 50.07  ? 302 LYS A CA  1 
ATOM   1024 C  C   . LYS A 1 145 ? 0.335   -14.116 -1.826  1.00 43.83  ? 302 LYS A C   1 
ATOM   1025 O  O   . LYS A 1 145 ? -0.834  -14.232 -1.460  1.00 44.61  ? 302 LYS A O   1 
ATOM   1026 C  CB  . LYS A 1 145 ? 0.722   -12.568 0.103   1.00 50.71  ? 302 LYS A CB  1 
ATOM   1027 C  CG  . LYS A 1 145 ? 1.650   -12.033 1.166   1.00 52.83  ? 302 LYS A CG  1 
ATOM   1028 C  CD  . LYS A 1 145 ? 2.216   -13.096 2.059   1.00 56.91  ? 302 LYS A CD  1 
ATOM   1029 C  CE  . LYS A 1 145 ? 2.935   -12.485 3.239   1.00 58.22  ? 302 LYS A CE  1 
ATOM   1030 N  NZ  . LYS A 1 145 ? 2.925   -13.380 4.415   1.00 64.32  ? 302 LYS A NZ  1 
ATOM   1031 N  N   . ARG A 1 146 ? 0.777   -14.423 -3.045  1.00 51.12  ? 303 ARG A N   1 
ATOM   1032 C  CA  . ARG A 1 146 ? -0.132  -14.763 -4.177  1.00 51.95  ? 303 ARG A CA  1 
ATOM   1033 C  C   . ARG A 1 146 ? -1.191  -15.797 -3.753  1.00 43.83  ? 303 ARG A C   1 
ATOM   1034 O  O   . ARG A 1 146 ? -2.371  -15.530 -3.913  1.00 47.08  ? 303 ARG A O   1 
ATOM   1035 C  CB  . ARG A 1 146 ? 0.674   -15.288 -5.367  1.00 52.17  ? 303 ARG A CB  1 
ATOM   1036 C  CG  . ARG A 1 146 ? -0.155  -16.041 -6.399  1.00 56.06  ? 303 ARG A CG  1 
ATOM   1037 C  CD  . ARG A 1 146 ? -0.750  -15.159 -7.461  1.00 58.16  ? 303 ARG A CD  1 
ATOM   1038 N  NE  . ARG A 1 146 ? 0.302   -14.335 -8.028  1.00 60.64  ? 303 ARG A NE  1 
ATOM   1039 C  CZ  . ARG A 1 146 ? 0.113   -13.405 -8.944  1.00 56.92  ? 303 ARG A CZ  1 
ATOM   1040 N  NH1 . ARG A 1 146 ? -1.089  -13.184 -9.445  1.00 54.07  ? 303 ARG A NH1 1 
ATOM   1041 N  NH2 . ARG A 1 146 ? 1.146   -12.700 -9.356  1.00 59.99  ? 303 ARG A NH2 1 
ATOM   1042 N  N   . ASP A 1 147 ? -0.791  -16.967 -3.286  1.00 44.92  ? 304 ASP A N   1 
ATOM   1043 C  CA  . ASP A 1 147 ? -1.739  -18.096 -3.059  1.00 49.23  ? 304 ASP A CA  1 
ATOM   1044 C  C   . ASP A 1 147 ? -2.678  -17.755 -1.906  1.00 47.34  ? 304 ASP A C   1 
ATOM   1045 O  O   . ASP A 1 147 ? -3.849  -18.078 -2.043  1.00 49.00  ? 304 ASP A O   1 
ATOM   1046 C  CB  . ASP A 1 147 ? -0.993  -19.422 -2.868  1.00 50.54  ? 304 ASP A CB  1 
ATOM   1047 C  CG  . ASP A 1 147 ? -0.320  -19.853 -4.172  1.00 51.26  ? 304 ASP A CG  1 
ATOM   1048 O  OD1 . ASP A 1 147 ? -0.719  -19.346 -5.233  1.00 53.18  ? 304 ASP A OD1 1 
ATOM   1049 O  OD2 . ASP A 1 147 ? 0.615   -20.630 -4.120  1.00 50.49  ? 304 ASP A OD2 1 
ATOM   1050 N  N   . TRP A 1 148 ? -2.213  -17.061 -0.858  1.00 51.92  ? 305 TRP A N   1 
ATOM   1051 C  CA  . TRP A 1 148 ? -3.098  -16.597 0.255   1.00 47.12  ? 305 TRP A CA  1 
ATOM   1052 C  C   . TRP A 1 148 ? -4.155  -15.648 -0.318  1.00 46.04  ? 305 TRP A C   1 
ATOM   1053 O  O   . TRP A 1 148 ? -5.358  -15.878 -0.128  1.00 42.98  ? 305 TRP A O   1 
ATOM   1054 C  CB  . TRP A 1 148 ? -2.290  -15.945 1.371   1.00 51.47  ? 305 TRP A CB  1 
ATOM   1055 C  CG  . TRP A 1 148 ? -3.127  -15.600 2.568   1.00 53.25  ? 305 TRP A CG  1 
ATOM   1056 C  CD1 . TRP A 1 148 ? -3.306  -16.359 3.686   1.00 46.19  ? 305 TRP A CD1 1 
ATOM   1057 C  CD2 . TRP A 1 148 ? -3.927  -14.418 2.751   1.00 44.14  ? 305 TRP A CD2 1 
ATOM   1058 N  NE1 . TRP A 1 148 ? -4.166  -15.738 4.545   1.00 49.83  ? 305 TRP A NE1 1 
ATOM   1059 C  CE2 . TRP A 1 148 ? -4.557  -14.538 4.013   1.00 52.40  ? 305 TRP A CE2 1 
ATOM   1060 C  CE3 . TRP A 1 148 ? -4.129  -13.252 2.008   1.00 43.75  ? 305 TRP A CE3 1 
ATOM   1061 C  CZ2 . TRP A 1 148 ? -5.373  -13.530 4.545   1.00 53.55  ? 305 TRP A CZ2 1 
ATOM   1062 C  CZ3 . TRP A 1 148 ? -4.937  -12.255 2.529   1.00 48.58  ? 305 TRP A CZ3 1 
ATOM   1063 C  CH2 . TRP A 1 148 ? -5.561  -12.393 3.776   1.00 48.66  ? 305 TRP A CH2 1 
ATOM   1064 N  N   . LEU A 1 149 ? -3.730  -14.665 -1.091  1.00 42.00  ? 306 LEU A N   1 
ATOM   1065 C  CA  . LEU A 1 149 ? -4.656  -13.654 -1.654  1.00 44.14  ? 306 LEU A CA  1 
ATOM   1066 C  C   . LEU A 1 149 ? -5.711  -14.325 -2.531  1.00 54.64  ? 306 LEU A C   1 
ATOM   1067 O  O   . LEU A 1 149 ? -6.882  -13.890 -2.447  1.00 44.90  ? 306 LEU A O   1 
ATOM   1068 C  CB  . LEU A 1 149 ? -3.879  -12.616 -2.461  1.00 41.48  ? 306 LEU A CB  1 
ATOM   1069 C  CG  . LEU A 1 149 ? -2.989  -11.692 -1.623  1.00 47.97  ? 306 LEU A CG  1 
ATOM   1070 C  CD1 . LEU A 1 149 ? -1.976  -10.960 -2.486  1.00 45.71  ? 306 LEU A CD1 1 
ATOM   1071 C  CD2 . LEU A 1 149 ? -3.833  -10.699 -0.860  1.00 49.80  ? 306 LEU A CD2 1 
ATOM   1072 N  N   . VAL A 1 150 ? -5.328  -15.302 -3.369  1.00 54.92  ? 307 VAL A N   1 
ATOM   1073 C  CA  . VAL A 1 150 ? -6.304  -15.982 -4.271  1.00 47.94  ? 307 VAL A CA  1 
ATOM   1074 C  C   . VAL A 1 150 ? -7.287  -16.790 -3.409  1.00 46.30  ? 307 VAL A C   1 
ATOM   1075 O  O   . VAL A 1 150 ? -8.469  -16.692 -3.638  1.00 45.40  ? 307 VAL A O   1 
ATOM   1076 C  CB  . VAL A 1 150 ? -5.590  -16.850 -5.328  1.00 58.32  ? 307 VAL A CB  1 
ATOM   1077 C  CG1 . VAL A 1 150 ? -6.564  -17.752 -6.062  1.00 55.82  ? 307 VAL A CG1 1 
ATOM   1078 C  CG2 . VAL A 1 150 ? -4.808  -16.000 -6.320  1.00 47.78  ? 307 VAL A CG2 1 
ATOM   1079 N  N   . LYS A 1 151 ? -6.804  -17.555 -2.436  1.00 46.98  ? 308 LYS A N   1 
ATOM   1080 C  CA  . LYS A 1 151 ? -7.666  -18.210 -1.416  1.00 62.88  ? 308 LYS A CA  1 
ATOM   1081 C  C   . LYS A 1 151 ? -8.667  -17.217 -0.792  1.00 69.48  ? 308 LYS A C   1 
ATOM   1082 O  O   . LYS A 1 151 ? -9.834  -17.624 -0.610  1.00 66.88  ? 308 LYS A O   1 
ATOM   1083 C  CB  . LYS A 1 151 ? -6.832  -18.885 -0.325  1.00 66.47  ? 308 LYS A CB  1 
ATOM   1084 C  CG  . LYS A 1 151 ? -6.957  -20.401 -0.298  1.00 75.44  ? 308 LYS A CG  1 
ATOM   1085 C  CD  . LYS A 1 151 ? -5.824  -21.090 0.441   1.00 87.07  ? 308 LYS A CD  1 
ATOM   1086 C  CE  . LYS A 1 151 ? -4.760  -21.688 -0.465  1.00 94.25  ? 308 LYS A CE  1 
ATOM   1087 N  NZ  . LYS A 1 151 ? -3.390  -21.468 0.067   1.00 94.37  ? 308 LYS A NZ  1 
ATOM   1088 N  N   . GLN A 1 152 ? -8.262  -15.977 -0.465  1.00 63.59  ? 309 GLN A N   1 
ATOM   1089 C  CA  . GLN A 1 152 ? -9.133  -15.000 0.256   1.00 58.43  ? 309 GLN A CA  1 
ATOM   1090 C  C   . GLN A 1 152 ? -10.002 -14.234 -0.737  1.00 53.38  ? 309 GLN A C   1 
ATOM   1091 O  O   . GLN A 1 152 ? -10.601 -13.260 -0.323  1.00 62.85  ? 309 GLN A O   1 
ATOM   1092 C  CB  . GLN A 1 152 ? -8.316  -14.020 1.100   1.00 52.01  ? 309 GLN A CB  1 
ATOM   1093 C  CG  . GLN A 1 152 ? -7.387  -14.716 2.067   1.00 56.64  ? 309 GLN A CG  1 
ATOM   1094 C  CD  . GLN A 1 152 ? -8.128  -15.780 2.843   1.00 68.67  ? 309 GLN A CD  1 
ATOM   1095 O  OE1 . GLN A 1 152 ? -9.226  -15.539 3.336   1.00 78.42  ? 309 GLN A OE1 1 
ATOM   1096 N  NE2 . GLN A 1 152 ? -7.548  -16.968 2.939   1.00 66.95  ? 309 GLN A NE2 1 
ATOM   1097 N  N   . ARG A 1 153 ? -10.058 -14.656 -1.993  1.00 55.84  ? 310 ARG A N   1 
ATOM   1098 C  CA  . ARG A 1 153 ? -10.851 -13.996 -3.071  1.00 63.59  ? 310 ARG A CA  1 
ATOM   1099 C  C   . ARG A 1 153 ? -10.311 -12.587 -3.361  1.00 57.27  ? 310 ARG A C   1 
ATOM   1100 O  O   . ARG A 1 153 ? -11.078 -11.742 -3.892  1.00 58.86  ? 310 ARG A O   1 
ATOM   1101 C  CB  . ARG A 1 153 ? -12.343 -13.983 -2.713  1.00 74.01  ? 310 ARG A CB  1 
ATOM   1102 C  CG  . ARG A 1 153 ? -13.187 -15.051 -3.406  1.00 82.83  ? 310 ARG A CG  1 
ATOM   1103 C  CD  . ARG A 1 153 ? -14.397 -15.462 -2.572  1.00 88.20  ? 310 ARG A CD  1 
ATOM   1104 N  NE  . ARG A 1 153 ? -13.959 -15.597 -1.187  1.00 93.82  ? 310 ARG A NE  1 
ATOM   1105 C  CZ  . ARG A 1 153 ? -14.164 -14.701 -0.219  1.00 91.91  ? 310 ARG A CZ  1 
ATOM   1106 N  NH1 . ARG A 1 153 ? -14.855 -13.596 -0.453  1.00 86.51  ? 310 ARG A NH1 1 
ATOM   1107 N  NH2 . ARG A 1 153 ? -13.654 -14.918 0.983   1.00 89.19  ? 310 ARG A NH2 1 
ATOM   1108 N  N   . GLY A 1 154 ? -9.029  -12.344 -3.084  1.00 55.89  ? 311 GLY A N   1 
ATOM   1109 C  CA  . GLY A 1 154 ? -8.340  -11.084 -3.435  1.00 52.68  ? 311 GLY A CA  1 
ATOM   1110 C  C   . GLY A 1 154 ? -9.029  -9.861  -2.844  1.00 53.09  ? 311 GLY A C   1 
ATOM   1111 O  O   . GLY A 1 154 ? -9.311  -9.838  -1.627  1.00 44.41  ? 311 GLY A O   1 
ATOM   1112 N  N   . TRP A 1 155 ? -9.267  -8.848  -3.663  1.00 50.53  ? 312 TRP A N   1 
ATOM   1113 C  CA  . TRP A 1 155 ? -9.738  -7.544  -3.162  1.00 50.25  ? 312 TRP A CA  1 
ATOM   1114 C  C   . TRP A 1 155 ? -11.219 -7.626  -2.791  1.00 59.60  ? 312 TRP A C   1 
ATOM   1115 O  O   . TRP A 1 155 ? -11.624 -6.812  -1.940  1.00 59.65  ? 312 TRP A O   1 
ATOM   1116 C  CB  . TRP A 1 155 ? -9.412  -6.424  -4.145  1.00 55.17  ? 312 TRP A CB  1 
ATOM   1117 C  CG  . TRP A 1 155 ? -7.942  -6.158  -4.179  1.00 58.83  ? 312 TRP A CG  1 
ATOM   1118 C  CD1 . TRP A 1 155 ? -7.063  -6.546  -5.145  1.00 56.28  ? 312 TRP A CD1 1 
ATOM   1119 C  CD2 . TRP A 1 155 ? -7.169  -5.505  -3.157  1.00 52.98  ? 312 TRP A CD2 1 
ATOM   1120 N  NE1 . TRP A 1 155 ? -5.797  -6.162  -4.806  1.00 61.65  ? 312 TRP A NE1 1 
ATOM   1121 C  CE2 . TRP A 1 155 ? -5.826  -5.525  -3.591  1.00 59.73  ? 312 TRP A CE2 1 
ATOM   1122 C  CE3 . TRP A 1 155 ? -7.482  -4.886  -1.940  1.00 52.94  ? 312 TRP A CE3 1 
ATOM   1123 C  CZ2 . TRP A 1 155 ? -4.794  -4.946  -2.850  1.00 51.92  ? 312 TRP A CZ2 1 
ATOM   1124 C  CZ3 . TRP A 1 155 ? -6.462  -4.323  -1.197  1.00 51.17  ? 312 TRP A CZ3 1 
ATOM   1125 C  CH2 . TRP A 1 155 ? -5.138  -4.353  -1.654  1.00 51.32  ? 312 TRP A CH2 1 
ATOM   1126 N  N   . ASP A 1 156 ? -11.973 -8.588  -3.331  1.00 55.65  ? 313 ASP A N   1 
ATOM   1127 C  CA  . ASP A 1 156 ? -13.397 -8.776  -2.946  1.00 63.42  ? 313 ASP A CA  1 
ATOM   1128 C  C   . ASP A 1 156 ? -13.396 -9.261  -1.510  1.00 56.31  ? 313 ASP A C   1 
ATOM   1129 O  O   . ASP A 1 156 ? -14.136 -8.701  -0.724  1.00 61.42  ? 313 ASP A O   1 
ATOM   1130 C  CB  . ASP A 1 156 ? -14.193 -9.682  -3.899  1.00 62.27  ? 313 ASP A CB  1 
ATOM   1131 C  CG  . ASP A 1 156 ? -14.314 -9.090  -5.290  1.00 67.67  ? 313 ASP A CG  1 
ATOM   1132 O  OD1 . ASP A 1 156 ? -14.808 -7.948  -5.402  1.00 65.72  ? 313 ASP A OD1 1 
ATOM   1133 O  OD2 . ASP A 1 156 ? -13.849 -9.747  -6.248  1.00 86.97  ? 313 ASP A OD2 1 
ATOM   1134 N  N   . GLY A 1 157 ? -12.491 -10.169 -1.166  1.00 60.85  ? 314 GLY A N   1 
ATOM   1135 C  CA  . GLY A 1 157 ? -12.368 -10.665 0.220   1.00 66.32  ? 314 GLY A CA  1 
ATOM   1136 C  C   . GLY A 1 157 ? -11.953 -9.563  1.185   1.00 68.27  ? 314 GLY A C   1 
ATOM   1137 O  O   . GLY A 1 157 ? -12.394 -9.588  2.355   1.00 64.62  ? 314 GLY A O   1 
ATOM   1138 N  N   . PHE A 1 158 ? -11.098 -8.647  0.716   1.00 65.33  ? 315 PHE A N   1 
ATOM   1139 C  CA  . PHE A 1 158 ? -10.575 -7.504  1.502   1.00 62.38  ? 315 PHE A CA  1 
ATOM   1140 C  C   . PHE A 1 158 ? -11.764 -6.658  1.963   1.00 56.04  ? 315 PHE A C   1 
ATOM   1141 O  O   . PHE A 1 158 ? -11.950 -6.495  3.179   1.00 54.46  ? 315 PHE A O   1 
ATOM   1142 C  CB  . PHE A 1 158 ? -9.607  -6.691  0.651   1.00 57.71  ? 315 PHE A CB  1 
ATOM   1143 C  CG  . PHE A 1 158 ? -9.157  -5.411  1.295   1.00 52.07  ? 315 PHE A CG  1 
ATOM   1144 C  CD1 . PHE A 1 158 ? -8.265  -5.436  2.355   1.00 53.98  ? 315 PHE A CD1 1 
ATOM   1145 C  CD2 . PHE A 1 158 ? -9.613  -4.184  0.830   1.00 52.13  ? 315 PHE A CD2 1 
ATOM   1146 C  CE1 . PHE A 1 158 ? -7.828  -4.251  2.936   1.00 58.20  ? 315 PHE A CE1 1 
ATOM   1147 C  CE2 . PHE A 1 158 ? -9.164  -3.005  1.408   1.00 57.11  ? 315 PHE A CE2 1 
ATOM   1148 C  CZ  . PHE A 1 158 ? -8.284  -3.039  2.468   1.00 52.31  ? 315 PHE A CZ  1 
ATOM   1149 N  N   . VAL A 1 159 ? -12.569 -6.223  0.992   1.00 51.20  ? 316 VAL A N   1 
ATOM   1150 C  CA  . VAL A 1 159 ? -13.784 -5.384  1.184   1.00 67.59  ? 316 VAL A CA  1 
ATOM   1151 C  C   . VAL A 1 159 ? -14.751 -6.107  2.139   1.00 77.68  ? 316 VAL A C   1 
ATOM   1152 O  O   . VAL A 1 159 ? -15.220 -5.461  3.116   1.00 64.74  ? 316 VAL A O   1 
ATOM   1153 C  CB  . VAL A 1 159 ? -14.445 -5.055  -0.166  1.00 65.42  ? 316 VAL A CB  1 
ATOM   1154 C  CG1 . VAL A 1 159 ? -15.813 -4.408  0.026   1.00 71.30  ? 316 VAL A CG1 1 
ATOM   1155 C  CG2 . VAL A 1 159 ? -13.553 -4.163  -1.014  1.00 63.77  ? 316 VAL A CG2 1 
ATOM   1156 N  N   . GLU A 1 160 ? -15.025 -7.389  1.882   1.00 69.51  ? 317 GLU A N   1 
ATOM   1157 C  CA  . GLU A 1 160 ? -16.001 -8.194  2.660   1.00 74.31  ? 317 GLU A CA  1 
ATOM   1158 C  C   . GLU A 1 160 ? -15.470 -8.384  4.084   1.00 69.14  ? 317 GLU A C   1 
ATOM   1159 O  O   . GLU A 1 160 ? -16.292 -8.419  5.021   1.00 68.16  ? 317 GLU A O   1 
ATOM   1160 C  CB  . GLU A 1 160 ? -16.298 -9.530  1.964   1.00 70.47  ? 317 GLU A CB  1 
ATOM   1161 C  CG  . GLU A 1 160 ? -16.849 -9.340  0.556   0.75 74.09  ? 317 GLU A CG  1 
ATOM   1162 C  CD  . GLU A 1 160 ? -17.588 -10.530 -0.030  0.50 74.40  ? 317 GLU A CD  1 
ATOM   1163 O  OE1 . GLU A 1 160 ? -18.452 -11.104 0.664   0.50 81.45  ? 317 GLU A OE1 1 
ATOM   1164 O  OE2 . GLU A 1 160 ? -17.298 -10.881 -1.183  0.50 70.55  ? 317 GLU A OE2 1 
ATOM   1165 N  N   . PHE A 1 161 ? -14.153 -8.525  4.260   1.00 62.43  ? 318 PHE A N   1 
ATOM   1166 C  CA  . PHE A 1 161 ? -13.577 -8.765  5.608   1.00 58.53  ? 318 PHE A CA  1 
ATOM   1167 C  C   . PHE A 1 161 ? -13.822 -7.551  6.516   1.00 61.17  ? 318 PHE A C   1 
ATOM   1168 O  O   . PHE A 1 161 ? -13.997 -7.795  7.722   1.00 68.50  ? 318 PHE A O   1 
ATOM   1169 C  CB  . PHE A 1 161 ? -12.089 -9.088  5.516   1.00 59.16  ? 318 PHE A CB  1 
ATOM   1170 C  CG  . PHE A 1 161 ? -11.390 -9.297  6.836   1.00 59.51  ? 318 PHE A CG  1 
ATOM   1171 C  CD1 . PHE A 1 161 ? -11.492 -10.502 7.513   1.00 57.47  ? 318 PHE A CD1 1 
ATOM   1172 C  CD2 . PHE A 1 161 ? -10.588 -8.304  7.380   1.00 63.41  ? 318 PHE A CD2 1 
ATOM   1173 C  CE1 . PHE A 1 161 ? -10.814 -10.705 8.710   1.00 61.69  ? 318 PHE A CE1 1 
ATOM   1174 C  CE2 . PHE A 1 161 ? -9.928  -8.502  8.586   1.00 67.20  ? 318 PHE A CE2 1 
ATOM   1175 C  CZ  . PHE A 1 161 ? -10.047 -9.703  9.253   1.00 64.06  ? 318 PHE A CZ  1 
ATOM   1176 N  N   . PHE A 1 162 ? -13.746 -6.326  5.967   1.00 65.81  ? 319 PHE A N   1 
ATOM   1177 C  CA  . PHE A 1 162 ? -13.732 -5.023  6.693   1.00 72.17  ? 319 PHE A CA  1 
ATOM   1178 C  C   . PHE A 1 162 ? -15.082 -4.297  6.581   1.00 73.12  ? 319 PHE A C   1 
ATOM   1179 O  O   . PHE A 1 162 ? -15.278 -3.382  7.381   1.00 85.73  ? 319 PHE A O   1 
ATOM   1180 C  CB  . PHE A 1 162 ? -12.631 -4.079  6.172   1.00 67.66  ? 319 PHE A CB  1 
ATOM   1181 C  CG  . PHE A 1 162 ? -11.227 -4.375  6.646   1.00 67.24  ? 319 PHE A CG  1 
ATOM   1182 C  CD1 . PHE A 1 162 ? -10.920 -4.401  8.002   1.00 66.74  ? 319 PHE A CD1 1 
ATOM   1183 C  CD2 . PHE A 1 162 ? -10.208 -4.644  5.739   1.00 61.12  ? 319 PHE A CD2 1 
ATOM   1184 C  CE1 . PHE A 1 162 ? -9.637  -4.692  8.441   1.00 58.03  ? 319 PHE A CE1 1 
ATOM   1185 C  CE2 . PHE A 1 162 ? -8.924  -4.930  6.179   1.00 58.87  ? 319 PHE A CE2 1 
ATOM   1186 C  CZ  . PHE A 1 162 ? -8.641  -4.953  7.523   1.00 59.93  ? 319 PHE A CZ  1 
ATOM   1187 N  N   . HIS A 1 163 ? -15.970 -4.627  5.639   1.00 79.08  ? 320 HIS A N   1 
ATOM   1188 C  CA  . HIS A 1 163 ? -17.335 -4.025  5.609   1.00 94.02  ? 320 HIS A CA  1 
ATOM   1189 C  C   . HIS A 1 163 ? -18.047 -4.356  6.920   1.00 99.24  ? 320 HIS A C   1 
ATOM   1190 O  O   . HIS A 1 163 ? -18.365 -5.515  7.168   1.00 93.87  ? 320 HIS A O   1 
ATOM   1191 C  CB  . HIS A 1 163 ? -18.190 -4.466  4.411   1.00 103.02 ? 320 HIS A CB  1 
ATOM   1192 C  CG  . HIS A 1 163 ? -18.248 -3.450  3.316   1.00 115.85 ? 320 HIS A CG  1 
ATOM   1193 N  ND1 . HIS A 1 163 ? -18.200 -2.083  3.566   1.00 117.30 ? 320 HIS A ND1 1 
ATOM   1194 C  CD2 . HIS A 1 163 ? -18.371 -3.585  1.974   1.00 114.10 ? 320 HIS A CD2 1 
ATOM   1195 C  CE1 . HIS A 1 163 ? -18.261 -1.427  2.423   1.00 114.48 ? 320 HIS A CE1 1 
ATOM   1196 N  NE2 . HIS A 1 163 ? -18.364 -2.327  1.427   1.00 112.77 ? 320 HIS A NE2 1 
HETATM 1197 C  C4  . JL5 B 2 .   ? 4.099   -4.462  9.950   1.00 46.45  ? 401 JL5 A C4  1 
HETATM 1198 C  C8  . JL5 B 2 .   ? 4.979   -3.757  9.138   1.00 50.06  ? 401 JL5 A C8  1 
HETATM 1199 N  N3  . JL5 B 2 .   ? 3.946   -4.722  7.255   1.00 47.38  ? 401 JL5 A N3  1 
HETATM 1200 C  C2  . JL5 B 2 .   ? 3.103   -5.362  8.075   1.00 47.67  ? 401 JL5 A C2  1 
HETATM 1201 N  N1  . JL5 B 2 .   ? 3.185   -5.260  9.401   1.00 47.05  ? 401 JL5 A N1  1 
HETATM 1202 C  C6  . JL5 B 2 .   ? 6.662   -2.379  8.389   1.00 56.38  ? 401 JL5 A C6  1 
HETATM 1203 C  C12 . JL5 B 2 .   ? 3.202   -5.093  12.056  1.00 50.07  ? 401 JL5 A C12 1 
HETATM 1204 C  C13 . JL5 B 2 .   ? 3.212   -4.567  13.467  1.00 47.85  ? 401 JL5 A C13 1 
HETATM 1205 C  C14 . JL5 B 2 .   ? 3.567   -6.586  11.998  1.00 49.45  ? 401 JL5 A C14 1 
HETATM 1206 C  C7  . JL5 B 2 .   ? 6.004   -2.884  9.489   1.00 50.86  ? 401 JL5 A C7  1 
HETATM 1207 C  C9  . JL5 B 2 .   ? 4.882   -3.916  7.768   1.00 46.20  ? 401 JL5 A C9  1 
HETATM 1208 C  C10 . JL5 B 2 .   ? 7.835   -1.399  8.455   1.00 58.53  ? 401 JL5 A C10 1 
HETATM 1209 C  C34 . JL5 B 2 .   ? 9.315   -4.828  12.961  1.00 67.05  ? 401 JL5 A C34 1 
HETATM 1210 C  C35 . JL5 B 2 .   ? 9.991   -5.823  13.944  1.00 68.69  ? 401 JL5 A C35 1 
HETATM 1211 N  N36 . JL5 B 2 .   ? 8.966   -6.584  14.650  1.00 78.15  ? 401 JL5 A N36 1 
HETATM 1212 C  C39 . JL5 B 2 .   ? 9.579   -7.663  15.432  1.00 77.20  ? 401 JL5 A C39 1 
HETATM 1213 C  C37 . JL5 B 2 .   ? 8.271   -5.677  15.548  1.00 72.29  ? 401 JL5 A C37 1 
HETATM 1214 C  C38 . JL5 B 2 .   ? 7.363   -4.776  14.744  1.00 62.85  ? 401 JL5 A C38 1 
HETATM 1215 N  N32 . JL5 B 2 .   ? 8.110   -4.135  13.600  1.00 68.31  ? 401 JL5 A N32 1 
HETATM 1216 C  C26 . JL5 B 2 .   ? 7.497   -3.082  12.912  1.00 64.93  ? 401 JL5 A C26 1 
HETATM 1217 C  C28 . JL5 B 2 .   ? 7.038   -3.389  11.633  1.00 59.66  ? 401 JL5 A C28 1 
HETATM 1218 C  C25 . JL5 B 2 .   ? 7.271   -1.808  13.416  1.00 60.51  ? 401 JL5 A C25 1 
HETATM 1219 O  O30 . JL5 B 2 .   ? 7.641   -1.412  14.625  1.00 63.33  ? 401 JL5 A O30 1 
HETATM 1220 C  C27 . JL5 B 2 .   ? 6.624   -0.878  12.638  1.00 63.25  ? 401 JL5 A C27 1 
HETATM 1221 CL CL  . JL5 B 2 .   ? 6.408   0.688   13.328  1.00 57.68  ? 401 JL5 A CL  1 
HETATM 1222 C  C24 . JL5 B 2 .   ? 6.194   -1.184  11.344  1.00 50.16  ? 401 JL5 A C24 1 
HETATM 1223 C  C29 . JL5 B 2 .   ? 5.503   -0.125  10.501  1.00 48.56  ? 401 JL5 A C29 1 
HETATM 1224 C  C23 . JL5 B 2 .   ? 6.410   -2.469  10.846  1.00 50.70  ? 401 JL5 A C23 1 
HETATM 1225 C  C22 . JL5 B 2 .   ? 8.588   -1.472  7.139   1.00 62.64  ? 401 JL5 A C22 1 
HETATM 1226 S  S5  . JL5 B 2 .   ? 6.042   -2.991  6.934   1.00 50.95  ? 401 JL5 A S5  1 
HETATM 1227 O  O11 . JL5 B 2 .   ? 4.135   -4.298  11.288  1.00 50.06  ? 401 JL5 A O11 1 
HETATM 1228 O  O16 . JL5 B 2 .   ? 4.681   -6.860  11.616  1.00 52.05  ? 401 JL5 A O16 1 
HETATM 1229 O  O15 . JL5 B 2 .   ? 2.762   -7.478  12.272  1.00 51.65  ? 401 JL5 A O15 1 
HETATM 1230 C  C17 . JL5 B 2 .   ? 2.606   -3.153  13.545  1.00 49.97  ? 401 JL5 A C17 1 
HETATM 1231 C  C18 . JL5 B 2 .   ? 3.438   -2.066  13.654  1.00 48.25  ? 401 JL5 A C18 1 
HETATM 1232 C  C21 . JL5 B 2 .   ? 2.884   -0.804  13.752  1.00 50.16  ? 401 JL5 A C21 1 
HETATM 1233 C  C19 . JL5 B 2 .   ? 1.517   -0.600  13.692  1.00 52.29  ? 401 JL5 A C19 1 
HETATM 1234 C  C20 . JL5 B 2 .   ? 0.664   -1.686  13.560  1.00 54.54  ? 401 JL5 A C20 1 
HETATM 1235 C  C33 . JL5 B 2 .   ? 1.224   -2.956  13.507  1.00 57.00  ? 401 JL5 A C33 1 
HETATM 1236 O  O   . HOH C 3 .   ? -7.670  0.854   10.832  1.00 55.35  ? 501 HOH A O   1 
HETATM 1237 O  O   . HOH C 3 .   ? -10.051 -2.355  -11.138 1.00 73.54  ? 502 HOH A O   1 
HETATM 1238 O  O   . HOH C 3 .   ? -8.976  -9.018  -6.539  1.00 54.32  ? 503 HOH A O   1 
HETATM 1239 O  O   . HOH C 3 .   ? -2.945  -19.403 -6.348  1.00 56.07  ? 504 HOH A O   1 
HETATM 1240 O  O   . HOH C 3 .   ? -15.100 -2.617  3.211   1.00 62.09  ? 505 HOH A O   1 
HETATM 1241 O  O   . HOH C 3 .   ? 1.045   -10.647 6.471   1.00 83.83  ? 506 HOH A O   1 
HETATM 1242 O  O   . HOH C 3 .   ? -8.188  17.099  0.321   1.00 64.84  ? 507 HOH A O   1 
HETATM 1243 O  O   . HOH C 3 .   ? 2.832   -13.823 -7.590  1.00 53.47  ? 508 HOH A O   1 
HETATM 1244 O  O   . HOH C 3 .   ? 3.263   -9.899  13.142  1.00 48.93  ? 509 HOH A O   1 
HETATM 1245 O  O   . HOH C 3 .   ? -4.454  -20.138 -3.675  1.00 56.16  ? 510 HOH A O   1 
HETATM 1246 O  O   . HOH C 3 .   ? -4.794  9.046   9.226   1.00 57.91  ? 511 HOH A O   1 
HETATM 1247 O  O   . HOH C 3 .   ? -4.872  8.767   -6.292  1.00 57.13  ? 512 HOH A O   1 
HETATM 1248 O  O   . HOH C 3 .   ? 13.528  20.770  -3.209  1.00 56.49  ? 513 HOH A O   1 
HETATM 1249 O  O   . HOH C 3 .   ? -4.080  -12.488 -11.339 1.00 46.76  ? 514 HOH A O   1 
HETATM 1250 O  O   . HOH C 3 .   ? 13.405  6.562   15.472  1.00 72.65  ? 515 HOH A O   1 
HETATM 1251 O  O   . HOH C 3 .   ? -10.695 -12.665 2.720   1.00 60.57  ? 516 HOH A O   1 
HETATM 1252 O  O   . HOH C 3 .   ? -4.572  9.442   6.744   1.00 57.69  ? 517 HOH A O   1 
HETATM 1253 O  O   . HOH C 3 .   ? -9.177  6.968   -7.466  1.00 72.09  ? 518 HOH A O   1 
HETATM 1254 O  O   . HOH C 3 .   ? 3.169   -5.503  -21.144 1.00 81.66  ? 519 HOH A O   1 
HETATM 1255 O  O   . HOH C 3 .   ? 4.416   10.895  7.378   1.00 55.74  ? 520 HOH A O   1 
HETATM 1256 O  O   . HOH C 3 .   ? -8.593  3.514   18.122  1.00 57.32  ? 521 HOH A O   1 
HETATM 1257 O  O   . HOH C 3 .   ? -5.535  0.136   15.466  1.00 68.95  ? 522 HOH A O   1 
HETATM 1258 O  O   . HOH C 3 .   ? 4.596   11.424  14.837  1.00 76.14  ? 523 HOH A O   1 
HETATM 1259 O  O   . HOH C 3 .   ? 4.977   13.628  6.425   1.00 71.81  ? 524 HOH A O   1 
HETATM 1260 O  O   . HOH C 3 .   ? 11.119  -14.622 -2.863  1.00 74.62  ? 525 HOH A O   1 
HETATM 1261 O  O   . HOH C 3 .   ? -3.988  -2.979  14.450  0.50 78.46  ? 526 HOH A O   1 
HETATM 1262 O  O   . HOH C 3 .   ? -7.310  -21.004 -4.789  1.00 87.92  ? 527 HOH A O   1 
HETATM 1263 O  O   . HOH C 3 .   ? -6.349  -3.677  11.788  1.00 79.46  ? 528 HOH A O   1 
# 
